data_2L75
#
_entry.id   2L75
#
_cell.length_a   1.000
_cell.length_b   1.000
_cell.length_c   1.000
_cell.angle_alpha   90.00
_cell.angle_beta   90.00
_cell.angle_gamma   90.00
#
_symmetry.space_group_name_H-M   'P 1'
#
loop_
_entity.id
_entity.type
_entity.pdbx_description
1 polymer 'Chromodomain-helicase-DNA-binding protein 4'
2 polymer '14-meric peptide from 1Histone H3.1'
3 non-polymer 'ZINC ION'
#
loop_
_entity_poly.entity_id
_entity_poly.type
_entity_poly.pdbx_seq_one_letter_code
_entity_poly.pdbx_strand_id
1 'polypeptide(L)' GPLGSDHHMEFCRVCKDGGELLCCDTCPSSYHIHCLNPPLPEIPNGEWLCPRCTCPALKGK A
2 'polypeptide(L)' ARTKQTAR(M3L)STGGY B
#
# COMPACT_ATOMS: atom_id res chain seq x y z
N ASP A 6 7.78 -12.12 4.94
CA ASP A 6 6.75 -11.10 4.80
C ASP A 6 5.57 -11.63 3.99
N HIS A 7 4.40 -11.00 4.13
CA HIS A 7 3.21 -11.48 3.45
C HIS A 7 2.53 -10.37 2.64
N HIS A 8 3.30 -9.70 1.80
CA HIS A 8 2.72 -8.81 0.79
C HIS A 8 3.76 -8.53 -0.29
N MET A 9 3.33 -7.93 -1.41
CA MET A 9 4.20 -7.75 -2.58
C MET A 9 5.50 -7.05 -2.19
N GLU A 10 6.52 -7.27 -3.00
CA GLU A 10 7.85 -6.71 -2.73
C GLU A 10 8.12 -5.49 -3.61
N PHE A 11 7.04 -4.84 -4.03
CA PHE A 11 7.12 -3.59 -4.77
C PHE A 11 5.73 -2.98 -4.93
N CYS A 12 5.71 -1.66 -5.04
CA CYS A 12 4.50 -0.87 -5.24
C CYS A 12 3.78 -1.33 -6.49
N ARG A 13 2.55 -1.80 -6.30
CA ARG A 13 1.73 -2.29 -7.40
C ARG A 13 1.62 -1.26 -8.52
N VAL A 14 1.71 0.01 -8.15
CA VAL A 14 1.67 1.10 -9.12
C VAL A 14 2.98 1.20 -9.90
N CYS A 15 4.09 1.27 -9.19
CA CYS A 15 5.40 1.54 -9.81
C CYS A 15 6.18 0.28 -10.18
N LYS A 16 5.87 -0.82 -9.50
CA LYS A 16 6.69 -2.04 -9.51
C LYS A 16 8.04 -1.75 -8.86
N ASP A 17 8.06 -0.67 -8.09
CA ASP A 17 9.24 -0.19 -7.36
C ASP A 17 9.15 -0.66 -5.91
N GLY A 18 10.26 -1.12 -5.33
CA GLY A 18 10.17 -1.80 -4.06
C GLY A 18 10.64 -0.91 -2.95
N GLY A 19 10.13 0.30 -2.94
CA GLY A 19 10.50 1.24 -1.92
C GLY A 19 9.83 0.95 -0.61
N GLU A 20 9.54 1.99 0.12
CA GLU A 20 8.75 1.87 1.33
C GLU A 20 7.29 1.66 0.97
N LEU A 21 6.83 0.43 1.15
CA LEU A 21 5.53 0.02 0.68
C LEU A 21 4.56 -0.15 1.83
N LEU A 22 3.45 0.55 1.72
CA LEU A 22 2.43 0.56 2.73
C LEU A 22 1.74 -0.80 2.76
N CYS A 23 2.00 -1.54 3.82
CA CYS A 23 1.47 -2.88 3.93
C CYS A 23 0.01 -2.81 4.33
N CYS A 24 -0.86 -2.94 3.33
CA CYS A 24 -2.30 -2.96 3.56
C CYS A 24 -2.64 -3.94 4.68
N ASP A 25 -3.33 -3.45 5.69
CA ASP A 25 -3.61 -4.22 6.90
C ASP A 25 -4.50 -5.43 6.61
N THR A 26 -5.28 -5.37 5.55
CA THR A 26 -6.25 -6.43 5.26
C THR A 26 -5.83 -7.34 4.11
N CYS A 27 -4.84 -6.93 3.30
CA CYS A 27 -4.48 -7.70 2.13
C CYS A 27 -3.02 -7.46 1.74
N PRO A 28 -2.42 -8.40 0.99
CA PRO A 28 -1.00 -8.32 0.61
C PRO A 28 -0.70 -7.35 -0.54
N SER A 29 -1.35 -6.20 -0.55
CA SER A 29 -1.09 -5.18 -1.55
C SER A 29 -0.02 -4.22 -1.05
N SER A 30 0.82 -3.75 -1.97
CA SER A 30 1.91 -2.87 -1.63
C SER A 30 1.90 -1.63 -2.50
N TYR A 31 1.98 -0.47 -1.85
CA TYR A 31 1.92 0.81 -2.54
C TYR A 31 2.89 1.79 -1.89
N HIS A 32 3.28 2.82 -2.62
CA HIS A 32 3.99 3.93 -1.99
C HIS A 32 2.93 4.90 -1.48
N ILE A 33 3.22 5.58 -0.38
CA ILE A 33 2.29 6.56 0.19
C ILE A 33 1.93 7.68 -0.78
N HIS A 34 2.70 7.81 -1.86
CA HIS A 34 2.43 8.83 -2.87
C HIS A 34 1.72 8.24 -4.08
N CYS A 35 1.51 6.93 -4.08
CA CYS A 35 0.85 6.28 -5.22
C CYS A 35 -0.55 5.88 -4.82
N LEU A 36 -1.04 6.58 -3.81
CA LEU A 36 -2.40 6.44 -3.36
C LEU A 36 -3.26 7.58 -3.91
N ASN A 37 -4.44 7.75 -3.37
CA ASN A 37 -5.30 8.84 -3.80
C ASN A 37 -4.89 10.13 -3.10
N PRO A 38 -4.90 10.15 -1.75
CA PRO A 38 -4.33 11.23 -0.99
C PRO A 38 -2.89 10.92 -0.59
N PRO A 39 -1.90 11.52 -1.25
CA PRO A 39 -0.49 11.26 -0.98
C PRO A 39 -0.10 11.60 0.45
N LEU A 40 0.59 10.67 1.08
CA LEU A 40 1.00 10.81 2.47
C LEU A 40 2.47 11.20 2.57
N PRO A 41 2.81 12.13 3.47
CA PRO A 41 4.20 12.53 3.71
C PRO A 41 4.96 11.47 4.50
N GLU A 42 4.21 10.54 5.08
CA GLU A 42 4.79 9.46 5.86
C GLU A 42 3.75 8.36 6.05
N ILE A 43 4.22 7.18 6.40
CA ILE A 43 3.38 6.03 6.62
C ILE A 43 2.34 6.29 7.72
N PRO A 44 1.06 5.95 7.45
CA PRO A 44 -0.07 6.27 8.35
C PRO A 44 -0.01 5.58 9.71
N ASN A 45 -0.68 6.19 10.66
CA ASN A 45 -0.81 5.62 12.00
C ASN A 45 -2.15 4.91 12.12
N GLY A 46 -2.12 3.62 12.43
CA GLY A 46 -3.34 2.87 12.55
C GLY A 46 -3.58 1.91 11.39
N GLU A 47 -4.84 1.61 11.14
CA GLU A 47 -5.24 0.63 10.15
C GLU A 47 -5.34 1.29 8.78
N TRP A 48 -4.35 1.05 7.94
CA TRP A 48 -4.38 1.59 6.60
C TRP A 48 -4.82 0.52 5.62
N LEU A 49 -5.73 0.89 4.74
CA LEU A 49 -6.21 -0.01 3.71
C LEU A 49 -5.87 0.53 2.34
N CYS A 50 -5.54 -0.37 1.45
CA CYS A 50 -5.23 -0.01 0.07
C CYS A 50 -6.51 0.42 -0.64
N PRO A 51 -6.42 1.11 -1.80
CA PRO A 51 -7.61 1.55 -2.55
C PRO A 51 -8.57 0.39 -2.86
N ARG A 52 -8.02 -0.81 -2.99
CA ARG A 52 -8.79 -2.00 -3.30
C ARG A 52 -9.69 -2.38 -2.13
N CYS A 53 -9.20 -2.13 -0.93
CA CYS A 53 -9.93 -2.47 0.28
C CYS A 53 -10.83 -1.34 0.75
N THR A 54 -10.63 -0.14 0.22
CA THR A 54 -11.34 1.04 0.71
C THR A 54 -12.69 1.25 0.01
N CYS A 55 -13.14 0.27 -0.75
CA CYS A 55 -14.43 0.36 -1.41
C CYS A 55 -15.49 -0.33 -0.56
N PRO A 56 -16.36 0.45 0.10
CA PRO A 56 -17.40 -0.10 0.98
C PRO A 56 -18.59 -0.64 0.20
N ALA A 57 -18.84 -0.05 -0.97
CA ALA A 57 -19.95 -0.47 -1.80
C ALA A 57 -19.48 -1.40 -2.90
N LEU A 58 -19.73 -2.69 -2.73
CA LEU A 58 -19.37 -3.66 -3.74
C LEU A 58 -20.28 -3.51 -4.94
N LYS A 59 -19.70 -3.07 -6.05
CA LYS A 59 -20.46 -2.77 -7.25
C LYS A 59 -20.82 -4.05 -8.00
N GLY A 60 -21.72 -4.83 -7.42
CA GLY A 60 -22.16 -6.07 -8.04
C GLY A 60 -22.98 -5.82 -9.30
N LYS A 61 -23.51 -4.61 -9.42
CA LYS A 61 -24.24 -4.20 -10.60
C LYS A 61 -23.69 -2.87 -11.10
N ALA B 1 0.03 1.77 10.54
CA ALA B 1 0.07 1.20 9.18
C ALA B 1 1.49 0.77 8.84
N ARG B 2 1.62 -0.45 8.34
CA ARG B 2 2.94 -1.07 8.14
C ARG B 2 3.58 -0.64 6.83
N THR B 3 4.90 -0.76 6.75
CA THR B 3 5.61 -0.47 5.51
C THR B 3 6.78 -1.44 5.33
N LYS B 4 7.01 -1.86 4.08
CA LYS B 4 8.19 -2.66 3.75
C LYS B 4 9.17 -1.80 2.99
N GLN B 5 10.40 -2.26 2.93
CA GLN B 5 11.43 -1.62 2.12
C GLN B 5 12.26 -2.71 1.47
N THR B 6 12.18 -2.82 0.16
CA THR B 6 12.76 -3.96 -0.53
C THR B 6 13.69 -3.55 -1.69
N ALA B 7 13.17 -3.53 -2.91
CA ALA B 7 14.00 -3.22 -4.08
C ALA B 7 13.38 -2.10 -4.91
N ARG B 8 13.55 -0.87 -4.46
CA ARG B 8 13.06 0.27 -5.21
C ARG B 8 14.05 0.61 -6.32
N SER B 10 16.06 2.57 -7.62
CA SER B 10 17.10 3.58 -7.56
C SER B 10 18.33 3.11 -8.35
N THR B 11 18.58 1.81 -8.28
CA THR B 11 19.66 1.19 -9.01
C THR B 11 19.11 0.31 -10.13
N ASP A 6 7.35 -10.95 2.29
CA ASP A 6 6.66 -11.18 3.56
C ASP A 6 5.34 -11.89 3.31
N HIS A 7 4.62 -11.37 2.32
CA HIS A 7 3.28 -11.81 1.96
C HIS A 7 2.71 -10.76 1.04
N HIS A 8 3.05 -9.51 1.31
CA HIS A 8 2.70 -8.40 0.45
C HIS A 8 3.60 -8.39 -0.77
N MET A 9 3.18 -7.72 -1.83
CA MET A 9 4.00 -7.61 -3.01
C MET A 9 5.31 -6.91 -2.68
N GLU A 10 6.39 -7.37 -3.28
CA GLU A 10 7.72 -6.83 -3.00
C GLU A 10 7.99 -5.58 -3.84
N PHE A 11 6.92 -4.90 -4.21
CA PHE A 11 7.02 -3.62 -4.91
C PHE A 11 5.65 -2.98 -5.05
N CYS A 12 5.66 -1.66 -5.10
CA CYS A 12 4.48 -0.83 -5.30
C CYS A 12 3.75 -1.28 -6.56
N ARG A 13 2.50 -1.67 -6.40
CA ARG A 13 1.67 -2.12 -7.52
C ARG A 13 1.62 -1.08 -8.63
N VAL A 14 1.79 0.18 -8.25
CA VAL A 14 1.79 1.28 -9.20
C VAL A 14 3.13 1.38 -9.95
N CYS A 15 4.22 1.45 -9.20
CA CYS A 15 5.54 1.73 -9.79
C CYS A 15 6.37 0.49 -10.07
N LYS A 16 6.05 -0.59 -9.37
CA LYS A 16 6.83 -1.83 -9.40
C LYS A 16 8.19 -1.65 -8.73
N ASP A 17 8.34 -0.54 -8.02
CA ASP A 17 9.50 -0.27 -7.16
C ASP A 17 9.25 -0.84 -5.77
N GLY A 18 10.27 -1.40 -5.15
CA GLY A 18 10.08 -2.02 -3.86
C GLY A 18 10.56 -1.15 -2.76
N GLY A 19 10.08 0.07 -2.76
CA GLY A 19 10.52 1.03 -1.76
C GLY A 19 9.79 0.85 -0.47
N GLU A 20 9.53 1.94 0.20
CA GLU A 20 8.72 1.93 1.38
C GLU A 20 7.26 1.73 0.97
N LEU A 21 6.79 0.52 1.19
CA LEU A 21 5.49 0.10 0.69
C LEU A 21 4.49 -0.04 1.81
N LEU A 22 3.34 0.56 1.62
CA LEU A 22 2.32 0.61 2.62
C LEU A 22 1.68 -0.76 2.73
N CYS A 23 2.04 -1.44 3.80
CA CYS A 23 1.65 -2.81 4.02
C CYS A 23 0.18 -2.88 4.42
N CYS A 24 -0.70 -2.97 3.40
CA CYS A 24 -2.14 -3.00 3.63
C CYS A 24 -2.48 -4.03 4.70
N ASP A 25 -3.04 -3.55 5.80
CA ASP A 25 -3.25 -4.38 6.97
C ASP A 25 -4.14 -5.59 6.70
N THR A 26 -5.00 -5.53 5.68
CA THR A 26 -5.94 -6.62 5.43
C THR A 26 -5.59 -7.46 4.20
N CYS A 27 -4.66 -7.01 3.37
CA CYS A 27 -4.35 -7.73 2.14
C CYS A 27 -2.91 -7.47 1.68
N PRO A 28 -2.36 -8.35 0.82
CA PRO A 28 -0.95 -8.29 0.41
C PRO A 28 -0.66 -7.26 -0.70
N SER A 29 -1.33 -6.12 -0.65
CA SER A 29 -1.09 -5.05 -1.61
C SER A 29 -0.03 -4.10 -1.08
N SER A 30 0.89 -3.70 -1.94
CA SER A 30 1.95 -2.80 -1.54
C SER A 30 2.00 -1.59 -2.45
N TYR A 31 2.03 -0.42 -1.83
CA TYR A 31 2.01 0.86 -2.55
C TYR A 31 2.99 1.82 -1.92
N HIS A 32 3.36 2.87 -2.63
CA HIS A 32 4.05 3.98 -1.99
C HIS A 32 2.99 4.94 -1.50
N ILE A 33 3.25 5.66 -0.42
CA ILE A 33 2.29 6.63 0.12
C ILE A 33 1.98 7.73 -0.89
N HIS A 34 2.84 7.84 -1.90
CA HIS A 34 2.70 8.84 -2.96
C HIS A 34 1.82 8.33 -4.09
N CYS A 35 1.55 7.03 -4.11
CA CYS A 35 0.85 6.39 -5.23
C CYS A 35 -0.54 5.97 -4.82
N LEU A 36 -1.04 6.64 -3.80
CA LEU A 36 -2.39 6.44 -3.33
C LEU A 36 -3.28 7.55 -3.84
N ASN A 37 -4.50 7.64 -3.34
CA ASN A 37 -5.40 8.70 -3.75
C ASN A 37 -5.06 9.99 -3.04
N PRO A 38 -5.03 9.99 -1.70
CA PRO A 38 -4.46 11.07 -0.94
C PRO A 38 -3.02 10.75 -0.54
N PRO A 39 -2.02 11.33 -1.23
CA PRO A 39 -0.61 11.06 -0.94
C PRO A 39 -0.22 11.44 0.48
N LEU A 40 0.40 10.50 1.16
CA LEU A 40 0.87 10.74 2.53
C LEU A 40 2.29 11.30 2.51
N PRO A 41 2.57 12.26 3.40
CA PRO A 41 3.94 12.76 3.60
C PRO A 41 4.76 11.78 4.44
N GLU A 42 4.07 10.81 5.01
CA GLU A 42 4.69 9.74 5.78
C GLU A 42 3.67 8.61 5.96
N ILE A 43 4.18 7.42 6.25
CA ILE A 43 3.36 6.25 6.47
C ILE A 43 2.30 6.50 7.55
N PRO A 44 1.04 6.12 7.26
CA PRO A 44 -0.10 6.41 8.14
C PRO A 44 -0.04 5.73 9.51
N ASN A 45 -0.62 6.38 10.50
CA ASN A 45 -0.75 5.80 11.84
C ASN A 45 -2.14 5.16 11.95
N GLY A 46 -2.18 3.95 12.47
CA GLY A 46 -3.45 3.23 12.56
C GLY A 46 -3.51 2.09 11.59
N GLU A 47 -4.70 1.71 11.19
CA GLU A 47 -4.91 0.62 10.26
C GLU A 47 -5.19 1.16 8.87
N TRP A 48 -4.23 1.01 7.97
CA TRP A 48 -4.36 1.56 6.64
C TRP A 48 -4.77 0.48 5.65
N LEU A 49 -5.66 0.84 4.75
CA LEU A 49 -6.10 -0.09 3.73
C LEU A 49 -5.82 0.48 2.35
N CYS A 50 -5.50 -0.41 1.42
CA CYS A 50 -5.20 -0.02 0.05
C CYS A 50 -6.48 0.41 -0.66
N PRO A 51 -6.38 1.08 -1.83
CA PRO A 51 -7.56 1.52 -2.59
C PRO A 51 -8.57 0.39 -2.90
N ARG A 52 -8.10 -0.85 -2.88
CA ARG A 52 -8.95 -1.99 -3.10
C ARG A 52 -9.80 -2.28 -1.87
N CYS A 53 -9.18 -2.12 -0.70
CA CYS A 53 -9.83 -2.44 0.56
C CYS A 53 -10.61 -1.25 1.09
N THR A 54 -10.35 -0.07 0.54
CA THR A 54 -11.03 1.14 0.96
C THR A 54 -12.39 1.28 0.28
N CYS A 55 -12.71 0.32 -0.56
CA CYS A 55 -13.99 0.30 -1.26
C CYS A 55 -15.02 -0.49 -0.46
N PRO A 56 -16.18 0.13 -0.18
CA PRO A 56 -17.23 -0.47 0.65
C PRO A 56 -17.89 -1.70 0.00
N ALA A 57 -17.55 -1.95 -1.25
CA ALA A 57 -18.08 -3.10 -1.97
C ALA A 57 -17.40 -4.40 -1.53
N LEU A 58 -17.67 -4.81 -0.30
CA LEU A 58 -17.11 -6.04 0.22
C LEU A 58 -17.92 -7.24 -0.28
N LYS A 59 -17.30 -8.06 -1.10
CA LYS A 59 -17.96 -9.25 -1.63
C LYS A 59 -17.97 -10.38 -0.61
N GLY A 60 -17.09 -10.28 0.38
CA GLY A 60 -17.00 -11.28 1.41
C GLY A 60 -15.57 -11.60 1.76
N LYS A 61 -15.14 -12.81 1.42
CA LYS A 61 -13.77 -13.22 1.67
C LYS A 61 -12.98 -13.15 0.37
N ALA B 1 -0.23 0.97 10.07
CA ALA B 1 -0.46 0.96 8.62
C ALA B 1 0.64 0.17 7.94
N ARG B 2 1.82 0.12 8.59
CA ARG B 2 2.90 -0.79 8.21
C ARG B 2 3.54 -0.41 6.87
N THR B 3 4.85 -0.52 6.80
CA THR B 3 5.54 -0.29 5.54
C THR B 3 6.64 -1.32 5.32
N LYS B 4 6.87 -1.64 4.07
CA LYS B 4 7.94 -2.53 3.65
C LYS B 4 9.04 -1.69 3.05
N GLN B 5 10.20 -2.27 2.86
CA GLN B 5 11.31 -1.60 2.20
C GLN B 5 12.21 -2.63 1.55
N THR B 6 11.80 -3.09 0.36
CA THR B 6 12.47 -4.21 -0.30
C THR B 6 13.40 -3.74 -1.43
N ALA B 7 13.03 -3.95 -2.70
CA ALA B 7 13.90 -3.60 -3.82
C ALA B 7 13.30 -2.48 -4.68
N ARG B 8 13.53 -1.24 -4.30
CA ARG B 8 13.04 -0.09 -5.05
C ARG B 8 14.05 0.30 -6.13
N SER B 10 13.63 3.24 -8.15
CA SER B 10 13.75 4.69 -8.11
C SER B 10 14.40 5.17 -6.81
N THR B 11 15.70 4.95 -6.68
CA THR B 11 16.46 5.50 -5.57
C THR B 11 16.89 6.93 -5.91
N ASP A 6 1.12 -15.22 -0.40
CA ASP A 6 0.12 -14.37 0.26
C ASP A 6 0.80 -13.29 1.09
N HIS A 7 1.87 -12.75 0.57
CA HIS A 7 2.65 -11.74 1.28
C HIS A 7 2.73 -10.47 0.45
N HIS A 8 2.67 -9.32 1.13
CA HIS A 8 2.78 -8.00 0.49
C HIS A 8 3.95 -7.98 -0.49
N MET A 9 3.65 -7.64 -1.73
CA MET A 9 4.61 -7.72 -2.82
C MET A 9 5.86 -6.90 -2.53
N GLU A 10 6.97 -7.30 -3.14
CA GLU A 10 8.26 -6.66 -2.92
C GLU A 10 8.39 -5.38 -3.75
N PHE A 11 7.26 -4.77 -4.05
CA PHE A 11 7.22 -3.53 -4.82
C PHE A 11 5.80 -2.96 -4.86
N CYS A 12 5.75 -1.65 -5.02
CA CYS A 12 4.51 -0.92 -5.18
C CYS A 12 3.82 -1.36 -6.47
N ARG A 13 2.63 -1.93 -6.35
CA ARG A 13 1.87 -2.39 -7.51
C ARG A 13 1.78 -1.33 -8.61
N VAL A 14 1.83 -0.07 -8.22
CA VAL A 14 1.77 1.03 -9.15
C VAL A 14 3.08 1.19 -9.92
N CYS A 15 4.20 1.20 -9.20
CA CYS A 15 5.50 1.49 -9.81
C CYS A 15 6.34 0.24 -10.13
N LYS A 16 6.05 -0.85 -9.43
CA LYS A 16 6.91 -2.04 -9.41
C LYS A 16 8.24 -1.75 -8.69
N ASP A 17 8.33 -0.57 -8.10
CA ASP A 17 9.47 -0.17 -7.27
C ASP A 17 9.29 -0.69 -5.87
N GLY A 18 10.35 -1.15 -5.24
CA GLY A 18 10.22 -1.78 -3.96
C GLY A 18 10.57 -0.82 -2.86
N GLY A 19 9.89 0.30 -2.82
CA GLY A 19 10.22 1.29 -1.83
C GLY A 19 9.60 0.95 -0.52
N GLU A 20 9.34 1.95 0.27
CA GLU A 20 8.55 1.77 1.46
C GLU A 20 7.11 1.48 1.04
N LEU A 21 6.71 0.20 1.11
CA LEU A 21 5.38 -0.18 0.67
C LEU A 21 4.42 -0.26 1.83
N LEU A 22 3.34 0.47 1.69
CA LEU A 22 2.35 0.57 2.71
C LEU A 22 1.58 -0.72 2.73
N CYS A 23 1.87 -1.52 3.72
CA CYS A 23 1.32 -2.84 3.78
C CYS A 23 -0.10 -2.77 4.26
N CYS A 24 -1.02 -2.92 3.31
CA CYS A 24 -2.45 -2.92 3.61
C CYS A 24 -2.74 -3.87 4.76
N ASP A 25 -3.30 -3.35 5.84
CA ASP A 25 -3.43 -4.08 7.09
C ASP A 25 -4.38 -5.27 6.99
N THR A 26 -5.09 -5.43 5.88
CA THR A 26 -5.98 -6.57 5.74
C THR A 26 -5.79 -7.33 4.40
N CYS A 27 -4.81 -6.94 3.59
CA CYS A 27 -4.55 -7.67 2.36
C CYS A 27 -3.14 -7.40 1.84
N PRO A 28 -2.54 -8.40 1.16
CA PRO A 28 -1.14 -8.36 0.70
C PRO A 28 -0.86 -7.43 -0.48
N SER A 29 -1.41 -6.23 -0.44
CA SER A 29 -1.13 -5.24 -1.46
C SER A 29 -0.10 -4.23 -0.96
N SER A 30 0.87 -3.93 -1.79
CA SER A 30 1.96 -3.04 -1.41
C SER A 30 2.02 -1.83 -2.33
N TYR A 31 1.99 -0.64 -1.73
CA TYR A 31 1.92 0.61 -2.48
C TYR A 31 2.87 1.64 -1.87
N HIS A 32 3.14 2.71 -2.61
CA HIS A 32 3.83 3.84 -2.02
C HIS A 32 2.78 4.83 -1.53
N ILE A 33 3.11 5.57 -0.48
CA ILE A 33 2.22 6.63 0.02
C ILE A 33 2.02 7.73 -1.04
N HIS A 34 2.84 7.68 -2.08
CA HIS A 34 2.72 8.59 -3.22
C HIS A 34 1.69 8.09 -4.23
N CYS A 35 1.46 6.79 -4.24
CA CYS A 35 0.72 6.14 -5.31
C CYS A 35 -0.66 5.73 -4.85
N LEU A 36 -1.13 6.43 -3.84
CA LEU A 36 -2.45 6.25 -3.31
C LEU A 36 -3.38 7.36 -3.78
N ASN A 37 -4.53 7.49 -3.14
CA ASN A 37 -5.45 8.56 -3.47
C ASN A 37 -5.00 9.86 -2.83
N PRO A 38 -4.86 9.89 -1.50
CA PRO A 38 -4.30 11.02 -0.80
C PRO A 38 -2.83 10.79 -0.45
N PRO A 39 -1.90 11.35 -1.24
CA PRO A 39 -0.46 11.18 -1.01
C PRO A 39 -0.04 11.57 0.40
N LEU A 40 0.86 10.78 0.95
CA LEU A 40 1.31 10.94 2.31
C LEU A 40 2.81 11.23 2.36
N PRO A 41 3.24 12.07 3.33
CA PRO A 41 4.65 12.37 3.53
C PRO A 41 5.39 11.20 4.15
N GLU A 42 4.64 10.37 4.89
CA GLU A 42 5.18 9.18 5.50
C GLU A 42 4.02 8.25 5.90
N ILE A 43 4.38 7.02 6.22
CA ILE A 43 3.43 5.95 6.53
C ILE A 43 2.45 6.32 7.65
N PRO A 44 1.15 6.00 7.44
CA PRO A 44 0.06 6.34 8.36
C PRO A 44 0.13 5.63 9.71
N ASN A 45 -0.39 6.29 10.73
CA ASN A 45 -0.56 5.69 12.04
C ASN A 45 -2.00 5.23 12.21
N GLY A 46 -2.18 3.94 12.40
CA GLY A 46 -3.51 3.40 12.56
C GLY A 46 -3.80 2.28 11.58
N GLU A 47 -5.03 2.19 11.13
CA GLU A 47 -5.46 1.14 10.25
C GLU A 47 -5.49 1.65 8.81
N TRP A 48 -4.49 1.30 8.03
CA TRP A 48 -4.45 1.74 6.66
C TRP A 48 -4.86 0.62 5.72
N LEU A 49 -5.75 0.94 4.81
CA LEU A 49 -6.19 -0.02 3.81
C LEU A 49 -5.92 0.51 2.42
N CYS A 50 -5.56 -0.40 1.53
CA CYS A 50 -5.28 -0.06 0.14
C CYS A 50 -6.58 0.39 -0.53
N PRO A 51 -6.47 1.17 -1.64
CA PRO A 51 -7.65 1.70 -2.36
C PRO A 51 -8.60 0.62 -2.90
N ARG A 52 -8.21 -0.64 -2.76
CA ARG A 52 -9.09 -1.75 -3.13
C ARG A 52 -9.95 -2.18 -1.96
N CYS A 53 -9.39 -2.01 -0.77
CA CYS A 53 -10.09 -2.35 0.47
C CYS A 53 -10.94 -1.18 0.97
N THR A 54 -10.68 0.01 0.43
CA THR A 54 -11.43 1.19 0.81
C THR A 54 -12.69 1.34 -0.03
N CYS A 55 -13.07 0.27 -0.72
CA CYS A 55 -14.24 0.28 -1.58
C CYS A 55 -15.52 0.23 -0.74
N PRO A 56 -16.50 1.07 -1.08
CA PRO A 56 -17.80 1.08 -0.43
C PRO A 56 -18.75 0.04 -1.04
N ALA A 57 -20.04 0.34 -1.04
CA ALA A 57 -21.02 -0.51 -1.69
C ALA A 57 -20.69 -0.65 -3.17
N LEU A 58 -20.91 -1.84 -3.72
CA LEU A 58 -20.58 -2.13 -5.10
C LEU A 58 -21.58 -1.48 -6.04
N LYS A 59 -21.24 -0.30 -6.53
CA LYS A 59 -22.11 0.47 -7.40
C LYS A 59 -21.71 0.31 -8.86
N GLY A 60 -20.90 -0.69 -9.13
CA GLY A 60 -20.43 -0.92 -10.49
C GLY A 60 -19.06 -0.34 -10.72
N LYS A 61 -18.96 0.57 -11.67
CA LYS A 61 -17.71 1.24 -11.95
C LYS A 61 -17.50 2.40 -10.98
N ALA B 1 -1.03 0.39 9.82
CA ALA B 1 -0.45 0.75 8.52
C ALA B 1 1.02 0.33 8.48
N ARG B 2 1.26 -0.85 7.93
CA ARG B 2 2.59 -1.43 7.90
C ARG B 2 3.37 -0.91 6.72
N THR B 3 4.62 -1.29 6.60
CA THR B 3 5.45 -0.84 5.49
C THR B 3 6.67 -1.73 5.29
N LYS B 4 6.92 -2.05 4.03
CA LYS B 4 8.12 -2.79 3.63
C LYS B 4 9.16 -1.80 3.15
N GLN B 5 10.37 -2.29 2.93
CA GLN B 5 11.43 -1.50 2.31
C GLN B 5 12.40 -2.42 1.60
N THR B 6 12.28 -2.48 0.28
CA THR B 6 13.03 -3.43 -0.51
C THR B 6 13.71 -2.72 -1.69
N ALA B 7 13.79 -3.36 -2.85
CA ALA B 7 14.47 -2.77 -4.00
C ALA B 7 13.58 -1.81 -4.80
N ARG B 8 13.56 -0.55 -4.41
CA ARG B 8 12.89 0.47 -5.21
C ARG B 8 13.87 0.97 -6.28
N SER B 10 14.20 3.77 -7.78
CA SER B 10 14.69 5.12 -7.61
C SER B 10 16.18 5.15 -7.28
N THR B 11 16.64 4.13 -6.56
CA THR B 11 18.03 4.04 -6.16
C THR B 11 18.70 2.88 -6.88
N ASP A 6 2.48 -15.28 2.56
CA ASP A 6 3.43 -14.94 3.61
C ASP A 6 4.02 -13.54 3.43
N HIS A 7 3.61 -12.84 2.38
CA HIS A 7 4.25 -11.56 2.07
C HIS A 7 3.38 -10.70 1.17
N HIS A 8 3.56 -9.38 1.28
CA HIS A 8 2.96 -8.43 0.36
C HIS A 8 3.77 -8.35 -0.93
N MET A 9 3.32 -7.51 -1.85
CA MET A 9 3.81 -7.47 -3.25
C MET A 9 5.31 -7.22 -3.40
N GLU A 10 5.96 -6.81 -2.30
CA GLU A 10 7.40 -6.47 -2.26
C GLU A 10 7.78 -5.43 -3.31
N PHE A 11 6.79 -4.68 -3.75
CA PHE A 11 6.94 -3.52 -4.60
C PHE A 11 5.58 -2.90 -4.85
N CYS A 12 5.58 -1.59 -5.04
CA CYS A 12 4.38 -0.82 -5.28
C CYS A 12 3.69 -1.31 -6.54
N ARG A 13 2.49 -1.87 -6.39
CA ARG A 13 1.67 -2.32 -7.53
C ARG A 13 1.67 -1.32 -8.68
N VAL A 14 1.78 -0.05 -8.34
CA VAL A 14 1.79 1.01 -9.34
C VAL A 14 3.15 1.08 -10.06
N CYS A 15 4.23 1.16 -9.30
CA CYS A 15 5.56 1.39 -9.87
C CYS A 15 6.37 0.10 -10.09
N LYS A 16 6.02 -0.95 -9.35
CA LYS A 16 6.79 -2.19 -9.28
C LYS A 16 8.14 -1.95 -8.59
N ASP A 17 8.24 -0.77 -7.99
CA ASP A 17 9.38 -0.33 -7.19
C ASP A 17 9.16 -0.74 -5.73
N GLY A 18 10.20 -1.20 -5.04
CA GLY A 18 9.99 -1.79 -3.73
C GLY A 18 10.49 -0.89 -2.64
N GLY A 19 10.03 0.34 -2.65
CA GLY A 19 10.46 1.29 -1.64
C GLY A 19 9.80 1.04 -0.31
N GLU A 20 9.58 2.11 0.42
CA GLU A 20 8.76 2.02 1.62
C GLU A 20 7.32 1.79 1.19
N LEU A 21 6.87 0.56 1.36
CA LEU A 21 5.58 0.15 0.81
C LEU A 21 4.56 -0.01 1.90
N LEU A 22 3.42 0.60 1.67
CA LEU A 22 2.35 0.63 2.61
C LEU A 22 1.66 -0.71 2.57
N CYS A 23 1.97 -1.52 3.55
CA CYS A 23 1.53 -2.88 3.57
C CYS A 23 0.10 -2.97 4.06
N CYS A 24 -0.82 -3.00 3.09
CA CYS A 24 -2.24 -3.04 3.39
C CYS A 24 -2.53 -4.08 4.46
N ASP A 25 -3.07 -3.62 5.58
CA ASP A 25 -3.27 -4.48 6.74
C ASP A 25 -4.28 -5.61 6.48
N THR A 26 -5.06 -5.53 5.40
CA THR A 26 -6.03 -6.58 5.09
C THR A 26 -5.60 -7.46 3.92
N CYS A 27 -4.79 -6.94 3.01
CA CYS A 27 -4.44 -7.69 1.82
C CYS A 27 -2.99 -7.41 1.42
N PRO A 28 -2.36 -8.34 0.68
CA PRO A 28 -0.93 -8.30 0.37
C PRO A 28 -0.53 -7.26 -0.69
N SER A 29 -1.28 -6.17 -0.79
CA SER A 29 -0.97 -5.12 -1.74
C SER A 29 0.08 -4.19 -1.16
N SER A 30 1.02 -3.76 -1.98
CA SER A 30 2.04 -2.84 -1.55
C SER A 30 2.07 -1.61 -2.47
N TYR A 31 2.10 -0.45 -1.87
CA TYR A 31 2.04 0.81 -2.60
C TYR A 31 3.00 1.81 -2.00
N HIS A 32 3.26 2.89 -2.73
CA HIS A 32 3.95 4.04 -2.15
C HIS A 32 2.88 5.02 -1.68
N ILE A 33 3.19 5.78 -0.65
CA ILE A 33 2.26 6.76 -0.10
C ILE A 33 1.88 7.84 -1.12
N HIS A 34 2.62 7.90 -2.23
CA HIS A 34 2.34 8.87 -3.28
C HIS A 34 1.52 8.24 -4.41
N CYS A 35 1.39 6.93 -4.40
CA CYS A 35 0.72 6.22 -5.51
C CYS A 35 -0.65 5.75 -5.07
N LEU A 36 -1.15 6.43 -4.06
CA LEU A 36 -2.49 6.19 -3.54
C LEU A 36 -3.45 7.23 -4.07
N ASN A 37 -4.64 7.29 -3.50
CA ASN A 37 -5.60 8.33 -3.87
C ASN A 37 -5.34 9.58 -3.06
N PRO A 38 -5.34 9.49 -1.73
CA PRO A 38 -4.90 10.58 -0.88
C PRO A 38 -3.44 10.43 -0.50
N PRO A 39 -2.53 11.15 -1.18
CA PRO A 39 -1.09 11.05 -0.93
C PRO A 39 -0.70 11.42 0.48
N LEU A 40 0.20 10.62 1.03
CA LEU A 40 0.67 10.79 2.39
C LEU A 40 2.12 11.24 2.38
N PRO A 41 2.48 12.12 3.32
CA PRO A 41 3.87 12.54 3.50
C PRO A 41 4.72 11.42 4.10
N GLU A 42 4.04 10.56 4.85
CA GLU A 42 4.68 9.45 5.54
C GLU A 42 3.65 8.37 5.82
N ILE A 43 4.15 7.19 6.16
CA ILE A 43 3.31 6.05 6.48
C ILE A 43 2.29 6.35 7.59
N PRO A 44 1.03 5.97 7.38
CA PRO A 44 -0.07 6.25 8.31
C PRO A 44 0.10 5.59 9.67
N ASN A 45 -0.19 6.35 10.73
CA ASN A 45 -0.17 5.82 12.08
C ASN A 45 -1.54 5.25 12.42
N GLY A 46 -1.78 4.05 11.92
CA GLY A 46 -3.07 3.40 12.10
C GLY A 46 -3.28 2.34 11.05
N GLU A 47 -4.35 1.58 11.16
CA GLU A 47 -4.65 0.52 10.21
C GLU A 47 -4.96 1.10 8.84
N TRP A 48 -4.04 0.94 7.91
CA TRP A 48 -4.19 1.51 6.59
C TRP A 48 -4.64 0.43 5.60
N LEU A 49 -5.56 0.81 4.73
CA LEU A 49 -6.03 -0.09 3.71
C LEU A 49 -5.77 0.48 2.34
N CYS A 50 -5.42 -0.38 1.41
CA CYS A 50 -5.11 0.03 0.05
C CYS A 50 -6.38 0.53 -0.64
N PRO A 51 -6.24 1.25 -1.77
CA PRO A 51 -7.38 1.78 -2.54
C PRO A 51 -8.55 0.79 -2.65
N ARG A 52 -8.22 -0.47 -2.85
CA ARG A 52 -9.20 -1.51 -3.06
C ARG A 52 -9.97 -1.83 -1.78
N CYS A 53 -9.25 -1.83 -0.66
CA CYS A 53 -9.84 -2.19 0.62
C CYS A 53 -10.46 -0.98 1.33
N THR A 54 -9.99 0.22 1.00
CA THR A 54 -10.44 1.42 1.69
C THR A 54 -11.76 1.95 1.12
N CYS A 55 -12.24 1.31 0.07
CA CYS A 55 -13.50 1.70 -0.53
C CYS A 55 -14.66 0.99 0.15
N PRO A 56 -15.70 1.75 0.57
CA PRO A 56 -16.88 1.19 1.22
C PRO A 56 -17.76 0.41 0.25
N ALA A 57 -17.43 0.50 -1.03
CA ALA A 57 -18.14 -0.24 -2.05
C ALA A 57 -17.59 -1.66 -2.14
N LEU A 58 -18.32 -2.60 -1.56
CA LEU A 58 -17.92 -4.00 -1.63
C LEU A 58 -18.01 -4.49 -3.06
N LYS A 59 -16.87 -4.88 -3.61
CA LYS A 59 -16.82 -5.35 -4.99
C LYS A 59 -17.09 -6.84 -5.05
N GLY A 60 -18.32 -7.19 -5.40
CA GLY A 60 -18.70 -8.59 -5.51
C GLY A 60 -19.00 -8.98 -6.93
N LYS A 61 -19.95 -8.27 -7.53
CA LYS A 61 -20.33 -8.52 -8.91
C LYS A 61 -20.73 -7.21 -9.58
N ALA B 1 -0.49 0.51 9.79
CA ALA B 1 -0.53 0.69 8.32
C ALA B 1 0.54 -0.14 7.65
N ARG B 2 1.68 -0.33 8.35
CA ARG B 2 2.70 -1.31 7.96
C ARG B 2 3.46 -0.86 6.71
N THR B 3 4.76 -1.09 6.70
CA THR B 3 5.58 -0.67 5.57
C THR B 3 6.80 -1.56 5.42
N LYS B 4 7.11 -1.94 4.18
CA LYS B 4 8.34 -2.64 3.87
C LYS B 4 9.32 -1.66 3.27
N GLN B 5 10.57 -2.07 3.17
CA GLN B 5 11.55 -1.31 2.43
C GLN B 5 12.47 -2.28 1.70
N THR B 6 12.00 -2.75 0.55
CA THR B 6 12.65 -3.80 -0.20
C THR B 6 13.41 -3.22 -1.41
N ALA B 7 13.35 -3.89 -2.55
CA ALA B 7 14.09 -3.46 -3.74
C ALA B 7 13.37 -2.36 -4.50
N ARG B 8 13.50 -1.12 -4.07
CA ARG B 8 13.02 0.00 -4.85
C ARG B 8 14.05 0.32 -5.93
N SER B 10 15.71 2.67 -7.06
CA SER B 10 16.62 3.79 -6.91
C SER B 10 18.03 3.35 -7.29
N THR B 11 18.28 2.05 -7.17
CA THR B 11 19.59 1.47 -7.45
C THR B 11 19.90 1.51 -8.95
N ASP A 6 7.71 -11.30 2.75
CA ASP A 6 7.07 -11.16 4.06
C ASP A 6 5.65 -11.73 4.04
N HIS A 7 4.84 -11.23 3.10
CA HIS A 7 3.43 -11.55 3.04
C HIS A 7 2.77 -10.73 1.93
N HIS A 8 3.12 -9.45 1.87
CA HIS A 8 2.56 -8.57 0.86
C HIS A 8 3.58 -8.29 -0.25
N MET A 9 3.14 -7.64 -1.33
CA MET A 9 3.98 -7.39 -2.50
C MET A 9 5.37 -6.87 -2.11
N GLU A 10 6.36 -7.15 -2.93
CA GLU A 10 7.71 -6.67 -2.69
C GLU A 10 8.02 -5.51 -3.62
N PHE A 11 6.98 -4.83 -4.03
CA PHE A 11 7.08 -3.60 -4.80
C PHE A 11 5.71 -2.98 -4.97
N CYS A 12 5.70 -1.66 -5.01
CA CYS A 12 4.52 -0.85 -5.22
C CYS A 12 3.85 -1.23 -6.54
N ARG A 13 2.66 -1.82 -6.46
CA ARG A 13 1.88 -2.18 -7.66
C ARG A 13 1.86 -1.06 -8.70
N VAL A 14 1.93 0.18 -8.23
CA VAL A 14 1.90 1.34 -9.12
C VAL A 14 3.25 1.54 -9.82
N CYS A 15 4.33 1.42 -9.07
CA CYS A 15 5.66 1.71 -9.62
C CYS A 15 6.43 0.46 -10.03
N LYS A 16 6.08 -0.67 -9.41
CA LYS A 16 6.84 -1.92 -9.50
C LYS A 16 8.18 -1.78 -8.76
N ASP A 17 8.34 -0.64 -8.10
CA ASP A 17 9.51 -0.36 -7.27
C ASP A 17 9.28 -0.87 -5.87
N GLY A 18 10.30 -1.44 -5.26
CA GLY A 18 10.12 -2.07 -3.99
C GLY A 18 10.60 -1.17 -2.89
N GLY A 19 10.05 0.02 -2.85
CA GLY A 19 10.46 0.96 -1.83
C GLY A 19 9.83 0.64 -0.53
N GLU A 20 9.56 1.64 0.26
CA GLU A 20 8.73 1.45 1.42
C GLU A 20 7.28 1.34 0.99
N LEU A 21 6.76 0.12 0.99
CA LEU A 21 5.38 -0.09 0.57
C LEU A 21 4.49 -0.18 1.77
N LEU A 22 3.43 0.60 1.71
CA LEU A 22 2.42 0.64 2.73
C LEU A 22 1.72 -0.70 2.75
N CYS A 23 1.98 -1.47 3.78
CA CYS A 23 1.44 -2.81 3.87
C CYS A 23 -0.02 -2.76 4.22
N CYS A 24 -0.87 -2.85 3.21
CA CYS A 24 -2.30 -2.96 3.43
C CYS A 24 -2.55 -4.06 4.44
N ASP A 25 -3.16 -3.69 5.55
CA ASP A 25 -3.31 -4.60 6.68
C ASP A 25 -4.17 -5.82 6.34
N THR A 26 -5.10 -5.66 5.41
CA THR A 26 -6.02 -6.75 5.07
C THR A 26 -5.50 -7.63 3.95
N CYS A 27 -4.81 -7.03 2.98
CA CYS A 27 -4.45 -7.76 1.77
C CYS A 27 -2.97 -7.54 1.43
N PRO A 28 -2.37 -8.49 0.70
CA PRO A 28 -0.94 -8.47 0.39
C PRO A 28 -0.56 -7.52 -0.76
N SER A 29 -1.18 -6.35 -0.80
CA SER A 29 -0.86 -5.35 -1.81
C SER A 29 0.20 -4.39 -1.29
N SER A 30 0.91 -3.74 -2.19
CA SER A 30 1.93 -2.79 -1.82
C SER A 30 1.85 -1.53 -2.67
N TYR A 31 1.78 -0.41 -1.99
CA TYR A 31 1.71 0.91 -2.62
C TYR A 31 2.61 1.87 -1.88
N HIS A 32 3.12 2.89 -2.57
CA HIS A 32 3.79 3.98 -1.86
C HIS A 32 2.71 4.96 -1.40
N ILE A 33 2.97 5.69 -0.32
CA ILE A 33 2.04 6.72 0.15
C ILE A 33 1.79 7.79 -0.92
N HIS A 34 2.70 7.87 -1.89
CA HIS A 34 2.62 8.84 -2.97
C HIS A 34 1.78 8.30 -4.12
N CYS A 35 1.54 6.99 -4.11
CA CYS A 35 0.88 6.33 -5.23
C CYS A 35 -0.52 5.91 -4.85
N LEU A 36 -1.04 6.58 -3.84
CA LEU A 36 -2.39 6.36 -3.37
C LEU A 36 -3.32 7.42 -3.93
N ASN A 37 -4.57 7.40 -3.51
CA ASN A 37 -5.54 8.33 -4.05
C ASN A 37 -5.38 9.69 -3.39
N PRO A 38 -5.45 9.74 -2.05
CA PRO A 38 -5.04 10.91 -1.31
C PRO A 38 -3.64 10.71 -0.71
N PRO A 39 -2.59 11.12 -1.46
CA PRO A 39 -1.19 10.87 -1.06
C PRO A 39 -0.86 11.37 0.35
N LEU A 40 0.04 10.66 0.99
CA LEU A 40 0.42 10.93 2.36
C LEU A 40 1.89 11.30 2.42
N PRO A 41 2.26 12.22 3.33
CA PRO A 41 3.66 12.65 3.51
C PRO A 41 4.49 11.58 4.20
N GLU A 42 3.81 10.70 4.94
CA GLU A 42 4.46 9.61 5.65
C GLU A 42 3.46 8.49 5.93
N ILE A 43 4.00 7.29 6.15
CA ILE A 43 3.23 6.11 6.47
C ILE A 43 2.28 6.35 7.66
N PRO A 44 1.01 5.96 7.50
CA PRO A 44 -0.03 6.20 8.51
C PRO A 44 0.13 5.37 9.78
N ASN A 45 -0.50 5.82 10.84
CA ASN A 45 -0.55 5.08 12.10
C ASN A 45 -1.89 4.36 12.22
N GLY A 46 -1.86 3.09 12.58
CA GLY A 46 -3.09 2.32 12.73
C GLY A 46 -3.28 1.31 11.61
N GLU A 47 -4.52 1.05 11.26
CA GLU A 47 -4.87 0.07 10.26
C GLU A 47 -5.11 0.76 8.92
N TRP A 48 -4.11 0.73 8.05
CA TRP A 48 -4.25 1.33 6.75
C TRP A 48 -4.66 0.28 5.73
N LEU A 49 -5.63 0.63 4.91
CA LEU A 49 -6.09 -0.24 3.86
C LEU A 49 -5.85 0.40 2.51
N CYS A 50 -5.50 -0.43 1.54
CA CYS A 50 -5.22 0.04 0.20
C CYS A 50 -6.51 0.53 -0.46
N PRO A 51 -6.43 1.32 -1.54
CA PRO A 51 -7.62 1.87 -2.23
C PRO A 51 -8.67 0.81 -2.53
N ARG A 52 -8.23 -0.42 -2.72
CA ARG A 52 -9.13 -1.52 -3.07
C ARG A 52 -9.93 -1.97 -1.85
N CYS A 53 -9.27 -1.93 -0.69
CA CYS A 53 -9.91 -2.36 0.56
C CYS A 53 -10.66 -1.20 1.22
N THR A 54 -10.19 0.02 0.99
CA THR A 54 -10.81 1.20 1.58
C THR A 54 -11.70 1.91 0.55
N CYS A 55 -12.01 1.18 -0.52
CA CYS A 55 -12.82 1.70 -1.62
C CYS A 55 -14.13 2.28 -1.11
N PRO A 56 -14.53 3.46 -1.63
CA PRO A 56 -15.78 4.10 -1.27
C PRO A 56 -16.97 3.43 -1.95
N ALA A 57 -18.16 3.90 -1.62
CA ALA A 57 -19.38 3.30 -2.15
C ALA A 57 -19.59 3.71 -3.60
N LEU A 58 -19.22 2.84 -4.51
CA LEU A 58 -19.39 3.08 -5.93
C LEU A 58 -20.85 2.98 -6.32
N LYS A 59 -21.59 4.05 -6.06
CA LYS A 59 -23.02 4.08 -6.34
C LYS A 59 -23.28 4.11 -7.85
N GLY A 60 -23.52 2.93 -8.42
CA GLY A 60 -23.78 2.83 -9.84
C GLY A 60 -25.12 2.18 -10.13
N LYS A 61 -25.57 1.33 -9.22
CA LYS A 61 -26.83 0.63 -9.39
C LYS A 61 -27.99 1.54 -8.97
N ALA B 1 0.10 1.80 10.55
CA ALA B 1 0.13 1.18 9.20
C ALA B 1 1.53 0.71 8.89
N ARG B 2 1.63 -0.48 8.34
CA ARG B 2 2.92 -1.14 8.12
C ARG B 2 3.57 -0.66 6.83
N THR B 3 4.88 -0.75 6.77
CA THR B 3 5.61 -0.44 5.54
C THR B 3 6.81 -1.37 5.41
N LYS B 4 7.22 -1.62 4.16
CA LYS B 4 8.41 -2.41 3.89
C LYS B 4 9.45 -1.45 3.35
N GLN B 5 10.51 -1.97 2.77
CA GLN B 5 11.48 -1.16 2.04
C GLN B 5 12.45 -2.08 1.32
N THR B 6 11.92 -2.82 0.36
CA THR B 6 12.63 -3.92 -0.28
C THR B 6 13.52 -3.42 -1.44
N ALA B 7 13.20 -3.78 -2.68
CA ALA B 7 14.04 -3.40 -3.82
C ALA B 7 13.35 -2.39 -4.73
N ARG B 8 13.39 -1.13 -4.34
CA ARG B 8 12.89 -0.05 -5.21
C ARG B 8 13.96 0.24 -6.26
N SER B 10 15.22 2.62 -7.59
CA SER B 10 15.97 3.85 -7.51
C SER B 10 17.46 3.51 -7.59
N THR B 11 18.07 3.83 -8.73
CA THR B 11 19.42 3.38 -9.05
C THR B 11 20.45 3.93 -8.07
N ASP A 6 0.17 -14.05 0.56
CA ASP A 6 0.43 -13.69 1.96
C ASP A 6 1.42 -12.54 1.98
N HIS A 7 2.56 -12.81 1.37
CA HIS A 7 3.61 -11.83 1.22
C HIS A 7 3.12 -10.60 0.46
N HIS A 8 3.22 -9.43 1.10
CA HIS A 8 2.93 -8.18 0.41
C HIS A 8 3.98 -8.00 -0.66
N MET A 9 3.54 -7.76 -1.89
CA MET A 9 4.42 -7.73 -3.05
C MET A 9 5.69 -6.92 -2.77
N GLU A 10 6.80 -7.40 -3.31
CA GLU A 10 8.12 -6.81 -3.05
C GLU A 10 8.33 -5.56 -3.91
N PHE A 11 7.23 -4.90 -4.22
CA PHE A 11 7.23 -3.63 -4.90
C PHE A 11 5.83 -3.05 -4.93
N CYS A 12 5.78 -1.74 -4.87
CA CYS A 12 4.56 -0.98 -4.93
C CYS A 12 3.77 -1.30 -6.19
N ARG A 13 2.59 -1.85 -5.99
CA ARG A 13 1.74 -2.36 -7.04
C ARG A 13 1.54 -1.35 -8.17
N VAL A 14 1.60 -0.07 -7.84
CA VAL A 14 1.40 0.98 -8.84
C VAL A 14 2.59 1.11 -9.78
N CYS A 15 3.78 1.31 -9.22
CA CYS A 15 4.92 1.69 -10.02
C CYS A 15 5.97 0.59 -10.15
N LYS A 16 5.80 -0.43 -9.32
CA LYS A 16 6.63 -1.65 -9.33
C LYS A 16 8.00 -1.44 -8.67
N ASP A 17 8.16 -0.28 -8.02
CA ASP A 17 9.34 0.00 -7.19
C ASP A 17 9.12 -0.55 -5.79
N GLY A 18 10.17 -1.11 -5.19
CA GLY A 18 10.02 -1.76 -3.91
C GLY A 18 10.47 -0.87 -2.79
N GLY A 19 9.89 0.30 -2.70
CA GLY A 19 10.31 1.24 -1.68
C GLY A 19 9.76 0.88 -0.32
N GLU A 20 9.56 1.88 0.50
CA GLU A 20 8.86 1.67 1.75
C GLU A 20 7.38 1.51 1.43
N LEU A 21 6.91 0.28 1.48
CA LEU A 21 5.60 -0.06 0.94
C LEU A 21 4.57 -0.17 2.03
N LEU A 22 3.47 0.50 1.82
CA LEU A 22 2.41 0.58 2.76
C LEU A 22 1.68 -0.74 2.78
N CYS A 23 1.93 -1.50 3.81
CA CYS A 23 1.46 -2.86 3.89
C CYS A 23 0.00 -2.91 4.27
N CYS A 24 -0.87 -2.92 3.27
CA CYS A 24 -2.31 -2.92 3.49
C CYS A 24 -2.68 -3.94 4.56
N ASP A 25 -3.29 -3.46 5.63
CA ASP A 25 -3.58 -4.28 6.80
C ASP A 25 -4.53 -5.44 6.50
N THR A 26 -5.31 -5.32 5.42
CA THR A 26 -6.30 -6.36 5.11
C THR A 26 -5.90 -7.26 3.94
N CYS A 27 -4.93 -6.84 3.14
CA CYS A 27 -4.56 -7.63 1.97
C CYS A 27 -3.08 -7.44 1.62
N PRO A 28 -2.46 -8.45 0.97
CA PRO A 28 -1.04 -8.43 0.63
C PRO A 28 -0.68 -7.49 -0.52
N SER A 29 -1.34 -6.35 -0.56
CA SER A 29 -1.06 -5.35 -1.56
C SER A 29 -0.17 -4.29 -0.96
N SER A 30 0.90 -3.97 -1.65
CA SER A 30 1.87 -3.03 -1.17
C SER A 30 1.91 -1.82 -2.09
N TYR A 31 1.94 -0.64 -1.51
CA TYR A 31 1.83 0.61 -2.25
C TYR A 31 2.80 1.63 -1.69
N HIS A 32 3.05 2.69 -2.44
CA HIS A 32 3.75 3.85 -1.90
C HIS A 32 2.74 4.84 -1.38
N ILE A 33 3.09 5.59 -0.35
CA ILE A 33 2.26 6.69 0.11
C ILE A 33 2.10 7.73 -0.98
N HIS A 34 3.07 7.75 -1.90
CA HIS A 34 3.09 8.71 -3.00
C HIS A 34 2.34 8.16 -4.23
N CYS A 35 2.11 6.85 -4.28
CA CYS A 35 1.43 6.24 -5.41
C CYS A 35 -0.01 5.91 -5.05
N LEU A 36 -0.48 6.55 -4.00
CA LEU A 36 -1.84 6.39 -3.56
C LEU A 36 -2.73 7.45 -4.16
N ASN A 37 -4.01 7.43 -3.83
CA ASN A 37 -4.94 8.43 -4.36
C ASN A 37 -4.80 9.72 -3.57
N PRO A 38 -4.95 9.67 -2.24
CA PRO A 38 -4.55 10.77 -1.39
C PRO A 38 -3.16 10.51 -0.80
N PRO A 39 -2.09 11.00 -1.46
CA PRO A 39 -0.72 10.72 -1.05
C PRO A 39 -0.39 11.18 0.36
N LEU A 40 0.17 10.27 1.14
CA LEU A 40 0.61 10.58 2.48
C LEU A 40 2.04 11.11 2.45
N PRO A 41 2.35 12.10 3.30
CA PRO A 41 3.73 12.58 3.46
C PRO A 41 4.53 11.68 4.38
N GLU A 42 3.85 10.69 4.95
CA GLU A 42 4.45 9.76 5.89
C GLU A 42 3.53 8.56 6.03
N ILE A 43 4.11 7.41 6.38
CA ILE A 43 3.36 6.20 6.58
C ILE A 43 2.32 6.38 7.68
N PRO A 44 1.06 6.02 7.39
CA PRO A 44 -0.06 6.22 8.31
C PRO A 44 0.06 5.38 9.57
N ASN A 45 -0.51 5.87 10.65
CA ASN A 45 -0.59 5.11 11.87
C ASN A 45 -1.98 4.52 12.00
N GLY A 46 -2.10 3.41 12.71
CA GLY A 46 -3.38 2.73 12.81
C GLY A 46 -3.55 1.74 11.67
N GLU A 47 -4.77 1.58 11.20
CA GLU A 47 -5.07 0.63 10.16
C GLU A 47 -5.21 1.35 8.83
N TRP A 48 -4.26 1.12 7.93
CA TRP A 48 -4.33 1.70 6.60
C TRP A 48 -4.77 0.66 5.60
N LEU A 49 -5.67 1.04 4.72
CA LEU A 49 -6.15 0.14 3.69
C LEU A 49 -5.80 0.68 2.32
N CYS A 50 -5.46 -0.22 1.43
CA CYS A 50 -5.15 0.15 0.05
C CYS A 50 -6.43 0.60 -0.65
N PRO A 51 -6.31 1.33 -1.78
CA PRO A 51 -7.47 1.88 -2.51
C PRO A 51 -8.48 0.82 -2.95
N ARG A 52 -8.10 -0.45 -2.83
CA ARG A 52 -9.00 -1.56 -3.08
C ARG A 52 -9.86 -1.82 -1.86
N CYS A 53 -9.23 -1.79 -0.70
CA CYS A 53 -9.88 -2.14 0.57
C CYS A 53 -10.57 -0.94 1.20
N THR A 54 -10.26 0.26 0.72
CA THR A 54 -10.90 1.47 1.23
C THR A 54 -12.38 1.48 0.87
N CYS A 55 -12.71 0.73 -0.14
CA CYS A 55 -14.09 0.51 -0.53
C CYS A 55 -14.56 -0.82 0.06
N PRO A 56 -15.79 -0.87 0.59
CA PRO A 56 -16.35 -2.09 1.18
C PRO A 56 -16.68 -3.17 0.14
N ALA A 57 -15.72 -3.46 -0.72
CA ALA A 57 -15.88 -4.46 -1.76
C ALA A 57 -15.25 -5.79 -1.36
N LEU A 58 -14.65 -5.82 -0.17
CA LEU A 58 -14.06 -7.05 0.35
C LEU A 58 -15.13 -8.10 0.56
N LYS A 59 -16.26 -7.68 1.13
CA LYS A 59 -17.40 -8.55 1.30
C LYS A 59 -18.40 -8.27 0.18
N GLY A 60 -18.35 -9.09 -0.85
CA GLY A 60 -19.32 -8.99 -1.92
C GLY A 60 -20.40 -10.03 -1.76
N LYS A 61 -19.96 -11.26 -1.54
CA LYS A 61 -20.86 -12.37 -1.28
C LYS A 61 -20.25 -13.27 -0.22
N ALA B 1 -1.03 0.09 9.40
CA ALA B 1 -0.66 0.60 8.06
C ALA B 1 0.60 -0.10 7.58
N ARG B 2 1.69 -0.01 8.36
CA ARG B 2 2.89 -0.84 8.14
C ARG B 2 3.62 -0.49 6.84
N THR B 3 4.94 -0.61 6.84
CA THR B 3 5.71 -0.35 5.64
C THR B 3 6.88 -1.31 5.46
N LYS B 4 7.05 -1.77 4.22
CA LYS B 4 8.15 -2.66 3.86
C LYS B 4 9.31 -1.84 3.36
N GLN B 5 10.35 -2.51 2.89
CA GLN B 5 11.41 -1.85 2.16
C GLN B 5 12.25 -2.89 1.45
N THR B 6 12.23 -2.81 0.13
CA THR B 6 12.86 -3.80 -0.71
C THR B 6 13.53 -3.12 -1.91
N ALA B 7 13.49 -3.74 -3.08
CA ALA B 7 14.16 -3.19 -4.26
C ALA B 7 13.32 -2.11 -4.94
N ARG B 8 13.40 -0.87 -4.43
CA ARG B 8 12.80 0.26 -5.13
C ARG B 8 13.78 0.74 -6.20
N SER B 10 14.02 3.40 -7.72
CA SER B 10 14.51 4.73 -7.44
C SER B 10 15.70 4.69 -6.47
N THR B 11 16.72 3.93 -6.83
CA THR B 11 17.94 3.82 -6.05
C THR B 11 19.15 3.77 -6.99
N ASP A 6 -0.49 -13.36 4.90
CA ASP A 6 0.19 -12.33 5.68
C ASP A 6 1.38 -11.76 4.91
N HIS A 7 1.95 -12.58 4.03
CA HIS A 7 3.07 -12.15 3.21
C HIS A 7 2.56 -11.29 2.05
N HIS A 8 2.93 -10.03 2.05
CA HIS A 8 2.47 -9.11 1.01
C HIS A 8 3.56 -8.89 -0.04
N MET A 9 3.23 -8.13 -1.09
CA MET A 9 4.14 -7.93 -2.22
C MET A 9 5.46 -7.28 -1.78
N GLU A 10 6.39 -7.22 -2.72
CA GLU A 10 7.71 -6.66 -2.48
C GLU A 10 7.97 -5.48 -3.39
N PHE A 11 6.89 -4.82 -3.77
CA PHE A 11 6.95 -3.62 -4.60
C PHE A 11 5.58 -2.97 -4.71
N CYS A 12 5.62 -1.66 -4.90
CA CYS A 12 4.44 -0.83 -5.10
C CYS A 12 3.71 -1.27 -6.37
N ARG A 13 2.51 -1.82 -6.21
CA ARG A 13 1.68 -2.28 -7.31
C ARG A 13 1.58 -1.24 -8.44
N VAL A 14 1.73 0.04 -8.07
CA VAL A 14 1.73 1.12 -9.05
C VAL A 14 3.06 1.19 -9.81
N CYS A 15 4.17 1.21 -9.07
CA CYS A 15 5.49 1.44 -9.69
C CYS A 15 6.24 0.14 -10.01
N LYS A 16 5.90 -0.93 -9.30
CA LYS A 16 6.70 -2.17 -9.27
C LYS A 16 8.03 -1.90 -8.55
N ASP A 17 8.08 -0.72 -7.94
CA ASP A 17 9.19 -0.21 -7.14
C ASP A 17 9.08 -0.76 -5.73
N GLY A 18 10.14 -1.35 -5.21
CA GLY A 18 10.04 -2.00 -3.92
C GLY A 18 10.57 -1.10 -2.83
N GLY A 19 10.06 0.11 -2.78
CA GLY A 19 10.55 1.05 -1.82
C GLY A 19 9.91 0.87 -0.49
N GLU A 20 9.51 1.98 0.09
CA GLU A 20 8.76 1.96 1.32
C GLU A 20 7.30 1.69 1.00
N LEU A 21 6.87 0.48 1.28
CA LEU A 21 5.59 0.00 0.80
C LEU A 21 4.59 -0.17 1.92
N LEU A 22 3.50 0.53 1.76
CA LEU A 22 2.43 0.52 2.71
C LEU A 22 1.77 -0.85 2.71
N CYS A 23 2.03 -1.60 3.75
CA CYS A 23 1.54 -2.97 3.85
C CYS A 23 0.07 -3.00 4.23
N CYS A 24 -0.79 -3.00 3.21
CA CYS A 24 -2.23 -3.01 3.42
C CYS A 24 -2.62 -4.02 4.50
N ASP A 25 -3.23 -3.52 5.57
CA ASP A 25 -3.52 -4.33 6.74
C ASP A 25 -4.47 -5.50 6.43
N THR A 26 -5.22 -5.41 5.33
CA THR A 26 -6.17 -6.46 4.99
C THR A 26 -5.68 -7.37 3.87
N CYS A 27 -4.84 -6.87 2.98
CA CYS A 27 -4.45 -7.63 1.80
C CYS A 27 -2.99 -7.40 1.45
N PRO A 28 -2.39 -8.32 0.69
CA PRO A 28 -0.95 -8.30 0.38
C PRO A 28 -0.53 -7.23 -0.63
N SER A 29 -1.31 -6.17 -0.74
CA SER A 29 -1.01 -5.09 -1.67
C SER A 29 0.07 -4.18 -1.10
N SER A 30 1.01 -3.80 -1.94
CA SER A 30 2.08 -2.91 -1.53
C SER A 30 2.07 -1.65 -2.39
N TYR A 31 2.17 -0.51 -1.74
CA TYR A 31 2.08 0.77 -2.43
C TYR A 31 3.07 1.77 -1.81
N HIS A 32 3.36 2.85 -2.53
CA HIS A 32 4.06 3.96 -1.93
C HIS A 32 3.01 4.94 -1.44
N ILE A 33 3.29 5.65 -0.35
CA ILE A 33 2.36 6.64 0.20
C ILE A 33 2.00 7.73 -0.80
N HIS A 34 2.80 7.88 -1.84
CA HIS A 34 2.56 8.91 -2.85
C HIS A 34 1.89 8.34 -4.09
N CYS A 35 1.65 7.03 -4.12
CA CYS A 35 1.02 6.41 -5.28
C CYS A 35 -0.39 5.98 -4.94
N LEU A 36 -0.90 6.60 -3.89
CA LEU A 36 -2.26 6.35 -3.43
C LEU A 36 -3.19 7.47 -3.88
N ASN A 37 -4.34 7.56 -3.23
CA ASN A 37 -5.18 8.73 -3.31
C ASN A 37 -4.58 9.77 -2.38
N PRO A 38 -5.07 11.04 -2.37
CA PRO A 38 -4.42 12.19 -1.72
C PRO A 38 -3.22 11.82 -0.85
N PRO A 39 -2.04 11.79 -1.49
CA PRO A 39 -0.82 11.16 -0.96
C PRO A 39 -0.46 11.52 0.47
N LEU A 40 0.09 10.52 1.16
CA LEU A 40 0.57 10.68 2.51
C LEU A 40 2.03 11.12 2.47
N PRO A 41 2.39 12.15 3.25
CA PRO A 41 3.79 12.58 3.39
C PRO A 41 4.62 11.57 4.18
N GLU A 42 3.93 10.67 4.86
CA GLU A 42 4.58 9.65 5.68
C GLU A 42 3.63 8.49 5.92
N ILE A 43 4.18 7.34 6.24
CA ILE A 43 3.42 6.12 6.51
C ILE A 43 2.42 6.32 7.65
N PRO A 44 1.18 5.85 7.45
CA PRO A 44 0.12 5.89 8.46
C PRO A 44 0.43 4.93 9.61
N ASN A 45 -0.15 5.21 10.77
CA ASN A 45 0.15 4.42 11.97
C ASN A 45 -0.94 3.41 12.24
N GLY A 46 -2.18 3.81 12.01
CA GLY A 46 -3.31 2.93 12.28
C GLY A 46 -3.54 1.93 11.16
N GLU A 47 -4.77 1.50 11.00
CA GLU A 47 -5.13 0.54 9.97
C GLU A 47 -5.24 1.24 8.63
N TRP A 48 -4.27 1.00 7.78
CA TRP A 48 -4.28 1.58 6.45
C TRP A 48 -4.72 0.54 5.44
N LEU A 49 -5.60 0.94 4.55
CA LEU A 49 -6.08 0.06 3.50
C LEU A 49 -5.73 0.62 2.13
N CYS A 50 -5.37 -0.27 1.23
CA CYS A 50 -5.05 0.11 -0.14
C CYS A 50 -6.34 0.56 -0.84
N PRO A 51 -6.24 1.32 -1.94
CA PRO A 51 -7.40 1.89 -2.64
C PRO A 51 -8.40 0.84 -3.16
N ARG A 52 -8.03 -0.43 -3.06
CA ARG A 52 -8.93 -1.52 -3.42
C ARG A 52 -9.76 -1.94 -2.21
N CYS A 53 -9.14 -1.84 -1.05
CA CYS A 53 -9.77 -2.22 0.21
C CYS A 53 -10.56 -1.06 0.82
N THR A 54 -10.35 0.15 0.31
CA THR A 54 -10.98 1.35 0.88
C THR A 54 -12.50 1.34 0.71
N CYS A 55 -13.01 0.35 0.01
CA CYS A 55 -14.44 0.14 -0.08
C CYS A 55 -14.85 -0.97 0.89
N PRO A 56 -15.86 -0.72 1.72
CA PRO A 56 -16.23 -1.63 2.80
C PRO A 56 -17.16 -2.75 2.34
N ALA A 57 -16.60 -3.72 1.64
CA ALA A 57 -17.36 -4.87 1.19
C ALA A 57 -17.46 -5.90 2.30
N LEU A 58 -18.68 -6.28 2.63
CA LEU A 58 -18.93 -7.22 3.71
C LEU A 58 -18.98 -8.64 3.18
N LYS A 59 -17.82 -9.28 3.10
CA LYS A 59 -17.71 -10.64 2.58
C LYS A 59 -17.61 -11.65 3.71
N GLY A 60 -18.29 -12.78 3.53
CA GLY A 60 -18.34 -13.81 4.56
C GLY A 60 -17.13 -14.72 4.56
N LYS A 61 -15.95 -14.10 4.50
CA LYS A 61 -14.70 -14.83 4.56
C LYS A 61 -13.69 -14.03 5.35
N ALA B 1 -0.88 -0.12 9.40
CA ALA B 1 -0.56 0.38 8.04
C ALA B 1 0.71 -0.28 7.55
N ARG B 2 1.79 -0.20 8.33
CA ARG B 2 3.01 -1.02 8.10
C ARG B 2 3.71 -0.63 6.79
N THR B 3 5.03 -0.64 6.80
CA THR B 3 5.79 -0.34 5.59
C THR B 3 7.00 -1.25 5.45
N LYS B 4 7.21 -1.77 4.25
CA LYS B 4 8.42 -2.51 3.95
C LYS B 4 9.36 -1.62 3.17
N GLN B 5 10.59 -2.04 3.08
CA GLN B 5 11.58 -1.39 2.24
C GLN B 5 12.45 -2.46 1.60
N THR B 6 12.21 -2.76 0.34
CA THR B 6 12.84 -3.90 -0.30
C THR B 6 13.75 -3.50 -1.47
N ALA B 7 13.23 -3.52 -2.70
CA ALA B 7 14.05 -3.19 -3.87
C ALA B 7 13.31 -2.25 -4.80
N ARG B 8 13.50 -0.96 -4.63
CA ARG B 8 12.81 0.03 -5.46
C ARG B 8 13.72 0.50 -6.59
N SER B 10 12.81 3.65 -8.85
CA SER B 10 12.76 5.10 -8.98
C SER B 10 12.69 5.78 -7.62
N THR B 11 12.38 4.99 -6.59
CA THR B 11 12.28 5.44 -5.20
C THR B 11 11.16 6.47 -5.00
N ASP A 6 -0.27 -14.22 1.47
CA ASP A 6 -0.01 -13.45 2.68
C ASP A 6 1.09 -12.43 2.42
N HIS A 7 2.16 -12.89 1.80
CA HIS A 7 3.32 -12.06 1.51
C HIS A 7 2.95 -10.84 0.67
N HIS A 8 2.98 -9.67 1.30
CA HIS A 8 2.75 -8.41 0.58
C HIS A 8 3.72 -8.30 -0.57
N MET A 9 3.25 -7.73 -1.68
CA MET A 9 4.09 -7.52 -2.85
C MET A 9 5.42 -6.90 -2.42
N GLU A 10 6.49 -7.29 -3.08
CA GLU A 10 7.81 -6.76 -2.74
C GLU A 10 8.11 -5.55 -3.61
N PHE A 11 7.03 -4.84 -3.95
CA PHE A 11 7.10 -3.64 -4.74
C PHE A 11 5.71 -3.02 -4.87
N CYS A 12 5.69 -1.70 -4.88
CA CYS A 12 4.48 -0.92 -5.05
C CYS A 12 3.76 -1.32 -6.32
N ARG A 13 2.59 -1.95 -6.17
CA ARG A 13 1.75 -2.39 -7.30
C ARG A 13 1.68 -1.34 -8.41
N VAL A 14 1.75 -0.06 -8.03
CA VAL A 14 1.70 1.03 -9.00
C VAL A 14 3.01 1.14 -9.78
N CYS A 15 4.13 1.15 -9.06
CA CYS A 15 5.43 1.42 -9.68
C CYS A 15 6.20 0.15 -10.05
N LYS A 16 5.91 -0.95 -9.36
CA LYS A 16 6.72 -2.18 -9.42
C LYS A 16 8.07 -1.95 -8.72
N ASP A 17 8.19 -0.77 -8.09
CA ASP A 17 9.34 -0.38 -7.27
C ASP A 17 9.15 -0.89 -5.86
N GLY A 18 10.19 -1.44 -5.26
CA GLY A 18 10.04 -2.04 -3.95
C GLY A 18 10.52 -1.11 -2.88
N GLY A 19 9.96 0.08 -2.84
CA GLY A 19 10.43 1.06 -1.91
C GLY A 19 9.83 0.85 -0.55
N GLU A 20 9.58 1.94 0.13
CA GLU A 20 8.82 1.90 1.34
C GLU A 20 7.37 1.59 0.97
N LEU A 21 6.92 0.36 1.19
CA LEU A 21 5.58 0.00 0.79
C LEU A 21 4.65 -0.03 1.97
N LEU A 22 3.51 0.59 1.77
CA LEU A 22 2.50 0.70 2.77
C LEU A 22 1.72 -0.59 2.74
N CYS A 23 2.01 -1.43 3.70
CA CYS A 23 1.46 -2.76 3.73
C CYS A 23 0.01 -2.71 4.13
N CYS A 24 -0.85 -2.91 3.14
CA CYS A 24 -2.28 -2.92 3.37
C CYS A 24 -2.61 -4.00 4.39
N ASP A 25 -3.19 -3.60 5.50
CA ASP A 25 -3.42 -4.51 6.62
C ASP A 25 -4.43 -5.61 6.28
N THR A 26 -5.24 -5.41 5.23
CA THR A 26 -6.27 -6.39 4.88
C THR A 26 -5.97 -7.17 3.59
N CYS A 27 -4.83 -6.91 2.95
CA CYS A 27 -4.46 -7.66 1.75
C CYS A 27 -2.98 -7.49 1.42
N PRO A 28 -2.38 -8.49 0.75
CA PRO A 28 -0.94 -8.51 0.48
C PRO A 28 -0.53 -7.55 -0.64
N SER A 29 -1.15 -6.39 -0.69
CA SER A 29 -0.81 -5.36 -1.66
C SER A 29 0.10 -4.32 -1.01
N SER A 30 1.08 -3.88 -1.77
CA SER A 30 2.06 -2.93 -1.27
C SER A 30 2.11 -1.72 -2.18
N TYR A 31 2.07 -0.54 -1.58
CA TYR A 31 1.99 0.72 -2.32
C TYR A 31 2.97 1.74 -1.74
N HIS A 32 3.22 2.82 -2.48
CA HIS A 32 3.91 3.97 -1.90
C HIS A 32 2.87 4.96 -1.44
N ILE A 33 3.18 5.74 -0.41
CA ILE A 33 2.27 6.76 0.11
C ILE A 33 1.90 7.81 -0.94
N HIS A 34 2.71 7.92 -1.99
CA HIS A 34 2.46 8.90 -3.04
C HIS A 34 1.72 8.27 -4.22
N CYS A 35 1.51 6.96 -4.18
CA CYS A 35 0.85 6.24 -5.26
C CYS A 35 -0.55 5.86 -4.84
N LEU A 36 -1.01 6.57 -3.82
CA LEU A 36 -2.36 6.46 -3.33
C LEU A 36 -3.20 7.60 -3.84
N ASN A 37 -4.49 7.50 -3.66
CA ASN A 37 -5.39 8.56 -4.08
C ASN A 37 -5.40 9.72 -3.09
N PRO A 38 -5.21 9.48 -1.79
CA PRO A 38 -4.87 10.52 -0.86
C PRO A 38 -3.39 10.41 -0.47
N PRO A 39 -2.49 11.04 -1.25
CA PRO A 39 -1.05 10.95 -1.00
C PRO A 39 -0.65 11.42 0.39
N LEU A 40 0.26 10.69 0.99
CA LEU A 40 0.69 10.92 2.35
C LEU A 40 2.14 11.34 2.40
N PRO A 41 2.51 12.19 3.38
CA PRO A 41 3.90 12.60 3.59
C PRO A 41 4.66 11.60 4.45
N GLU A 42 3.94 10.61 4.97
CA GLU A 42 4.51 9.62 5.85
C GLU A 42 3.56 8.45 6.01
N ILE A 43 4.09 7.30 6.40
CA ILE A 43 3.29 6.13 6.68
C ILE A 43 2.32 6.36 7.84
N PRO A 44 1.05 6.01 7.63
CA PRO A 44 -0.03 6.27 8.59
C PRO A 44 0.08 5.44 9.87
N ASN A 45 -0.44 6.00 10.95
CA ASN A 45 -0.48 5.29 12.22
C ASN A 45 -1.85 4.71 12.44
N GLY A 46 -1.93 3.38 12.56
CA GLY A 46 -3.22 2.73 12.69
C GLY A 46 -3.43 1.68 11.62
N GLU A 47 -4.67 1.53 11.19
CA GLU A 47 -5.04 0.52 10.20
C GLU A 47 -5.18 1.16 8.83
N TRP A 48 -4.19 0.97 7.99
CA TRP A 48 -4.24 1.51 6.65
C TRP A 48 -4.64 0.45 5.65
N LEU A 49 -5.54 0.80 4.77
CA LEU A 49 -5.98 -0.10 3.71
C LEU A 49 -5.68 0.52 2.35
N CYS A 50 -5.34 -0.33 1.40
CA CYS A 50 -5.07 0.13 0.05
C CYS A 50 -6.37 0.60 -0.59
N PRO A 51 -6.28 1.48 -1.60
CA PRO A 51 -7.45 2.15 -2.20
C PRO A 51 -8.52 1.19 -2.73
N ARG A 52 -8.15 -0.07 -2.88
CA ARG A 52 -9.08 -1.10 -3.33
C ARG A 52 -9.90 -1.61 -2.15
N CYS A 53 -9.22 -1.84 -1.03
CA CYS A 53 -9.87 -2.28 0.19
C CYS A 53 -10.69 -1.17 0.83
N THR A 54 -10.36 0.08 0.51
CA THR A 54 -11.06 1.21 1.07
C THR A 54 -12.34 1.51 0.32
N CYS A 55 -12.67 0.65 -0.65
CA CYS A 55 -13.92 0.77 -1.39
C CYS A 55 -15.06 0.15 -0.57
N PRO A 56 -16.02 0.98 -0.17
CA PRO A 56 -17.14 0.52 0.67
C PRO A 56 -18.23 -0.14 -0.16
N ALA A 57 -19.22 -0.71 0.52
CA ALA A 57 -20.33 -1.38 -0.15
C ALA A 57 -21.33 -0.35 -0.65
N LEU A 58 -21.02 0.26 -1.79
CA LEU A 58 -21.91 1.21 -2.42
C LEU A 58 -23.00 0.47 -3.19
N LYS A 59 -24.18 1.10 -3.28
CA LYS A 59 -25.33 0.48 -3.92
C LYS A 59 -25.19 0.49 -5.45
N GLY A 60 -24.46 1.48 -5.95
CA GLY A 60 -24.35 1.67 -7.38
C GLY A 60 -25.40 2.64 -7.89
N LYS A 61 -26.08 2.28 -8.96
CA LYS A 61 -27.08 3.14 -9.55
C LYS A 61 -28.47 2.75 -9.04
N ALA B 1 -0.02 1.50 10.48
CA ALA B 1 0.10 1.07 9.08
C ALA B 1 1.52 0.60 8.82
N ARG B 2 1.63 -0.57 8.22
CA ARG B 2 2.92 -1.25 8.04
C ARG B 2 3.63 -0.73 6.79
N THR B 3 4.96 -0.77 6.81
CA THR B 3 5.75 -0.39 5.64
C THR B 3 6.98 -1.26 5.49
N LYS B 4 7.23 -1.72 4.28
CA LYS B 4 8.44 -2.47 3.97
C LYS B 4 9.43 -1.56 3.26
N GLN B 5 10.65 -2.05 3.09
CA GLN B 5 11.65 -1.34 2.31
C GLN B 5 12.53 -2.37 1.59
N THR B 6 12.15 -2.69 0.37
CA THR B 6 12.81 -3.74 -0.37
C THR B 6 13.52 -3.18 -1.63
N ALA B 7 13.41 -3.85 -2.76
CA ALA B 7 14.12 -3.43 -3.97
C ALA B 7 13.33 -2.42 -4.80
N ARG B 8 13.51 -1.14 -4.52
CA ARG B 8 12.87 -0.09 -5.31
C ARG B 8 13.81 0.35 -6.44
N SER B 10 14.97 2.89 -7.55
CA SER B 10 15.52 4.22 -7.34
C SER B 10 16.93 4.09 -6.78
N THR B 11 17.18 2.99 -6.08
CA THR B 11 18.47 2.72 -5.49
C THR B 11 19.19 1.62 -6.28
N ASP A 6 -0.37 -14.30 1.60
CA ASP A 6 1.04 -14.36 1.95
C ASP A 6 1.56 -12.93 2.13
N HIS A 7 2.87 -12.77 2.29
CA HIS A 7 3.49 -11.44 2.40
C HIS A 7 3.05 -10.56 1.23
N HIS A 8 2.81 -9.28 1.52
CA HIS A 8 2.52 -8.34 0.46
C HIS A 8 3.76 -8.15 -0.41
N MET A 9 3.55 -7.76 -1.67
CA MET A 9 4.61 -7.78 -2.68
C MET A 9 5.84 -6.97 -2.25
N GLU A 10 6.97 -7.30 -2.86
CA GLU A 10 8.24 -6.64 -2.58
C GLU A 10 8.43 -5.43 -3.49
N PHE A 11 7.31 -4.82 -3.86
CA PHE A 11 7.32 -3.61 -4.69
C PHE A 11 5.91 -3.04 -4.83
N CYS A 12 5.86 -1.73 -4.96
CA CYS A 12 4.62 -0.98 -5.16
C CYS A 12 3.92 -1.47 -6.42
N ARG A 13 2.69 -1.94 -6.28
CA ARG A 13 1.92 -2.47 -7.41
C ARG A 13 1.80 -1.44 -8.53
N VAL A 14 1.90 -0.17 -8.17
CA VAL A 14 1.84 0.92 -9.14
C VAL A 14 3.15 1.06 -9.90
N CYS A 15 4.26 1.07 -9.18
CA CYS A 15 5.58 1.34 -9.76
C CYS A 15 6.38 0.08 -10.10
N LYS A 16 6.08 -1.02 -9.42
CA LYS A 16 6.90 -2.22 -9.42
C LYS A 16 8.23 -1.95 -8.69
N ASP A 17 8.27 -0.79 -8.04
CA ASP A 17 9.40 -0.30 -7.27
C ASP A 17 9.28 -0.77 -5.82
N GLY A 18 10.38 -1.22 -5.21
CA GLY A 18 10.26 -1.92 -3.96
C GLY A 18 10.72 -1.07 -2.81
N GLY A 19 10.22 0.14 -2.75
CA GLY A 19 10.59 1.02 -1.68
C GLY A 19 9.87 0.66 -0.42
N GLU A 20 9.49 1.68 0.31
CA GLU A 20 8.61 1.45 1.43
C GLU A 20 7.18 1.26 0.95
N LEU A 21 6.73 0.01 0.96
CA LEU A 21 5.39 -0.29 0.49
C LEU A 21 4.44 -0.43 1.66
N LEU A 22 3.37 0.32 1.59
CA LEU A 22 2.38 0.37 2.61
C LEU A 22 1.63 -0.95 2.66
N CYS A 23 1.90 -1.72 3.68
CA CYS A 23 1.28 -3.02 3.82
C CYS A 23 -0.17 -2.86 4.23
N CYS A 24 -1.06 -2.97 3.25
CA CYS A 24 -2.48 -2.93 3.51
C CYS A 24 -2.84 -3.88 4.65
N ASP A 25 -3.54 -3.35 5.65
CA ASP A 25 -3.84 -4.11 6.87
C ASP A 25 -4.82 -5.26 6.62
N THR A 26 -5.48 -5.29 5.47
CA THR A 26 -6.46 -6.33 5.20
C THR A 26 -6.13 -7.17 3.96
N CYS A 27 -5.07 -6.83 3.23
CA CYS A 27 -4.73 -7.59 2.03
C CYS A 27 -3.27 -7.38 1.65
N PRO A 28 -2.65 -8.39 1.01
CA PRO A 28 -1.24 -8.37 0.62
C PRO A 28 -0.93 -7.45 -0.56
N SER A 29 -1.35 -6.21 -0.47
CA SER A 29 -1.01 -5.21 -1.48
C SER A 29 0.13 -4.31 -0.98
N SER A 30 0.95 -3.84 -1.90
CA SER A 30 2.07 -2.98 -1.57
C SER A 30 2.06 -1.73 -2.44
N TYR A 31 1.98 -0.56 -1.81
CA TYR A 31 1.92 0.71 -2.53
C TYR A 31 2.85 1.71 -1.89
N HIS A 32 3.22 2.75 -2.62
CA HIS A 32 3.88 3.90 -2.01
C HIS A 32 2.80 4.86 -1.53
N ILE A 33 3.08 5.56 -0.44
CA ILE A 33 2.15 6.57 0.08
C ILE A 33 1.84 7.67 -0.96
N HIS A 34 2.63 7.72 -2.01
CA HIS A 34 2.45 8.70 -3.08
C HIS A 34 1.65 8.10 -4.24
N CYS A 35 1.47 6.79 -4.23
CA CYS A 35 0.80 6.10 -5.34
C CYS A 35 -0.59 5.69 -4.93
N LEU A 36 -1.11 6.40 -3.95
CA LEU A 36 -2.45 6.24 -3.47
C LEU A 36 -3.34 7.33 -4.04
N ASN A 37 -4.60 7.33 -3.69
CA ASN A 37 -5.50 8.37 -4.17
C ASN A 37 -5.31 9.63 -3.35
N PRO A 38 -5.45 9.54 -2.02
CA PRO A 38 -5.03 10.59 -1.13
C PRO A 38 -3.63 10.34 -0.59
N PRO A 39 -2.60 10.99 -1.18
CA PRO A 39 -1.20 10.76 -0.83
C PRO A 39 -0.87 11.12 0.62
N LEU A 40 0.12 10.45 1.16
CA LEU A 40 0.55 10.64 2.53
C LEU A 40 2.01 11.06 2.55
N PRO A 41 2.37 12.00 3.43
CA PRO A 41 3.75 12.47 3.59
C PRO A 41 4.61 11.49 4.39
N GLU A 42 3.96 10.48 4.94
CA GLU A 42 4.63 9.43 5.69
C GLU A 42 3.68 8.25 5.86
N ILE A 43 4.23 7.09 6.17
CA ILE A 43 3.46 5.90 6.42
C ILE A 43 2.52 6.08 7.61
N PRO A 44 1.25 5.70 7.44
CA PRO A 44 0.22 5.82 8.47
C PRO A 44 0.56 4.98 9.70
N ASN A 45 0.21 5.48 10.87
CA ASN A 45 0.56 4.81 12.12
C ASN A 45 -0.61 3.97 12.64
N GLY A 46 -1.71 3.98 11.91
CA GLY A 46 -2.88 3.22 12.31
C GLY A 46 -3.25 2.16 11.29
N GLU A 47 -4.54 1.86 11.20
CA GLU A 47 -5.04 0.86 10.27
C GLU A 47 -5.19 1.47 8.88
N TRP A 48 -4.25 1.18 8.02
CA TRP A 48 -4.29 1.67 6.66
C TRP A 48 -4.77 0.60 5.70
N LEU A 49 -5.63 1.00 4.79
CA LEU A 49 -6.14 0.10 3.79
C LEU A 49 -5.83 0.65 2.41
N CYS A 50 -5.56 -0.25 1.48
CA CYS A 50 -5.29 0.13 0.10
C CYS A 50 -6.59 0.65 -0.53
N PRO A 51 -6.49 1.43 -1.63
CA PRO A 51 -7.65 2.10 -2.24
C PRO A 51 -8.74 1.14 -2.73
N ARG A 52 -8.48 -0.16 -2.66
CA ARG A 52 -9.50 -1.16 -2.95
C ARG A 52 -10.29 -1.49 -1.69
N CYS A 53 -9.56 -1.69 -0.60
CA CYS A 53 -10.17 -2.05 0.68
C CYS A 53 -10.85 -0.85 1.33
N THR A 54 -10.53 0.36 0.87
CA THR A 54 -11.08 1.57 1.45
C THR A 54 -12.42 1.94 0.83
N CYS A 55 -12.64 1.50 -0.38
CA CYS A 55 -13.83 1.90 -1.12
C CYS A 55 -14.97 0.92 -0.90
N PRO A 56 -16.17 1.44 -0.59
CA PRO A 56 -17.36 0.62 -0.40
C PRO A 56 -18.04 0.29 -1.72
N ALA A 57 -17.23 -0.02 -2.72
CA ALA A 57 -17.73 -0.32 -4.05
C ALA A 57 -18.18 -1.78 -4.13
N LEU A 58 -19.43 -2.01 -3.76
CA LEU A 58 -20.01 -3.35 -3.79
C LEU A 58 -20.00 -3.91 -5.21
N LYS A 59 -20.58 -3.16 -6.14
CA LYS A 59 -20.62 -3.58 -7.53
C LYS A 59 -19.55 -2.86 -8.34
N GLY A 60 -18.63 -3.63 -8.90
CA GLY A 60 -17.62 -3.07 -9.79
C GLY A 60 -17.98 -3.38 -11.23
N LYS A 61 -18.96 -4.23 -11.39
CA LYS A 61 -19.46 -4.62 -12.70
C LYS A 61 -20.96 -4.79 -12.65
N ALA B 1 -0.77 -0.26 9.26
CA ALA B 1 -0.12 0.41 8.11
C ALA B 1 1.38 0.15 8.14
N ARG B 2 1.74 -1.08 7.83
CA ARG B 2 3.12 -1.52 7.78
C ARG B 2 3.80 -0.97 6.53
N THR B 3 5.12 -1.02 6.47
CA THR B 3 5.83 -0.61 5.27
C THR B 3 7.06 -1.47 5.03
N LYS B 4 7.68 -1.26 3.88
CA LYS B 4 8.86 -2.01 3.46
C LYS B 4 10.01 -1.06 3.17
N GLN B 5 11.03 -1.59 2.49
CA GLN B 5 12.14 -0.81 1.93
C GLN B 5 13.08 -1.81 1.25
N THR B 6 12.52 -2.58 0.33
CA THR B 6 13.14 -3.81 -0.12
C THR B 6 14.07 -3.62 -1.34
N ALA B 7 13.53 -3.15 -2.45
CA ALA B 7 14.28 -3.07 -3.70
C ALA B 7 13.63 -2.06 -4.63
N ARG B 8 13.73 -0.79 -4.28
CA ARG B 8 13.09 0.26 -5.05
C ARG B 8 14.01 0.73 -6.18
N SER B 10 15.52 3.48 -7.49
CA SER B 10 16.11 4.81 -7.43
C SER B 10 17.14 4.98 -8.54
N THR B 11 16.69 4.75 -9.78
CA THR B 11 17.57 4.81 -10.94
C THR B 11 16.74 4.72 -12.22
N ASP A 6 -2.23 -13.52 -0.95
CA ASP A 6 -1.97 -13.56 0.49
C ASP A 6 -0.50 -13.29 0.82
N HIS A 7 0.18 -12.59 -0.07
CA HIS A 7 1.56 -12.19 0.15
C HIS A 7 1.77 -10.79 -0.41
N HIS A 8 2.07 -9.83 0.46
CA HIS A 8 2.29 -8.45 0.02
C HIS A 8 3.42 -8.41 -0.99
N MET A 9 3.19 -7.78 -2.12
CA MET A 9 4.19 -7.72 -3.18
C MET A 9 5.42 -6.97 -2.72
N GLU A 10 6.58 -7.42 -3.16
CA GLU A 10 7.84 -6.84 -2.76
C GLU A 10 8.18 -5.60 -3.58
N PHE A 11 7.14 -4.86 -3.93
CA PHE A 11 7.25 -3.63 -4.67
C PHE A 11 5.87 -2.99 -4.88
N CYS A 12 5.87 -1.66 -4.91
CA CYS A 12 4.67 -0.85 -5.14
C CYS A 12 3.96 -1.31 -6.41
N ARG A 13 2.74 -1.78 -6.26
CA ARG A 13 1.93 -2.27 -7.37
C ARG A 13 1.88 -1.26 -8.51
N VAL A 14 1.96 0.01 -8.17
CA VAL A 14 1.94 1.09 -9.15
C VAL A 14 3.27 1.17 -9.90
N CYS A 15 4.37 1.20 -9.17
CA CYS A 15 5.68 1.43 -9.76
C CYS A 15 6.46 0.16 -10.09
N LYS A 16 6.08 -0.94 -9.44
CA LYS A 16 6.85 -2.18 -9.43
C LYS A 16 8.22 -1.93 -8.78
N ASP A 17 8.22 -0.89 -7.95
CA ASP A 17 9.38 -0.40 -7.19
C ASP A 17 9.26 -0.82 -5.72
N GLY A 18 10.33 -1.35 -5.12
CA GLY A 18 10.18 -1.94 -3.81
C GLY A 18 10.66 -1.03 -2.72
N GLY A 19 10.22 0.21 -2.74
CA GLY A 19 10.66 1.15 -1.74
C GLY A 19 9.99 0.93 -0.42
N GLU A 20 9.74 2.01 0.27
CA GLU A 20 8.94 1.98 1.48
C GLU A 20 7.48 1.75 1.09
N LEU A 21 7.00 0.54 1.31
CA LEU A 21 5.69 0.13 0.80
C LEU A 21 4.71 -0.09 1.93
N LEU A 22 3.52 0.41 1.72
CA LEU A 22 2.49 0.40 2.71
C LEU A 22 1.86 -0.98 2.75
N CYS A 23 2.17 -1.73 3.79
CA CYS A 23 1.71 -3.10 3.92
C CYS A 23 0.23 -3.12 4.32
N CYS A 24 -0.66 -3.11 3.30
CA CYS A 24 -2.10 -2.99 3.53
C CYS A 24 -2.56 -3.94 4.62
N ASP A 25 -3.23 -3.38 5.64
CA ASP A 25 -3.63 -4.12 6.83
C ASP A 25 -4.59 -5.26 6.52
N THR A 26 -5.32 -5.20 5.41
CA THR A 26 -6.32 -6.22 5.13
C THR A 26 -6.03 -7.05 3.88
N CYS A 27 -4.97 -6.74 3.14
CA CYS A 27 -4.70 -7.48 1.91
C CYS A 27 -3.25 -7.32 1.48
N PRO A 28 -2.75 -8.26 0.66
CA PRO A 28 -1.35 -8.31 0.21
C PRO A 28 -0.97 -7.26 -0.84
N SER A 29 -1.47 -6.05 -0.70
CA SER A 29 -1.13 -4.98 -1.61
C SER A 29 -0.09 -4.07 -0.98
N SER A 30 0.91 -3.69 -1.76
CA SER A 30 1.96 -2.80 -1.29
C SER A 30 2.11 -1.63 -2.25
N TYR A 31 2.16 -0.44 -1.69
CA TYR A 31 2.11 0.81 -2.46
C TYR A 31 3.06 1.83 -1.85
N HIS A 32 3.37 2.87 -2.61
CA HIS A 32 4.03 4.04 -2.04
C HIS A 32 2.94 4.99 -1.56
N ILE A 33 3.24 5.77 -0.53
CA ILE A 33 2.28 6.71 0.04
C ILE A 33 1.81 7.77 -0.96
N HIS A 34 2.58 8.00 -2.02
CA HIS A 34 2.19 8.97 -3.04
C HIS A 34 1.60 8.29 -4.27
N CYS A 35 1.55 6.96 -4.26
CA CYS A 35 0.94 6.22 -5.37
C CYS A 35 -0.44 5.75 -4.98
N LEU A 36 -0.97 6.43 -3.97
CA LEU A 36 -2.30 6.15 -3.48
C LEU A 36 -3.29 7.16 -4.03
N ASN A 37 -4.54 7.03 -3.63
CA ASN A 37 -5.57 7.97 -4.05
C ASN A 37 -5.49 9.23 -3.24
N PRO A 38 -5.57 9.13 -1.91
CA PRO A 38 -5.22 10.22 -1.03
C PRO A 38 -3.76 10.10 -0.56
N PRO A 39 -2.84 10.81 -1.21
CA PRO A 39 -1.40 10.69 -0.94
C PRO A 39 -1.03 11.11 0.48
N LEU A 40 -0.03 10.43 1.01
CA LEU A 40 0.41 10.64 2.37
C LEU A 40 1.82 11.18 2.40
N PRO A 41 2.10 12.12 3.33
CA PRO A 41 3.44 12.69 3.51
C PRO A 41 4.37 11.72 4.22
N GLU A 42 3.79 10.68 4.82
CA GLU A 42 4.54 9.66 5.53
C GLU A 42 3.62 8.49 5.86
N ILE A 43 4.24 7.35 6.16
CA ILE A 43 3.52 6.13 6.49
C ILE A 43 2.56 6.32 7.67
N PRO A 44 1.31 5.87 7.51
CA PRO A 44 0.25 6.02 8.51
C PRO A 44 0.48 5.19 9.76
N ASN A 45 0.13 5.76 10.90
CA ASN A 45 0.17 5.04 12.16
C ASN A 45 -1.24 4.58 12.52
N GLY A 46 -1.47 3.28 12.47
CA GLY A 46 -2.79 2.73 12.73
C GLY A 46 -3.19 1.71 11.69
N GLU A 47 -4.45 1.74 11.27
CA GLU A 47 -4.95 0.80 10.28
C GLU A 47 -5.00 1.46 8.91
N TRP A 48 -4.06 1.12 8.05
CA TRP A 48 -4.08 1.67 6.71
C TRP A 48 -4.60 0.64 5.72
N LEU A 49 -5.49 1.08 4.86
CA LEU A 49 -6.01 0.22 3.82
C LEU A 49 -5.70 0.80 2.45
N CYS A 50 -5.36 -0.08 1.53
CA CYS A 50 -5.07 0.32 0.17
C CYS A 50 -6.36 0.81 -0.49
N PRO A 51 -6.27 1.59 -1.58
CA PRO A 51 -7.44 2.15 -2.27
C PRO A 51 -8.40 1.10 -2.82
N ARG A 52 -8.01 -0.16 -2.72
CA ARG A 52 -8.87 -1.26 -3.11
C ARG A 52 -9.75 -1.68 -1.92
N CYS A 53 -9.17 -1.55 -0.72
CA CYS A 53 -9.86 -1.93 0.51
C CYS A 53 -10.68 -0.77 1.10
N THR A 54 -10.42 0.44 0.64
CA THR A 54 -11.08 1.61 1.19
C THR A 54 -12.54 1.69 0.80
N CYS A 55 -12.89 0.96 -0.24
CA CYS A 55 -14.26 0.86 -0.71
C CYS A 55 -14.91 -0.43 -0.20
N PRO A 56 -16.13 -0.35 0.33
CA PRO A 56 -16.84 -1.50 0.90
C PRO A 56 -17.29 -2.51 -0.18
N ALA A 57 -16.33 -3.19 -0.78
CA ALA A 57 -16.61 -4.24 -1.73
C ALA A 57 -16.74 -5.58 -1.01
N LEU A 58 -17.76 -5.67 -0.17
CA LEU A 58 -17.97 -6.84 0.69
C LEU A 58 -18.51 -8.03 -0.11
N LYS A 59 -19.21 -7.75 -1.20
CA LYS A 59 -19.83 -8.80 -1.99
C LYS A 59 -18.85 -9.36 -3.01
N GLY A 60 -17.61 -9.52 -2.59
CA GLY A 60 -16.59 -10.11 -3.44
C GLY A 60 -16.08 -11.41 -2.86
N LYS A 61 -15.90 -12.41 -3.70
CA LYS A 61 -15.47 -13.72 -3.24
C LYS A 61 -14.29 -14.21 -4.07
N ALA B 1 -0.43 0.15 9.71
CA ALA B 1 -0.29 0.47 8.27
C ALA B 1 0.93 -0.27 7.71
N ARG B 2 2.05 -0.25 8.46
CA ARG B 2 3.22 -1.08 8.14
C ARG B 2 3.87 -0.69 6.82
N THR B 3 5.19 -0.55 6.82
CA THR B 3 5.90 -0.31 5.58
C THR B 3 7.04 -1.29 5.36
N LYS B 4 7.05 -1.88 4.18
CA LYS B 4 8.16 -2.68 3.72
C LYS B 4 9.21 -1.76 3.15
N GLN B 5 10.43 -2.25 3.02
CA GLN B 5 11.49 -1.48 2.38
C GLN B 5 12.46 -2.44 1.69
N THR B 6 12.12 -2.82 0.48
CA THR B 6 12.84 -3.84 -0.25
C THR B 6 13.61 -3.22 -1.43
N ALA B 7 13.66 -3.91 -2.57
CA ALA B 7 14.38 -3.42 -3.74
C ALA B 7 13.57 -2.41 -4.54
N ARG B 8 13.79 -1.13 -4.30
CA ARG B 8 13.12 -0.10 -5.08
C ARG B 8 13.99 0.32 -6.26
N SER B 10 13.39 3.61 -7.65
CA SER B 10 13.41 5.06 -7.59
C SER B 10 14.45 5.56 -6.60
N THR B 11 15.70 5.21 -6.84
CA THR B 11 16.80 5.70 -6.03
C THR B 11 17.03 7.18 -6.34
N ASP A 6 0.21 -10.99 5.06
CA ASP A 6 1.21 -10.39 5.93
C ASP A 6 2.46 -9.97 5.16
N HIS A 7 3.05 -10.92 4.43
CA HIS A 7 4.24 -10.65 3.65
C HIS A 7 3.88 -10.12 2.26
N HIS A 8 3.33 -8.91 2.24
CA HIS A 8 2.90 -8.29 0.98
C HIS A 8 4.07 -8.10 0.00
N MET A 9 3.75 -7.75 -1.24
CA MET A 9 4.72 -7.80 -2.35
C MET A 9 5.97 -6.94 -2.09
N GLU A 10 6.98 -7.20 -2.90
CA GLU A 10 8.31 -6.60 -2.78
C GLU A 10 8.44 -5.34 -3.61
N PHE A 11 7.32 -4.81 -4.04
CA PHE A 11 7.29 -3.55 -4.74
C PHE A 11 5.87 -3.06 -4.90
N CYS A 12 5.74 -1.76 -4.93
CA CYS A 12 4.45 -1.09 -4.96
C CYS A 12 3.76 -1.33 -6.30
N ARG A 13 2.64 -2.04 -6.24
CA ARG A 13 1.88 -2.49 -7.42
C ARG A 13 1.69 -1.38 -8.45
N VAL A 14 1.59 -0.14 -7.99
CA VAL A 14 1.33 0.99 -8.88
C VAL A 14 2.48 1.22 -9.83
N CYS A 15 3.71 1.20 -9.31
CA CYS A 15 4.84 1.61 -10.10
C CYS A 15 5.88 0.50 -10.28
N LYS A 16 5.79 -0.51 -9.40
CA LYS A 16 6.67 -1.70 -9.41
C LYS A 16 8.01 -1.45 -8.73
N ASP A 17 8.14 -0.29 -8.08
CA ASP A 17 9.34 0.08 -7.31
C ASP A 17 9.19 -0.52 -5.92
N GLY A 18 10.27 -1.05 -5.36
CA GLY A 18 10.16 -1.76 -4.10
C GLY A 18 10.54 -0.89 -2.94
N GLY A 19 9.92 0.25 -2.85
CA GLY A 19 10.28 1.19 -1.83
C GLY A 19 9.61 0.87 -0.54
N GLU A 20 9.22 1.89 0.17
CA GLU A 20 8.45 1.70 1.38
C GLU A 20 7.02 1.40 0.99
N LEU A 21 6.65 0.13 1.08
CA LEU A 21 5.33 -0.30 0.65
C LEU A 21 4.40 -0.40 1.82
N LEU A 22 3.37 0.41 1.76
CA LEU A 22 2.35 0.48 2.76
C LEU A 22 1.60 -0.83 2.76
N CYS A 23 1.80 -1.61 3.82
CA CYS A 23 1.20 -2.91 3.90
C CYS A 23 -0.26 -2.78 4.26
N CYS A 24 -1.11 -2.88 3.25
CA CYS A 24 -2.54 -2.90 3.47
C CYS A 24 -2.88 -3.91 4.56
N ASP A 25 -3.54 -3.44 5.60
CA ASP A 25 -3.80 -4.25 6.78
C ASP A 25 -4.72 -5.43 6.48
N THR A 26 -5.50 -5.35 5.40
CA THR A 26 -6.44 -6.41 5.08
C THR A 26 -5.98 -7.31 3.92
N CYS A 27 -5.02 -6.86 3.12
CA CYS A 27 -4.62 -7.63 1.95
C CYS A 27 -3.16 -7.35 1.58
N PRO A 28 -2.51 -8.30 0.89
CA PRO A 28 -1.08 -8.25 0.58
C PRO A 28 -0.72 -7.28 -0.56
N SER A 29 -1.35 -6.12 -0.57
CA SER A 29 -1.07 -5.12 -1.59
C SER A 29 0.00 -4.15 -1.09
N SER A 30 1.06 -4.02 -1.87
CA SER A 30 2.15 -3.12 -1.53
C SER A 30 2.03 -1.84 -2.36
N TYR A 31 1.95 -0.70 -1.67
CA TYR A 31 1.76 0.59 -2.33
C TYR A 31 2.68 1.63 -1.70
N HIS A 32 3.00 2.65 -2.47
CA HIS A 32 3.72 3.79 -1.92
C HIS A 32 2.73 4.81 -1.39
N ILE A 33 3.10 5.50 -0.33
CA ILE A 33 2.33 6.65 0.14
C ILE A 33 2.27 7.74 -0.94
N HIS A 34 3.14 7.60 -1.94
CA HIS A 34 3.23 8.55 -3.05
C HIS A 34 2.43 8.06 -4.25
N CYS A 35 2.13 6.78 -4.30
CA CYS A 35 1.43 6.19 -5.45
C CYS A 35 -0.03 5.94 -5.11
N LEU A 36 -0.45 6.48 -3.98
CA LEU A 36 -1.81 6.33 -3.54
C LEU A 36 -2.68 7.43 -4.12
N ASN A 37 -3.97 7.35 -3.88
CA ASN A 37 -4.88 8.36 -4.38
C ASN A 37 -4.83 9.60 -3.51
N PRO A 38 -4.86 9.44 -2.19
CA PRO A 38 -4.53 10.50 -1.27
C PRO A 38 -3.12 10.32 -0.70
N PRO A 39 -2.10 10.86 -1.38
CA PRO A 39 -0.69 10.71 -0.96
C PRO A 39 -0.45 11.12 0.48
N LEU A 40 0.49 10.43 1.10
CA LEU A 40 0.84 10.64 2.49
C LEU A 40 2.31 11.01 2.60
N PRO A 41 2.64 11.95 3.49
CA PRO A 41 4.03 12.37 3.74
C PRO A 41 4.81 11.30 4.48
N GLU A 42 4.10 10.35 5.06
CA GLU A 42 4.70 9.29 5.84
C GLU A 42 3.68 8.18 6.04
N ILE A 43 4.17 7.01 6.40
CA ILE A 43 3.33 5.85 6.66
C ILE A 43 2.34 6.12 7.80
N PRO A 44 1.04 5.83 7.54
CA PRO A 44 -0.06 6.15 8.46
C PRO A 44 0.06 5.49 9.83
N ASN A 45 -0.66 6.05 10.80
CA ASN A 45 -0.49 5.72 12.21
C ASN A 45 -1.21 4.43 12.59
N GLY A 46 -2.27 4.10 11.86
CA GLY A 46 -3.06 2.93 12.21
C GLY A 46 -3.42 2.08 11.01
N GLU A 47 -4.60 1.48 11.07
CA GLU A 47 -5.11 0.59 10.05
C GLU A 47 -5.18 1.29 8.70
N TRP A 48 -4.22 1.04 7.85
CA TRP A 48 -4.25 1.58 6.51
C TRP A 48 -4.71 0.52 5.53
N LEU A 49 -5.59 0.91 4.65
CA LEU A 49 -6.09 0.02 3.62
C LEU A 49 -5.78 0.56 2.24
N CYS A 50 -5.50 -0.35 1.32
CA CYS A 50 -5.22 0.03 -0.05
C CYS A 50 -6.53 0.52 -0.68
N PRO A 51 -6.43 1.27 -1.79
CA PRO A 51 -7.59 1.88 -2.47
C PRO A 51 -8.68 0.88 -2.87
N ARG A 52 -8.35 -0.41 -2.87
CA ARG A 52 -9.33 -1.44 -3.19
C ARG A 52 -10.09 -1.87 -1.95
N CYS A 53 -9.43 -1.81 -0.82
CA CYS A 53 -10.05 -2.19 0.45
C CYS A 53 -10.75 -1.00 1.09
N THR A 54 -10.42 0.21 0.64
CA THR A 54 -11.07 1.42 1.14
C THR A 54 -12.44 1.62 0.50
N CYS A 55 -12.75 0.75 -0.46
CA CYS A 55 -14.04 0.78 -1.13
C CYS A 55 -15.10 0.18 -0.21
N PRO A 56 -16.37 0.62 -0.36
CA PRO A 56 -17.49 0.09 0.42
C PRO A 56 -17.79 -1.37 0.10
N ALA A 57 -17.03 -2.26 0.70
CA ALA A 57 -17.19 -3.68 0.49
C ALA A 57 -18.25 -4.25 1.43
N LEU A 58 -19.20 -4.96 0.88
CA LEU A 58 -20.27 -5.55 1.67
C LEU A 58 -19.88 -6.96 2.10
N LYS A 59 -19.76 -7.17 3.40
CA LYS A 59 -19.41 -8.48 3.92
C LYS A 59 -20.67 -9.29 4.22
N GLY A 60 -20.75 -10.46 3.61
CA GLY A 60 -21.88 -11.33 3.82
C GLY A 60 -21.69 -12.65 3.11
N LYS A 61 -21.39 -12.57 1.82
CA LYS A 61 -21.08 -13.75 1.03
C LYS A 61 -20.31 -13.34 -0.22
N ALA B 1 0.08 1.82 10.54
CA ALA B 1 0.09 1.20 9.20
C ALA B 1 1.48 0.64 8.90
N ARG B 2 1.50 -0.53 8.29
CA ARG B 2 2.73 -1.31 8.09
C ARG B 2 3.43 -0.90 6.80
N THR B 3 4.73 -1.16 6.71
CA THR B 3 5.48 -0.84 5.49
C THR B 3 6.62 -1.84 5.27
N LYS B 4 7.10 -1.92 4.02
CA LYS B 4 8.30 -2.68 3.70
C LYS B 4 9.27 -1.78 2.98
N GLN B 5 10.51 -2.20 2.91
CA GLN B 5 11.55 -1.48 2.18
C GLN B 5 12.50 -2.50 1.56
N THR B 6 12.39 -2.68 0.26
CA THR B 6 13.06 -3.80 -0.40
C THR B 6 14.02 -3.33 -1.51
N ALA B 7 13.48 -2.82 -2.62
CA ALA B 7 14.30 -2.42 -3.76
C ALA B 7 13.47 -1.58 -4.73
N ARG B 8 13.44 -0.27 -4.51
CA ARG B 8 12.68 0.62 -5.38
C ARG B 8 13.58 1.15 -6.49
N SER B 10 14.42 3.24 -10.20
CA SER B 10 14.17 4.61 -10.60
C SER B 10 14.02 4.70 -12.12
N THR B 11 12.82 5.08 -12.56
CA THR B 11 12.50 5.15 -13.98
C THR B 11 12.65 3.77 -14.63
N ASP A 6 1.69 -15.17 3.67
CA ASP A 6 3.12 -14.96 3.75
C ASP A 6 3.47 -13.50 3.96
N HIS A 7 3.19 -12.69 2.94
CA HIS A 7 3.63 -11.29 2.92
C HIS A 7 2.93 -10.54 1.79
N HIS A 8 3.08 -9.23 1.78
CA HIS A 8 2.63 -8.44 0.64
C HIS A 8 3.80 -8.21 -0.32
N MET A 9 3.51 -7.83 -1.56
CA MET A 9 4.52 -7.84 -2.64
C MET A 9 5.79 -7.05 -2.28
N GLU A 10 6.86 -7.37 -2.99
CA GLU A 10 8.18 -6.76 -2.76
C GLU A 10 8.39 -5.54 -3.65
N PHE A 11 7.30 -4.96 -4.09
CA PHE A 11 7.31 -3.69 -4.80
C PHE A 11 5.91 -3.13 -4.89
N CYS A 12 5.86 -1.83 -4.87
CA CYS A 12 4.62 -1.09 -4.97
C CYS A 12 3.95 -1.33 -6.31
N ARG A 13 2.80 -2.00 -6.25
CA ARG A 13 2.08 -2.46 -7.44
C ARG A 13 1.92 -1.36 -8.50
N VAL A 14 1.83 -0.12 -8.05
CA VAL A 14 1.58 1.00 -8.94
C VAL A 14 2.76 1.25 -9.87
N CYS A 15 3.97 1.18 -9.32
CA CYS A 15 5.13 1.58 -10.08
C CYS A 15 6.19 0.48 -10.20
N LYS A 16 5.99 -0.59 -9.43
CA LYS A 16 6.86 -1.77 -9.43
C LYS A 16 8.19 -1.52 -8.68
N ASP A 17 8.26 -0.39 -8.01
CA ASP A 17 9.41 -0.04 -7.16
C ASP A 17 9.22 -0.65 -5.79
N GLY A 18 10.28 -1.24 -5.24
CA GLY A 18 10.15 -1.93 -3.98
C GLY A 18 10.57 -1.05 -2.84
N GLY A 19 9.98 0.12 -2.76
CA GLY A 19 10.36 1.05 -1.74
C GLY A 19 9.66 0.80 -0.45
N GLU A 20 9.29 1.86 0.20
CA GLU A 20 8.49 1.76 1.39
C GLU A 20 7.06 1.42 0.97
N LEU A 21 6.66 0.16 1.12
CA LEU A 21 5.34 -0.26 0.68
C LEU A 21 4.39 -0.35 1.83
N LEU A 22 3.35 0.45 1.73
CA LEU A 22 2.29 0.49 2.69
C LEU A 22 1.56 -0.83 2.66
N CYS A 23 1.76 -1.60 3.71
CA CYS A 23 1.21 -2.94 3.77
C CYS A 23 -0.25 -2.89 4.15
N CYS A 24 -1.12 -2.90 3.14
CA CYS A 24 -2.55 -2.94 3.37
C CYS A 24 -2.87 -3.99 4.42
N ASP A 25 -3.35 -3.53 5.57
CA ASP A 25 -3.52 -4.39 6.73
C ASP A 25 -4.57 -5.48 6.51
N THR A 26 -5.31 -5.42 5.42
CA THR A 26 -6.34 -6.44 5.17
C THR A 26 -6.05 -7.28 3.91
N CYS A 27 -5.02 -6.93 3.15
CA CYS A 27 -4.70 -7.69 1.94
C CYS A 27 -3.24 -7.44 1.53
N PRO A 28 -2.61 -8.45 0.91
CA PRO A 28 -1.19 -8.41 0.55
C PRO A 28 -0.87 -7.46 -0.60
N SER A 29 -1.36 -6.23 -0.53
CA SER A 29 -1.05 -5.23 -1.52
C SER A 29 0.05 -4.28 -1.02
N SER A 30 0.99 -3.96 -1.88
CA SER A 30 2.10 -3.08 -1.54
C SER A 30 2.06 -1.80 -2.38
N TYR A 31 1.98 -0.65 -1.71
CA TYR A 31 1.84 0.63 -2.39
C TYR A 31 2.75 1.68 -1.76
N HIS A 32 3.10 2.70 -2.52
CA HIS A 32 3.79 3.85 -1.95
C HIS A 32 2.75 4.85 -1.48
N ILE A 33 3.05 5.57 -0.41
CA ILE A 33 2.20 6.67 0.04
C ILE A 33 2.03 7.74 -1.04
N HIS A 34 2.94 7.75 -2.03
CA HIS A 34 2.87 8.73 -3.11
C HIS A 34 2.26 8.13 -4.38
N CYS A 35 2.10 6.81 -4.41
CA CYS A 35 1.49 6.15 -5.57
C CYS A 35 0.04 5.83 -5.27
N LEU A 36 -0.43 6.34 -4.13
CA LEU A 36 -1.80 6.13 -3.71
C LEU A 36 -2.71 7.17 -4.34
N ASN A 37 -3.97 7.15 -3.97
CA ASN A 37 -4.92 8.14 -4.45
C ASN A 37 -4.84 9.39 -3.60
N PRO A 38 -5.01 9.28 -2.28
CA PRO A 38 -4.73 10.36 -1.36
C PRO A 38 -3.32 10.24 -0.78
N PRO A 39 -2.34 10.94 -1.37
CA PRO A 39 -0.95 10.85 -0.94
C PRO A 39 -0.73 11.26 0.51
N LEU A 40 0.25 10.62 1.12
CA LEU A 40 0.54 10.81 2.53
C LEU A 40 1.96 11.31 2.73
N PRO A 41 2.18 12.17 3.74
CA PRO A 41 3.51 12.70 4.06
C PRO A 41 4.42 11.63 4.64
N GLU A 42 3.81 10.53 5.05
CA GLU A 42 4.52 9.38 5.62
C GLU A 42 3.53 8.26 5.87
N ILE A 43 4.07 7.08 6.19
CA ILE A 43 3.26 5.92 6.48
C ILE A 43 2.27 6.18 7.63
N PRO A 44 1.00 5.81 7.43
CA PRO A 44 -0.08 6.03 8.41
C PRO A 44 0.15 5.26 9.70
N ASN A 45 -0.31 5.82 10.82
CA ASN A 45 -0.06 5.24 12.14
C ASN A 45 -1.15 4.24 12.53
N GLY A 46 -2.31 4.36 11.90
CA GLY A 46 -3.40 3.45 12.19
C GLY A 46 -3.45 2.30 11.20
N GLU A 47 -4.61 1.68 11.07
CA GLU A 47 -4.79 0.60 10.14
C GLU A 47 -5.09 1.15 8.75
N TRP A 48 -4.17 0.97 7.84
CA TRP A 48 -4.29 1.53 6.51
C TRP A 48 -4.76 0.47 5.53
N LEU A 49 -5.69 0.84 4.69
CA LEU A 49 -6.19 -0.06 3.67
C LEU A 49 -5.91 0.51 2.29
N CYS A 50 -5.59 -0.39 1.37
CA CYS A 50 -5.28 0.00 0.01
C CYS A 50 -6.51 0.57 -0.68
N PRO A 51 -6.35 1.31 -1.80
CA PRO A 51 -7.46 1.94 -2.52
C PRO A 51 -8.72 1.09 -2.61
N ARG A 52 -8.56 -0.22 -2.75
CA ARG A 52 -9.68 -1.13 -2.91
C ARG A 52 -10.35 -1.41 -1.57
N CYS A 53 -9.55 -1.75 -0.57
CA CYS A 53 -10.07 -2.09 0.75
C CYS A 53 -10.58 -0.86 1.50
N THR A 54 -10.12 0.32 1.09
CA THR A 54 -10.52 1.56 1.74
C THR A 54 -11.86 2.05 1.19
N CYS A 55 -12.39 1.32 0.21
CA CYS A 55 -13.70 1.62 -0.36
C CYS A 55 -14.75 0.69 0.24
N PRO A 56 -15.98 1.19 0.44
CA PRO A 56 -17.08 0.41 1.00
C PRO A 56 -17.76 -0.47 -0.05
N ALA A 57 -17.29 -0.37 -1.29
CA ALA A 57 -17.85 -1.15 -2.39
C ALA A 57 -17.09 -2.45 -2.57
N LEU A 58 -17.40 -3.43 -1.73
CA LEU A 58 -16.74 -4.73 -1.78
C LEU A 58 -17.38 -5.57 -2.89
N LYS A 59 -18.69 -5.58 -2.92
CA LYS A 59 -19.43 -6.35 -3.91
C LYS A 59 -19.41 -5.67 -5.28
N GLY A 60 -18.70 -6.27 -6.22
CA GLY A 60 -18.67 -5.75 -7.56
C GLY A 60 -17.28 -5.78 -8.17
N LYS A 61 -16.36 -5.09 -7.54
CA LYS A 61 -15.00 -5.02 -8.03
C LYS A 61 -14.03 -5.27 -6.88
N ALA B 1 -0.64 0.32 9.70
CA ALA B 1 -0.58 0.59 8.25
C ALA B 1 0.62 -0.14 7.64
N ARG B 2 1.76 -0.13 8.34
CA ARG B 2 2.87 -1.05 8.04
C ARG B 2 3.58 -0.72 6.72
N THR B 3 4.89 -0.93 6.67
CA THR B 3 5.68 -0.62 5.47
C THR B 3 6.95 -1.45 5.39
N LYS B 4 7.36 -1.76 4.15
CA LYS B 4 8.66 -2.39 3.91
C LYS B 4 9.60 -1.37 3.31
N GLN B 5 10.73 -1.85 2.82
CA GLN B 5 11.63 -1.05 2.01
C GLN B 5 12.65 -1.96 1.35
N THR B 6 12.19 -2.66 0.31
CA THR B 6 12.93 -3.75 -0.30
C THR B 6 13.85 -3.26 -1.44
N ALA B 7 13.40 -3.34 -2.68
CA ALA B 7 14.22 -2.95 -3.82
C ALA B 7 13.46 -2.00 -4.74
N ARG B 8 13.54 -0.70 -4.45
CA ARG B 8 12.88 0.29 -5.28
C ARG B 8 13.84 0.79 -6.34
N SER B 10 14.94 3.44 -7.41
CA SER B 10 15.47 4.80 -7.23
C SER B 10 16.85 4.91 -7.86
N THR B 11 17.41 3.77 -8.22
CA THR B 11 18.68 3.71 -8.91
C THR B 11 18.44 3.23 -10.34
N ASP A 6 -0.24 -14.11 -0.47
CA ASP A 6 -0.51 -13.14 0.58
C ASP A 6 0.70 -12.99 1.52
N HIS A 7 1.55 -12.03 1.20
CA HIS A 7 2.66 -11.67 2.08
C HIS A 7 2.92 -10.16 1.98
N HIS A 8 2.06 -9.47 1.25
CA HIS A 8 2.26 -8.06 0.90
C HIS A 8 3.48 -7.91 0.01
N MET A 9 3.22 -7.55 -1.25
CA MET A 9 4.22 -7.64 -2.32
C MET A 9 5.49 -6.85 -2.00
N GLU A 10 6.53 -7.15 -2.76
CA GLU A 10 7.86 -6.60 -2.55
C GLU A 10 8.13 -5.44 -3.50
N PHE A 11 7.06 -4.80 -3.96
CA PHE A 11 7.16 -3.60 -4.76
C PHE A 11 5.80 -2.95 -4.94
N CYS A 12 5.81 -1.63 -5.00
CA CYS A 12 4.63 -0.81 -5.20
C CYS A 12 3.89 -1.26 -6.45
N ARG A 13 2.66 -1.75 -6.29
CA ARG A 13 1.85 -2.23 -7.40
C ARG A 13 1.78 -1.21 -8.54
N VAL A 14 1.93 0.07 -8.18
CA VAL A 14 1.94 1.16 -9.15
C VAL A 14 3.28 1.24 -9.90
N CYS A 15 4.37 1.29 -9.15
CA CYS A 15 5.70 1.51 -9.75
C CYS A 15 6.47 0.21 -9.99
N LYS A 16 6.05 -0.84 -9.31
CA LYS A 16 6.82 -2.06 -9.13
C LYS A 16 8.24 -1.81 -8.62
N ASP A 17 8.40 -0.66 -7.97
CA ASP A 17 9.59 -0.31 -7.21
C ASP A 17 9.43 -0.84 -5.80
N GLY A 18 10.48 -1.42 -5.26
CA GLY A 18 10.38 -2.00 -3.93
C GLY A 18 10.79 -1.00 -2.88
N GLY A 19 10.10 0.11 -2.83
CA GLY A 19 10.41 1.11 -1.84
C GLY A 19 9.66 0.84 -0.57
N GLU A 20 9.27 1.89 0.12
CA GLU A 20 8.36 1.71 1.24
C GLU A 20 6.96 1.44 0.75
N LEU A 21 6.55 0.19 0.86
CA LEU A 21 5.22 -0.16 0.45
C LEU A 21 4.32 -0.24 1.66
N LEU A 22 3.29 0.55 1.64
CA LEU A 22 2.35 0.64 2.71
C LEU A 22 1.62 -0.68 2.82
N CYS A 23 1.77 -1.33 3.96
CA CYS A 23 1.22 -2.66 4.12
C CYS A 23 -0.27 -2.61 4.44
N CYS A 24 -1.08 -2.75 3.41
CA CYS A 24 -2.52 -2.89 3.59
C CYS A 24 -2.78 -4.02 4.57
N ASP A 25 -3.49 -3.72 5.64
CA ASP A 25 -3.73 -4.70 6.69
C ASP A 25 -4.64 -5.84 6.23
N THR A 26 -5.53 -5.58 5.28
CA THR A 26 -6.51 -6.60 4.88
C THR A 26 -6.09 -7.37 3.62
N CYS A 27 -5.03 -6.95 2.95
CA CYS A 27 -4.62 -7.63 1.73
C CYS A 27 -3.16 -7.33 1.39
N PRO A 28 -2.51 -8.18 0.58
CA PRO A 28 -1.07 -8.10 0.31
C PRO A 28 -0.70 -7.02 -0.71
N SER A 29 -1.44 -5.92 -0.72
CA SER A 29 -1.22 -4.85 -1.68
C SER A 29 -0.12 -3.91 -1.18
N SER A 30 0.85 -3.65 -2.03
CA SER A 30 1.98 -2.80 -1.68
C SER A 30 2.00 -1.53 -2.52
N TYR A 31 1.95 -0.38 -1.87
CA TYR A 31 1.93 0.90 -2.56
C TYR A 31 2.87 1.88 -1.88
N HIS A 32 3.41 2.84 -2.62
CA HIS A 32 4.11 3.95 -1.98
C HIS A 32 3.04 4.88 -1.44
N ILE A 33 3.33 5.54 -0.32
CA ILE A 33 2.38 6.49 0.26
C ILE A 33 2.01 7.61 -0.72
N HIS A 34 2.81 7.79 -1.75
CA HIS A 34 2.53 8.82 -2.76
C HIS A 34 1.86 8.23 -4.00
N CYS A 35 1.67 6.92 -4.02
CA CYS A 35 1.02 6.27 -5.15
C CYS A 35 -0.35 5.80 -4.75
N LEU A 36 -0.88 6.46 -3.74
CA LEU A 36 -2.21 6.21 -3.25
C LEU A 36 -3.18 7.24 -3.77
N ASN A 37 -4.42 7.16 -3.33
CA ASN A 37 -5.43 8.11 -3.77
C ASN A 37 -5.32 9.39 -2.96
N PRO A 38 -5.26 9.28 -1.63
CA PRO A 38 -4.84 10.37 -0.78
C PRO A 38 -3.36 10.23 -0.40
N PRO A 39 -2.44 10.83 -1.20
CA PRO A 39 -1.00 10.71 -0.97
C PRO A 39 -0.58 11.16 0.42
N LEU A 40 0.35 10.42 0.97
CA LEU A 40 0.81 10.63 2.32
C LEU A 40 2.30 10.97 2.33
N PRO A 41 2.70 11.96 3.12
CA PRO A 41 4.10 12.30 3.31
C PRO A 41 4.80 11.33 4.25
N GLU A 42 4.01 10.57 4.99
CA GLU A 42 4.53 9.59 5.93
C GLU A 42 3.60 8.39 6.03
N ILE A 43 4.16 7.24 6.38
CA ILE A 43 3.39 6.04 6.61
C ILE A 43 2.40 6.25 7.76
N PRO A 44 1.11 5.90 7.54
CA PRO A 44 0.03 6.16 8.50
C PRO A 44 0.16 5.36 9.80
N ASN A 45 -0.44 5.88 10.86
CA ASN A 45 -0.54 5.16 12.12
C ASN A 45 -1.94 4.56 12.23
N GLY A 46 -2.03 3.26 12.38
CA GLY A 46 -3.31 2.61 12.49
C GLY A 46 -3.53 1.55 11.43
N GLU A 47 -4.78 1.18 11.24
CA GLU A 47 -5.17 0.15 10.29
C GLU A 47 -5.40 0.78 8.93
N TRP A 48 -4.37 0.78 8.10
CA TRP A 48 -4.46 1.39 6.80
C TRP A 48 -4.90 0.37 5.77
N LEU A 49 -5.81 0.79 4.91
CA LEU A 49 -6.27 -0.06 3.83
C LEU A 49 -5.95 0.57 2.49
N CYS A 50 -5.60 -0.28 1.54
CA CYS A 50 -5.29 0.16 0.19
C CYS A 50 -6.57 0.63 -0.49
N PRO A 51 -6.45 1.42 -1.58
CA PRO A 51 -7.61 1.99 -2.29
C PRO A 51 -8.57 0.93 -2.85
N ARG A 52 -8.19 -0.34 -2.78
CA ARG A 52 -9.08 -1.42 -3.18
C ARG A 52 -9.95 -1.83 -2.00
N CYS A 53 -9.37 -1.79 -0.80
CA CYS A 53 -10.04 -2.22 0.41
C CYS A 53 -10.85 -1.09 1.04
N THR A 54 -10.55 0.14 0.62
CA THR A 54 -11.24 1.30 1.15
C THR A 54 -12.60 1.48 0.47
N CYS A 55 -12.81 0.73 -0.60
CA CYS A 55 -14.04 0.79 -1.37
C CYS A 55 -14.95 -0.38 -0.99
N PRO A 56 -16.24 -0.11 -0.77
CA PRO A 56 -17.22 -1.14 -0.39
C PRO A 56 -17.63 -2.03 -1.56
N ALA A 57 -16.65 -2.72 -2.14
CA ALA A 57 -16.89 -3.59 -3.28
C ALA A 57 -17.71 -4.81 -2.87
N LEU A 58 -17.13 -5.63 -2.00
CA LEU A 58 -17.78 -6.86 -1.56
C LEU A 58 -18.42 -6.66 -0.19
N LYS A 59 -18.28 -5.46 0.35
CA LYS A 59 -18.80 -5.15 1.67
C LYS A 59 -20.19 -4.56 1.58
N GLY A 60 -21.20 -5.37 1.86
CA GLY A 60 -22.58 -4.90 1.78
C GLY A 60 -23.48 -5.90 1.09
N LYS A 61 -23.26 -7.18 1.35
CA LYS A 61 -24.08 -8.23 0.77
C LYS A 61 -24.31 -9.32 1.82
N ALA B 1 0.79 1.65 10.31
CA ALA B 1 0.08 1.05 9.16
C ALA B 1 1.04 0.20 8.32
N ARG B 2 2.28 0.11 8.79
CA ARG B 2 3.30 -0.79 8.24
C ARG B 2 3.81 -0.36 6.88
N THR B 3 5.05 -0.68 6.62
CA THR B 3 5.67 -0.40 5.34
C THR B 3 6.80 -1.40 5.08
N LYS B 4 7.54 -1.18 4.01
CA LYS B 4 8.70 -1.98 3.71
C LYS B 4 9.73 -1.06 3.09
N GLN B 5 10.77 -1.62 2.53
CA GLN B 5 11.75 -0.86 1.77
C GLN B 5 12.73 -1.84 1.15
N THR B 6 12.19 -2.65 0.25
CA THR B 6 12.88 -3.80 -0.30
C THR B 6 13.87 -3.39 -1.40
N ALA B 7 13.45 -3.41 -2.66
CA ALA B 7 14.33 -3.03 -3.77
C ALA B 7 13.59 -2.16 -4.78
N ARG B 8 13.70 -0.85 -4.64
CA ARG B 8 13.04 0.06 -5.57
C ARG B 8 14.01 0.49 -6.66
N SER B 10 14.07 2.64 -9.11
CA SER B 10 14.32 4.05 -9.37
C SER B 10 15.60 4.53 -8.70
N THR B 11 15.67 4.40 -7.38
CA THR B 11 16.85 4.80 -6.64
C THR B 11 17.91 3.70 -6.67
N ASP A 6 0.80 -14.61 3.38
CA ASP A 6 0.58 -13.49 4.29
C ASP A 6 1.41 -12.28 3.89
N HIS A 7 2.67 -12.51 3.54
CA HIS A 7 3.56 -11.43 3.13
C HIS A 7 3.05 -10.76 1.85
N HIS A 8 3.01 -9.43 1.85
CA HIS A 8 2.61 -8.70 0.66
C HIS A 8 3.77 -8.60 -0.34
N MET A 9 3.54 -7.94 -1.47
CA MET A 9 4.52 -7.91 -2.57
C MET A 9 5.83 -7.23 -2.16
N GLU A 10 6.82 -7.31 -3.04
CA GLU A 10 8.12 -6.73 -2.78
C GLU A 10 8.36 -5.51 -3.66
N PHE A 11 7.25 -4.88 -4.02
CA PHE A 11 7.27 -3.64 -4.79
C PHE A 11 5.88 -3.03 -4.88
N CYS A 12 5.85 -1.72 -5.04
CA CYS A 12 4.63 -0.96 -5.22
C CYS A 12 3.97 -1.38 -6.53
N ARG A 13 2.76 -1.91 -6.45
CA ARG A 13 2.02 -2.36 -7.64
C ARG A 13 1.98 -1.28 -8.73
N VAL A 14 2.00 -0.03 -8.30
CA VAL A 14 1.95 1.10 -9.22
C VAL A 14 3.27 1.26 -9.97
N CYS A 15 4.38 1.25 -9.23
CA CYS A 15 5.68 1.53 -9.82
C CYS A 15 6.49 0.29 -10.17
N LYS A 16 6.19 -0.81 -9.49
CA LYS A 16 6.99 -2.04 -9.54
C LYS A 16 8.32 -1.83 -8.80
N ASP A 17 8.42 -0.68 -8.14
CA ASP A 17 9.57 -0.30 -7.31
C ASP A 17 9.37 -0.86 -5.92
N GLY A 18 10.44 -1.30 -5.27
CA GLY A 18 10.28 -1.98 -4.01
C GLY A 18 10.61 -1.09 -2.87
N GLY A 19 9.99 0.07 -2.85
CA GLY A 19 10.33 1.05 -1.84
C GLY A 19 9.60 0.79 -0.56
N GLU A 20 9.24 1.85 0.10
CA GLU A 20 8.42 1.74 1.28
C GLU A 20 7.00 1.41 0.87
N LEU A 21 6.62 0.13 1.00
CA LEU A 21 5.29 -0.29 0.58
C LEU A 21 4.37 -0.40 1.77
N LEU A 22 3.29 0.33 1.67
CA LEU A 22 2.28 0.38 2.69
C LEU A 22 1.55 -0.94 2.72
N CYS A 23 1.80 -1.72 3.75
CA CYS A 23 1.18 -3.02 3.88
C CYS A 23 -0.26 -2.86 4.31
N CYS A 24 -1.14 -3.00 3.34
CA CYS A 24 -2.58 -2.98 3.61
C CYS A 24 -2.91 -3.95 4.75
N ASP A 25 -3.56 -3.44 5.78
CA ASP A 25 -3.85 -4.23 6.98
C ASP A 25 -4.88 -5.33 6.73
N THR A 26 -5.50 -5.36 5.55
CA THR A 26 -6.49 -6.38 5.25
C THR A 26 -6.10 -7.29 4.07
N CYS A 27 -5.08 -6.91 3.31
CA CYS A 27 -4.70 -7.70 2.15
C CYS A 27 -3.26 -7.43 1.73
N PRO A 28 -2.59 -8.45 1.17
CA PRO A 28 -1.19 -8.37 0.75
C PRO A 28 -0.94 -7.50 -0.48
N SER A 29 -1.33 -6.23 -0.41
CA SER A 29 -1.03 -5.27 -1.46
C SER A 29 0.15 -4.40 -1.06
N SER A 30 0.88 -3.88 -2.04
CA SER A 30 2.03 -3.04 -1.78
C SER A 30 2.01 -1.79 -2.64
N TYR A 31 2.00 -0.65 -1.98
CA TYR A 31 1.93 0.64 -2.65
C TYR A 31 2.85 1.64 -1.96
N HIS A 32 3.26 2.67 -2.67
CA HIS A 32 3.92 3.80 -2.03
C HIS A 32 2.84 4.76 -1.54
N ILE A 33 3.12 5.48 -0.47
CA ILE A 33 2.20 6.50 0.04
C ILE A 33 1.91 7.59 -0.98
N HIS A 34 2.71 7.63 -2.04
CA HIS A 34 2.54 8.61 -3.10
C HIS A 34 1.75 8.03 -4.28
N CYS A 35 1.47 6.73 -4.23
CA CYS A 35 0.82 6.05 -5.35
C CYS A 35 -0.55 5.56 -4.95
N LEU A 36 -1.07 6.20 -3.91
CA LEU A 36 -2.38 5.91 -3.39
C LEU A 36 -3.39 6.96 -3.84
N ASN A 37 -4.43 7.09 -3.05
CA ASN A 37 -5.33 8.23 -3.12
C ASN A 37 -4.63 9.39 -2.41
N PRO A 38 -5.28 10.56 -2.16
CA PRO A 38 -4.67 11.73 -1.51
C PRO A 38 -3.38 11.41 -0.75
N PRO A 39 -2.23 11.65 -1.40
CA PRO A 39 -0.92 11.15 -0.98
C PRO A 39 -0.55 11.49 0.46
N LEU A 40 0.14 10.56 1.07
CA LEU A 40 0.59 10.70 2.44
C LEU A 40 2.07 11.08 2.46
N PRO A 41 2.44 12.02 3.34
CA PRO A 41 3.83 12.48 3.48
C PRO A 41 4.71 11.42 4.14
N GLU A 42 4.07 10.47 4.80
CA GLU A 42 4.74 9.37 5.46
C GLU A 42 3.73 8.29 5.81
N ILE A 43 4.23 7.10 6.10
CA ILE A 43 3.39 5.95 6.42
C ILE A 43 2.41 6.24 7.57
N PRO A 44 1.13 5.89 7.37
CA PRO A 44 0.06 6.15 8.35
C PRO A 44 0.27 5.41 9.67
N ASN A 45 -0.15 6.05 10.75
CA ASN A 45 -0.07 5.44 12.07
C ASN A 45 -1.44 4.91 12.47
N GLY A 46 -1.78 3.74 11.94
CA GLY A 46 -3.09 3.16 12.21
C GLY A 46 -3.48 2.17 11.13
N GLU A 47 -4.69 1.64 11.23
CA GLU A 47 -5.19 0.67 10.28
C GLU A 47 -5.31 1.28 8.90
N TRP A 48 -4.35 1.02 8.04
CA TRP A 48 -4.37 1.55 6.69
C TRP A 48 -4.84 0.48 5.72
N LEU A 49 -5.75 0.86 4.85
CA LEU A 49 -6.25 -0.05 3.83
C LEU A 49 -5.94 0.48 2.45
N CYS A 50 -5.59 -0.43 1.56
CA CYS A 50 -5.27 -0.09 0.18
C CYS A 50 -6.53 0.41 -0.52
N PRO A 51 -6.39 1.15 -1.64
CA PRO A 51 -7.53 1.73 -2.37
C PRO A 51 -8.70 0.76 -2.53
N ARG A 52 -8.38 -0.50 -2.80
CA ARG A 52 -9.37 -1.52 -3.07
C ARG A 52 -10.18 -1.87 -1.83
N CYS A 53 -9.53 -1.81 -0.68
CA CYS A 53 -10.16 -2.21 0.58
C CYS A 53 -10.91 -1.04 1.25
N THR A 54 -10.56 0.18 0.88
CA THR A 54 -11.13 1.35 1.54
C THR A 54 -12.32 1.93 0.76
N CYS A 55 -12.41 1.59 -0.50
CA CYS A 55 -13.49 2.10 -1.35
C CYS A 55 -14.81 1.43 -0.98
N PRO A 56 -15.88 2.23 -0.83
CA PRO A 56 -17.21 1.73 -0.42
C PRO A 56 -17.93 0.95 -1.51
N ALA A 57 -17.32 0.89 -2.70
CA ALA A 57 -17.89 0.15 -3.82
C ALA A 57 -17.60 -1.34 -3.66
N LEU A 58 -18.04 -1.91 -2.55
CA LEU A 58 -17.76 -3.30 -2.23
C LEU A 58 -18.86 -4.20 -2.78
N LYS A 59 -19.59 -3.71 -3.76
CA LYS A 59 -20.59 -4.51 -4.46
C LYS A 59 -19.94 -5.19 -5.66
N GLY A 60 -18.74 -4.74 -5.98
CA GLY A 60 -18.07 -5.15 -7.18
C GLY A 60 -17.97 -4.00 -8.15
N LYS A 61 -19.10 -3.32 -8.35
CA LYS A 61 -19.16 -2.14 -9.19
C LYS A 61 -19.86 -1.01 -8.43
N ALA B 1 -0.60 0.36 9.94
CA ALA B 1 -0.15 0.63 8.57
C ALA B 1 1.33 0.31 8.42
N ARG B 2 1.61 -0.90 7.97
CA ARG B 2 2.96 -1.44 7.88
C ARG B 2 3.67 -0.94 6.62
N THR B 3 4.99 -1.07 6.56
CA THR B 3 5.77 -0.68 5.39
C THR B 3 7.05 -1.50 5.28
N LYS B 4 7.54 -1.66 4.06
CA LYS B 4 8.83 -2.33 3.82
C LYS B 4 9.77 -1.36 3.12
N GLN B 5 10.96 -1.84 2.80
CA GLN B 5 11.93 -1.10 2.00
C GLN B 5 12.88 -2.10 1.32
N THR B 6 12.34 -2.83 0.36
CA THR B 6 13.03 -3.96 -0.23
C THR B 6 14.05 -3.54 -1.30
N ALA B 7 13.58 -2.89 -2.38
CA ALA B 7 14.44 -2.47 -3.48
C ALA B 7 13.66 -1.66 -4.51
N ARG B 8 13.65 -0.34 -4.38
CA ARG B 8 12.90 0.49 -5.31
C ARG B 8 13.83 1.11 -6.35
N SER B 10 13.20 3.95 -7.98
CA SER B 10 13.22 5.37 -7.64
C SER B 10 13.63 6.25 -8.83
N THR B 11 12.77 6.33 -9.82
CA THR B 11 12.98 7.26 -10.92
C THR B 11 12.63 8.68 -10.47
N ASP A 6 8.57 -12.33 0.51
CA ASP A 6 8.01 -11.00 0.76
C ASP A 6 6.51 -11.00 0.53
N HIS A 7 5.76 -11.45 1.53
CA HIS A 7 4.34 -11.72 1.34
C HIS A 7 3.48 -10.44 1.33
N HIS A 8 3.65 -9.65 0.28
CA HIS A 8 2.70 -8.61 -0.09
C HIS A 8 2.74 -8.45 -1.61
N MET A 9 3.39 -7.41 -2.11
CA MET A 9 3.65 -7.31 -3.54
C MET A 9 5.13 -7.26 -3.83
N GLU A 10 5.92 -7.04 -2.77
CA GLU A 10 7.37 -6.78 -2.83
C GLU A 10 7.69 -5.58 -3.73
N PHE A 11 6.67 -4.83 -4.11
CA PHE A 11 6.82 -3.56 -4.80
C PHE A 11 5.48 -2.82 -4.88
N CYS A 12 5.57 -1.51 -5.06
CA CYS A 12 4.42 -0.65 -5.21
C CYS A 12 3.69 -0.97 -6.50
N ARG A 13 2.46 -1.46 -6.38
CA ARG A 13 1.61 -1.79 -7.51
C ARG A 13 1.61 -0.70 -8.59
N VAL A 14 1.81 0.54 -8.16
CA VAL A 14 1.85 1.68 -9.07
C VAL A 14 3.20 1.78 -9.79
N CYS A 15 4.29 1.74 -9.02
CA CYS A 15 5.63 2.02 -9.59
C CYS A 15 6.40 0.75 -9.92
N LYS A 16 6.03 -0.36 -9.27
CA LYS A 16 6.71 -1.64 -9.38
C LYS A 16 8.09 -1.63 -8.69
N ASP A 17 8.38 -0.53 -8.01
CA ASP A 17 9.57 -0.42 -7.15
C ASP A 17 9.22 -0.89 -5.75
N GLY A 18 10.16 -1.52 -5.07
CA GLY A 18 9.86 -2.11 -3.79
C GLY A 18 10.44 -1.30 -2.67
N GLY A 19 10.10 -0.03 -2.67
CA GLY A 19 10.64 0.87 -1.68
C GLY A 19 9.96 0.69 -0.35
N GLU A 20 9.76 1.78 0.34
CA GLU A 20 8.98 1.74 1.55
C GLU A 20 7.52 1.65 1.18
N LEU A 21 6.96 0.46 1.35
CA LEU A 21 5.64 0.16 0.85
C LEU A 21 4.65 0.02 1.96
N LEU A 22 3.49 0.59 1.75
CA LEU A 22 2.43 0.56 2.69
C LEU A 22 1.87 -0.84 2.75
N CYS A 23 2.29 -1.55 3.76
CA CYS A 23 1.96 -2.96 3.90
C CYS A 23 0.50 -3.10 4.34
N CYS A 24 -0.42 -3.13 3.36
CA CYS A 24 -1.86 -3.09 3.64
C CYS A 24 -2.20 -4.08 4.75
N ASP A 25 -2.76 -3.55 5.83
CA ASP A 25 -3.02 -4.33 7.03
C ASP A 25 -3.91 -5.55 6.76
N THR A 26 -4.78 -5.47 5.76
CA THR A 26 -5.72 -6.55 5.49
C THR A 26 -5.29 -7.46 4.34
N CYS A 27 -4.48 -6.94 3.41
CA CYS A 27 -4.21 -7.69 2.19
C CYS A 27 -2.80 -7.42 1.67
N PRO A 28 -2.27 -8.32 0.82
CA PRO A 28 -0.90 -8.23 0.29
C PRO A 28 -0.74 -7.25 -0.88
N SER A 29 -1.21 -6.03 -0.70
CA SER A 29 -0.93 -4.95 -1.65
C SER A 29 0.16 -4.06 -1.10
N SER A 30 0.96 -3.49 -1.98
CA SER A 30 2.05 -2.63 -1.56
C SER A 30 2.10 -1.38 -2.42
N TYR A 31 2.15 -0.24 -1.77
CA TYR A 31 2.12 1.06 -2.44
C TYR A 31 3.13 1.99 -1.79
N HIS A 32 3.42 3.11 -2.45
CA HIS A 32 4.10 4.20 -1.78
C HIS A 32 3.03 5.20 -1.37
N ILE A 33 3.27 5.88 -0.26
CA ILE A 33 2.32 6.84 0.31
C ILE A 33 1.87 7.93 -0.68
N HIS A 34 2.65 8.18 -1.72
CA HIS A 34 2.31 9.22 -2.69
C HIS A 34 1.67 8.61 -3.93
N CYS A 35 1.53 7.30 -3.95
CA CYS A 35 0.94 6.61 -5.10
C CYS A 35 -0.47 6.15 -4.76
N LEU A 36 -1.00 6.74 -3.70
CA LEU A 36 -2.33 6.46 -3.26
C LEU A 36 -3.31 7.49 -3.80
N ASN A 37 -4.54 7.45 -3.33
CA ASN A 37 -5.55 8.39 -3.80
C ASN A 37 -5.35 9.72 -3.11
N PRO A 38 -5.37 9.76 -1.78
CA PRO A 38 -4.92 10.91 -1.03
C PRO A 38 -3.47 10.73 -0.61
N PRO A 39 -2.53 11.37 -1.34
CA PRO A 39 -1.09 11.20 -1.08
C PRO A 39 -0.69 11.61 0.32
N LEU A 40 0.09 10.75 0.95
CA LEU A 40 0.54 10.96 2.32
C LEU A 40 1.98 11.42 2.32
N PRO A 41 2.29 12.40 3.20
CA PRO A 41 3.66 12.90 3.36
C PRO A 41 4.57 11.81 3.92
N GLU A 42 3.98 10.92 4.70
CA GLU A 42 4.69 9.77 5.24
C GLU A 42 3.68 8.71 5.68
N ILE A 43 4.20 7.54 6.05
CA ILE A 43 3.39 6.37 6.37
C ILE A 43 2.27 6.68 7.39
N PRO A 44 1.04 6.21 7.09
CA PRO A 44 -0.16 6.47 7.90
C PRO A 44 -0.06 6.02 9.35
N ASN A 45 -0.93 6.60 10.17
CA ASN A 45 -1.01 6.28 11.58
C ASN A 45 -2.18 5.33 11.81
N GLY A 46 -1.88 4.12 12.27
CA GLY A 46 -2.92 3.15 12.52
C GLY A 46 -3.16 2.25 11.32
N GLU A 47 -4.28 1.54 11.34
CA GLU A 47 -4.62 0.57 10.30
C GLU A 47 -4.92 1.27 8.98
N TRP A 48 -4.03 1.08 8.03
CA TRP A 48 -4.21 1.66 6.72
C TRP A 48 -4.67 0.59 5.75
N LEU A 49 -5.62 0.94 4.92
CA LEU A 49 -6.09 0.02 3.90
C LEU A 49 -5.83 0.58 2.52
N CYS A 50 -5.41 -0.30 1.63
CA CYS A 50 -5.12 0.06 0.25
C CYS A 50 -6.41 0.46 -0.46
N PRO A 51 -6.31 1.19 -1.58
CA PRO A 51 -7.49 1.65 -2.35
C PRO A 51 -8.35 0.50 -2.89
N ARG A 52 -7.87 -0.72 -2.74
CA ARG A 52 -8.63 -1.90 -3.10
C ARG A 52 -9.50 -2.35 -1.92
N CYS A 53 -9.01 -2.10 -0.72
CA CYS A 53 -9.72 -2.47 0.50
C CYS A 53 -10.70 -1.38 0.95
N THR A 54 -10.54 -0.19 0.39
CA THR A 54 -11.40 0.94 0.75
C THR A 54 -12.72 0.93 -0.03
N CYS A 55 -13.04 -0.20 -0.65
CA CYS A 55 -14.28 -0.34 -1.41
C CYS A 55 -15.47 -0.48 -0.48
N PRO A 56 -16.50 0.35 -0.67
CA PRO A 56 -17.70 0.38 0.19
C PRO A 56 -18.54 -0.88 0.13
N ALA A 57 -18.42 -1.64 -0.96
CA ALA A 57 -19.20 -2.84 -1.16
C ALA A 57 -18.62 -4.03 -0.39
N LEU A 58 -18.29 -3.81 0.87
CA LEU A 58 -17.73 -4.85 1.73
C LEU A 58 -18.84 -5.72 2.30
N LYS A 59 -19.85 -5.08 2.89
CA LYS A 59 -20.94 -5.80 3.51
C LYS A 59 -21.99 -6.23 2.50
N GLY A 60 -21.98 -5.59 1.34
CA GLY A 60 -22.90 -5.94 0.29
C GLY A 60 -22.94 -4.88 -0.79
N LYS A 61 -23.88 -5.02 -1.71
CA LYS A 61 -24.06 -4.06 -2.78
C LYS A 61 -25.42 -4.26 -3.43
N ALA B 1 -0.86 0.35 9.41
CA ALA B 1 -0.52 0.83 8.05
C ALA B 1 0.71 0.10 7.55
N ARG B 2 1.81 0.18 8.33
CA ARG B 2 2.97 -0.70 8.13
C ARG B 2 3.71 -0.36 6.83
N THR B 3 5.03 -0.41 6.86
CA THR B 3 5.81 -0.12 5.67
C THR B 3 6.97 -1.09 5.49
N LYS B 4 7.03 -1.66 4.31
CA LYS B 4 8.08 -2.60 3.93
C LYS B 4 9.18 -1.88 3.20
N GLN B 5 10.34 -2.49 3.10
CA GLN B 5 11.41 -1.96 2.25
C GLN B 5 12.15 -3.13 1.62
N THR B 6 11.64 -3.58 0.48
CA THR B 6 12.06 -4.84 -0.12
C THR B 6 13.13 -4.66 -1.21
N ALA B 7 12.77 -3.98 -2.30
CA ALA B 7 13.67 -3.83 -3.44
C ALA B 7 13.15 -2.77 -4.40
N ARG B 8 13.51 -1.53 -4.16
CA ARG B 8 13.07 -0.42 -5.00
C ARG B 8 14.11 -0.16 -6.07
N SER B 10 16.48 1.47 -8.53
CA SER B 10 17.26 2.69 -8.75
C SER B 10 16.95 3.77 -7.71
N THR B 11 15.84 4.47 -7.91
CA THR B 11 15.47 5.58 -7.04
C THR B 11 13.95 5.57 -6.84
N ASP A 6 0.87 -11.44 5.50
CA ASP A 6 1.94 -10.74 6.20
C ASP A 6 2.98 -10.28 5.19
N HIS A 7 3.49 -11.24 4.43
CA HIS A 7 4.43 -10.96 3.36
C HIS A 7 3.69 -10.47 2.12
N HIS A 8 3.40 -9.19 2.08
CA HIS A 8 2.82 -8.59 0.87
C HIS A 8 3.91 -8.44 -0.18
N MET A 9 3.53 -7.97 -1.38
CA MET A 9 4.47 -7.91 -2.50
C MET A 9 5.71 -7.09 -2.13
N GLU A 10 6.79 -7.31 -2.88
CA GLU A 10 8.06 -6.67 -2.62
C GLU A 10 8.25 -5.46 -3.52
N PHE A 11 7.15 -4.86 -3.95
CA PHE A 11 7.20 -3.67 -4.79
C PHE A 11 5.82 -3.02 -4.90
N CYS A 12 5.83 -1.72 -5.11
CA CYS A 12 4.63 -0.90 -5.22
C CYS A 12 3.80 -1.37 -6.39
N ARG A 13 2.61 -1.90 -6.09
CA ARG A 13 1.69 -2.40 -7.10
C ARG A 13 1.47 -1.37 -8.21
N VAL A 14 1.69 -0.11 -7.88
CA VAL A 14 1.57 0.99 -8.82
C VAL A 14 2.83 1.12 -9.71
N CYS A 15 4.01 1.20 -9.09
CA CYS A 15 5.23 1.47 -9.85
C CYS A 15 6.02 0.19 -10.20
N LYS A 16 5.81 -0.85 -9.39
CA LYS A 16 6.54 -2.13 -9.49
C LYS A 16 7.96 -2.04 -8.92
N ASP A 17 8.22 -0.97 -8.16
CA ASP A 17 9.47 -0.78 -7.43
C ASP A 17 9.30 -1.08 -5.94
N GLY A 18 10.38 -1.39 -5.26
CA GLY A 18 10.26 -1.90 -3.91
C GLY A 18 10.63 -0.86 -2.89
N GLY A 19 9.91 0.25 -2.90
CA GLY A 19 10.18 1.30 -1.97
C GLY A 19 9.59 1.03 -0.62
N GLU A 20 9.27 2.09 0.08
CA GLU A 20 8.56 1.97 1.34
C GLU A 20 7.11 1.64 1.03
N LEU A 21 6.75 0.40 1.25
CA LEU A 21 5.49 -0.12 0.77
C LEU A 21 4.51 -0.29 1.90
N LEU A 22 3.44 0.46 1.80
CA LEU A 22 2.42 0.50 2.81
C LEU A 22 1.69 -0.82 2.83
N CYS A 23 1.81 -1.51 3.95
CA CYS A 23 1.25 -2.84 4.07
C CYS A 23 -0.24 -2.77 4.37
N CYS A 24 -1.04 -2.91 3.32
CA CYS A 24 -2.49 -2.95 3.47
C CYS A 24 -2.89 -3.98 4.53
N ASP A 25 -3.60 -3.51 5.54
CA ASP A 25 -3.97 -4.35 6.69
C ASP A 25 -4.85 -5.53 6.29
N THR A 26 -5.60 -5.40 5.19
CA THR A 26 -6.58 -6.42 4.83
C THR A 26 -6.20 -7.22 3.58
N CYS A 27 -5.05 -6.92 2.97
CA CYS A 27 -4.64 -7.66 1.77
C CYS A 27 -3.16 -7.43 1.47
N PRO A 28 -2.52 -8.40 0.80
CA PRO A 28 -1.08 -8.36 0.51
C PRO A 28 -0.70 -7.37 -0.61
N SER A 29 -1.20 -6.15 -0.52
CA SER A 29 -0.86 -5.12 -1.50
C SER A 29 0.20 -4.17 -0.95
N SER A 30 1.16 -3.83 -1.79
CA SER A 30 2.23 -2.91 -1.44
C SER A 30 2.18 -1.67 -2.32
N TYR A 31 2.22 -0.50 -1.69
CA TYR A 31 2.12 0.77 -2.40
C TYR A 31 3.13 1.76 -1.82
N HIS A 32 3.49 2.78 -2.60
CA HIS A 32 4.18 3.92 -2.02
C HIS A 32 3.10 4.84 -1.48
N ILE A 33 3.40 5.53 -0.38
CA ILE A 33 2.43 6.46 0.22
C ILE A 33 2.04 7.57 -0.76
N HIS A 34 2.87 7.80 -1.76
CA HIS A 34 2.58 8.84 -2.75
C HIS A 34 1.85 8.25 -3.97
N CYS A 35 1.64 6.94 -3.98
CA CYS A 35 0.97 6.28 -5.11
C CYS A 35 -0.44 5.90 -4.73
N LEU A 36 -0.94 6.60 -3.74
CA LEU A 36 -2.29 6.43 -3.28
C LEU A 36 -3.16 7.54 -3.83
N ASN A 37 -4.44 7.48 -3.52
CA ASN A 37 -5.37 8.51 -3.96
C ASN A 37 -5.24 9.74 -3.08
N PRO A 38 -5.20 9.56 -1.76
CA PRO A 38 -4.74 10.59 -0.85
C PRO A 38 -3.28 10.35 -0.46
N PRO A 39 -2.33 10.93 -1.21
CA PRO A 39 -0.89 10.72 -0.98
C PRO A 39 -0.46 11.13 0.43
N LEU A 40 0.38 10.31 1.00
CA LEU A 40 0.85 10.51 2.36
C LEU A 40 2.31 10.93 2.39
N PRO A 41 2.66 11.88 3.26
CA PRO A 41 4.03 12.32 3.45
C PRO A 41 4.83 11.31 4.28
N GLU A 42 4.11 10.44 4.98
CA GLU A 42 4.73 9.39 5.77
C GLU A 42 3.72 8.27 6.04
N ILE A 43 4.21 7.10 6.39
CA ILE A 43 3.39 5.94 6.67
C ILE A 43 2.39 6.20 7.79
N PRO A 44 1.10 5.87 7.55
CA PRO A 44 0.00 6.16 8.48
C PRO A 44 0.05 5.32 9.74
N ASN A 45 -0.67 5.78 10.75
CA ASN A 45 -0.81 5.03 11.99
C ASN A 45 -2.18 4.36 12.03
N GLY A 46 -2.23 3.13 12.51
CA GLY A 46 -3.49 2.42 12.64
C GLY A 46 -3.77 1.48 11.49
N GLU A 47 -5.03 1.43 11.07
CA GLU A 47 -5.46 0.53 10.01
C GLU A 47 -5.45 1.24 8.67
N TRP A 48 -4.44 0.98 7.86
CA TRP A 48 -4.40 1.54 6.53
C TRP A 48 -4.84 0.50 5.52
N LEU A 49 -5.67 0.94 4.59
CA LEU A 49 -6.14 0.06 3.53
C LEU A 49 -5.73 0.62 2.18
N CYS A 50 -5.41 -0.28 1.27
CA CYS A 50 -5.06 0.11 -0.09
C CYS A 50 -6.33 0.60 -0.80
N PRO A 51 -6.16 1.38 -1.90
CA PRO A 51 -7.28 2.00 -2.63
C PRO A 51 -8.36 1.02 -3.10
N ARG A 52 -8.06 -0.26 -3.05
CA ARG A 52 -9.04 -1.28 -3.43
C ARG A 52 -9.87 -1.70 -2.22
N CYS A 53 -9.24 -1.70 -1.05
CA CYS A 53 -9.90 -2.10 0.19
C CYS A 53 -10.62 -0.91 0.84
N THR A 54 -10.27 0.31 0.42
CA THR A 54 -10.91 1.50 0.96
C THR A 54 -12.34 1.65 0.45
N CYS A 55 -12.68 0.81 -0.52
CA CYS A 55 -14.01 0.79 -1.07
C CYS A 55 -14.92 -0.07 -0.19
N PRO A 56 -16.14 0.40 0.11
CA PRO A 56 -17.12 -0.35 0.91
C PRO A 56 -17.73 -1.51 0.12
N ALA A 57 -16.85 -2.37 -0.41
CA ALA A 57 -17.27 -3.50 -1.21
C ALA A 57 -17.77 -4.63 -0.32
N LEU A 58 -19.03 -4.56 0.04
CA LEU A 58 -19.64 -5.57 0.88
C LEU A 58 -20.02 -6.78 0.03
N LYS A 59 -19.52 -7.94 0.44
CA LYS A 59 -19.75 -9.18 -0.30
C LYS A 59 -20.85 -9.99 0.37
N GLY A 60 -21.27 -9.55 1.55
CA GLY A 60 -22.30 -10.26 2.28
C GLY A 60 -21.71 -11.23 3.28
N LYS A 61 -20.39 -11.25 3.34
CA LYS A 61 -19.67 -12.12 4.26
C LYS A 61 -18.72 -11.30 5.12
N ALA B 1 0.70 1.61 10.30
CA ALA B 1 0.01 1.03 9.12
C ALA B 1 0.95 0.12 8.34
N ARG B 2 2.18 -0.01 8.83
CA ARG B 2 3.14 -1.03 8.36
C ARG B 2 3.73 -0.68 6.99
N THR B 3 5.02 -0.85 6.84
CA THR B 3 5.70 -0.54 5.59
C THR B 3 6.91 -1.44 5.38
N LYS B 4 7.12 -1.88 4.15
CA LYS B 4 8.34 -2.60 3.80
C LYS B 4 9.25 -1.67 3.02
N GLN B 5 10.50 -2.07 2.92
CA GLN B 5 11.50 -1.35 2.15
C GLN B 5 12.45 -2.35 1.52
N THR B 6 12.30 -2.59 0.23
CA THR B 6 12.98 -3.70 -0.42
C THR B 6 13.97 -3.20 -1.49
N ALA B 7 13.49 -2.94 -2.69
CA ALA B 7 14.35 -2.44 -3.77
C ALA B 7 13.53 -1.63 -4.78
N ARG B 8 13.44 -0.34 -4.55
CA ARG B 8 12.66 0.54 -5.42
C ARG B 8 13.52 0.95 -6.61
N SER B 10 14.19 3.21 -8.61
CA SER B 10 14.35 4.63 -8.94
C SER B 10 15.59 4.79 -9.81
N THR B 11 16.69 4.22 -9.36
CA THR B 11 17.93 4.20 -10.12
C THR B 11 17.93 2.98 -11.05
N ASP A 6 1.04 -13.63 4.77
CA ASP A 6 2.10 -12.74 5.24
C ASP A 6 2.89 -12.11 4.10
N HIS A 7 3.06 -12.84 3.01
CA HIS A 7 3.74 -12.31 1.83
C HIS A 7 2.86 -11.26 1.15
N HIS A 8 3.21 -9.99 1.32
CA HIS A 8 2.56 -8.95 0.56
C HIS A 8 3.53 -8.43 -0.50
N MET A 9 3.03 -7.67 -1.47
CA MET A 9 3.83 -7.27 -2.64
C MET A 9 5.22 -6.79 -2.23
N GLU A 10 6.19 -7.15 -3.04
CA GLU A 10 7.58 -6.78 -2.80
C GLU A 10 7.96 -5.59 -3.67
N PHE A 11 6.94 -4.82 -4.02
CA PHE A 11 7.11 -3.62 -4.82
C PHE A 11 5.78 -2.91 -4.95
N CYS A 12 5.86 -1.61 -5.14
CA CYS A 12 4.69 -0.77 -5.33
C CYS A 12 3.99 -1.15 -6.63
N ARG A 13 2.78 -1.69 -6.53
CA ARG A 13 1.99 -2.09 -7.68
C ARG A 13 1.93 -0.99 -8.75
N VAL A 14 1.99 0.25 -8.32
CA VAL A 14 1.94 1.40 -9.23
C VAL A 14 3.27 1.58 -9.97
N CYS A 15 4.36 1.50 -9.25
CA CYS A 15 5.67 1.80 -9.83
C CYS A 15 6.44 0.57 -10.26
N LYS A 16 6.14 -0.58 -9.64
CA LYS A 16 6.98 -1.76 -9.74
C LYS A 16 8.37 -1.41 -9.20
N ASP A 17 8.34 -0.99 -7.93
CA ASP A 17 9.50 -0.47 -7.20
C ASP A 17 9.43 -0.95 -5.77
N GLY A 18 10.52 -1.46 -5.24
CA GLY A 18 10.47 -2.09 -3.95
C GLY A 18 10.81 -1.13 -2.84
N GLY A 19 10.25 0.06 -2.91
CA GLY A 19 10.56 1.08 -1.93
C GLY A 19 9.86 0.84 -0.63
N GLU A 20 9.54 1.89 0.08
CA GLU A 20 8.73 1.75 1.27
C GLU A 20 7.29 1.57 0.85
N LEU A 21 6.80 0.33 0.90
CA LEU A 21 5.45 0.05 0.46
C LEU A 21 4.52 -0.05 1.64
N LEU A 22 3.41 0.64 1.52
CA LEU A 22 2.40 0.65 2.52
C LEU A 22 1.68 -0.67 2.49
N CYS A 23 2.00 -1.50 3.46
CA CYS A 23 1.46 -2.83 3.53
C CYS A 23 0.02 -2.77 3.97
N CYS A 24 -0.88 -2.91 3.01
CA CYS A 24 -2.29 -2.99 3.34
C CYS A 24 -2.51 -4.04 4.42
N ASP A 25 -3.13 -3.65 5.51
CA ASP A 25 -3.28 -4.52 6.67
C ASP A 25 -4.23 -5.68 6.41
N THR A 26 -5.17 -5.51 5.48
CA THR A 26 -6.15 -6.54 5.21
C THR A 26 -5.78 -7.41 4.01
N CYS A 27 -4.95 -6.90 3.12
CA CYS A 27 -4.62 -7.63 1.90
C CYS A 27 -3.18 -7.34 1.48
N PRO A 28 -2.56 -8.29 0.76
CA PRO A 28 -1.12 -8.23 0.43
C PRO A 28 -0.76 -7.27 -0.70
N SER A 29 -1.30 -6.06 -0.67
CA SER A 29 -0.97 -5.05 -1.67
C SER A 29 0.15 -4.14 -1.16
N SER A 30 0.86 -3.52 -2.09
CA SER A 30 1.96 -2.64 -1.75
C SER A 30 1.99 -1.42 -2.65
N TYR A 31 1.97 -0.26 -2.01
CA TYR A 31 1.93 1.02 -2.70
C TYR A 31 2.86 2.00 -1.99
N HIS A 32 3.36 3.00 -2.69
CA HIS A 32 4.02 4.10 -2.02
C HIS A 32 2.95 5.08 -1.57
N ILE A 33 3.19 5.78 -0.47
CA ILE A 33 2.22 6.73 0.08
C ILE A 33 1.83 7.84 -0.91
N HIS A 34 2.59 7.99 -1.97
CA HIS A 34 2.29 8.99 -3.00
C HIS A 34 1.59 8.36 -4.20
N CYS A 35 1.50 7.04 -4.23
CA CYS A 35 0.92 6.33 -5.36
C CYS A 35 -0.49 5.87 -5.01
N LEU A 36 -1.02 6.52 -3.98
CA LEU A 36 -2.37 6.28 -3.53
C LEU A 36 -3.32 7.34 -4.09
N ASN A 37 -4.56 7.30 -3.67
CA ASN A 37 -5.52 8.32 -4.05
C ASN A 37 -5.32 9.56 -3.22
N PRO A 38 -5.36 9.45 -1.89
CA PRO A 38 -4.92 10.50 -1.00
C PRO A 38 -3.46 10.33 -0.61
N PRO A 39 -2.54 11.10 -1.22
CA PRO A 39 -1.11 10.97 -0.96
C PRO A 39 -0.75 11.36 0.47
N LEU A 40 0.09 10.54 1.07
CA LEU A 40 0.51 10.72 2.44
C LEU A 40 1.95 11.22 2.50
N PRO A 41 2.25 12.11 3.46
CA PRO A 41 3.59 12.62 3.68
C PRO A 41 4.45 11.64 4.47
N GLU A 42 3.81 10.60 4.97
CA GLU A 42 4.48 9.56 5.74
C GLU A 42 3.56 8.36 5.88
N ILE A 43 4.14 7.21 6.19
CA ILE A 43 3.35 6.02 6.48
C ILE A 43 2.38 6.29 7.63
N PRO A 44 1.09 5.99 7.42
CA PRO A 44 0.00 6.34 8.34
C PRO A 44 0.18 5.74 9.72
N ASN A 45 -0.41 6.38 10.72
CA ASN A 45 -0.25 5.97 12.10
C ASN A 45 -1.46 5.16 12.54
N GLY A 46 -1.74 4.09 11.81
CA GLY A 46 -2.87 3.24 12.14
C GLY A 46 -3.21 2.30 11.00
N GLU A 47 -4.20 1.45 11.24
CA GLU A 47 -4.72 0.50 10.24
C GLU A 47 -4.93 1.18 8.91
N TRP A 48 -4.00 0.97 7.99
CA TRP A 48 -4.11 1.53 6.67
C TRP A 48 -4.60 0.48 5.69
N LEU A 49 -5.55 0.88 4.85
CA LEU A 49 -6.08 0.00 3.83
C LEU A 49 -5.83 0.57 2.45
N CYS A 50 -5.55 -0.31 1.52
CA CYS A 50 -5.31 0.07 0.14
C CYS A 50 -6.62 0.55 -0.50
N PRO A 51 -6.54 1.27 -1.65
CA PRO A 51 -7.74 1.77 -2.36
C PRO A 51 -8.74 0.67 -2.71
N ARG A 52 -8.27 -0.58 -2.73
CA ARG A 52 -9.12 -1.71 -3.02
C ARG A 52 -9.98 -2.06 -1.80
N CYS A 53 -9.39 -1.90 -0.62
CA CYS A 53 -10.05 -2.25 0.64
C CYS A 53 -10.85 -1.09 1.22
N THR A 54 -10.61 0.12 0.71
CA THR A 54 -11.27 1.31 1.25
C THR A 54 -12.68 1.49 0.69
N CYS A 55 -13.19 0.49 -0.01
CA CYS A 55 -14.52 0.55 -0.59
C CYS A 55 -15.59 0.43 0.51
N PRO A 56 -16.46 1.45 0.63
CA PRO A 56 -17.53 1.46 1.63
C PRO A 56 -18.71 0.58 1.23
N ALA A 57 -19.88 0.87 1.80
CA ALA A 57 -21.09 0.08 1.55
C ALA A 57 -21.34 -0.17 0.07
N LEU A 58 -21.23 -1.43 -0.34
CA LEU A 58 -21.45 -1.81 -1.73
C LEU A 58 -22.93 -1.74 -2.08
N LYS A 59 -23.78 -1.97 -1.09
CA LYS A 59 -25.22 -1.99 -1.30
C LYS A 59 -25.85 -0.61 -1.12
N GLY A 60 -24.99 0.42 -1.12
CA GLY A 60 -25.47 1.78 -1.04
C GLY A 60 -25.50 2.43 -2.41
N LYS A 61 -26.69 2.57 -2.97
CA LYS A 61 -26.84 3.13 -4.30
C LYS A 61 -27.73 4.37 -4.27
N ALA B 1 1.42 2.22 10.15
CA ALA B 1 0.36 1.45 9.45
C ALA B 1 0.91 0.09 9.08
N ARG B 2 1.94 0.10 8.22
CA ARG B 2 2.64 -1.10 7.75
C ARG B 2 3.43 -0.74 6.51
N THR B 3 4.72 -1.01 6.49
CA THR B 3 5.54 -0.68 5.33
C THR B 3 6.68 -1.68 5.16
N LYS B 4 7.17 -1.79 3.93
CA LYS B 4 8.32 -2.63 3.62
C LYS B 4 9.32 -1.81 2.88
N GLN B 5 10.54 -2.28 2.83
CA GLN B 5 11.61 -1.61 2.12
C GLN B 5 12.52 -2.65 1.50
N THR B 6 12.01 -3.31 0.48
CA THR B 6 12.62 -4.49 -0.08
C THR B 6 13.75 -4.13 -1.06
N ALA B 7 13.43 -3.38 -2.10
CA ALA B 7 14.39 -3.06 -3.16
C ALA B 7 13.83 -2.00 -4.09
N ARG B 8 13.87 -0.75 -3.66
CA ARG B 8 13.40 0.35 -4.50
C ARG B 8 14.34 0.48 -5.70
N SER B 10 15.53 2.37 -7.96
CA SER B 10 16.08 3.61 -8.46
C SER B 10 17.46 3.88 -7.86
N THR B 11 17.80 3.17 -6.80
CA THR B 11 19.10 3.33 -6.18
C THR B 11 20.00 2.13 -6.47
N ASP A 6 1.61 -11.22 5.80
CA ASP A 6 2.86 -10.51 6.05
C ASP A 6 3.62 -10.35 4.75
N HIS A 7 3.66 -11.42 3.96
CA HIS A 7 4.32 -11.40 2.68
C HIS A 7 3.40 -10.76 1.64
N HIS A 8 3.36 -9.45 1.64
CA HIS A 8 2.73 -8.72 0.56
C HIS A 8 3.75 -8.55 -0.56
N MET A 9 3.36 -7.97 -1.69
CA MET A 9 4.28 -7.85 -2.82
C MET A 9 5.54 -7.08 -2.43
N GLU A 10 6.59 -7.26 -3.22
CA GLU A 10 7.88 -6.66 -2.94
C GLU A 10 8.11 -5.42 -3.80
N PHE A 11 7.00 -4.82 -4.21
CA PHE A 11 7.01 -3.56 -4.91
C PHE A 11 5.61 -3.00 -4.97
N CYS A 12 5.56 -1.68 -4.93
CA CYS A 12 4.33 -0.93 -4.98
C CYS A 12 3.60 -1.19 -6.29
N ARG A 13 2.45 -1.85 -6.19
CA ARG A 13 1.66 -2.29 -7.34
C ARG A 13 1.48 -1.20 -8.39
N VAL A 14 1.44 0.05 -7.95
CA VAL A 14 1.23 1.17 -8.85
C VAL A 14 2.40 1.31 -9.81
N CYS A 15 3.60 1.40 -9.28
CA CYS A 15 4.74 1.77 -10.08
C CYS A 15 5.76 0.65 -10.22
N LYS A 16 5.61 -0.38 -9.41
CA LYS A 16 6.43 -1.61 -9.44
C LYS A 16 7.79 -1.40 -8.77
N ASP A 17 7.94 -0.28 -8.08
CA ASP A 17 9.12 0.04 -7.27
C ASP A 17 8.96 -0.59 -5.88
N GLY A 18 10.03 -1.14 -5.33
CA GLY A 18 9.91 -1.83 -4.07
C GLY A 18 10.44 -0.98 -2.95
N GLY A 19 9.96 0.25 -2.89
CA GLY A 19 10.44 1.16 -1.89
C GLY A 19 9.82 0.91 -0.55
N GLU A 20 9.53 1.98 0.15
CA GLU A 20 8.78 1.90 1.38
C GLU A 20 7.31 1.64 1.04
N LEU A 21 6.88 0.42 1.27
CA LEU A 21 5.59 -0.03 0.80
C LEU A 21 4.62 -0.21 1.94
N LEU A 22 3.54 0.52 1.85
CA LEU A 22 2.51 0.54 2.84
C LEU A 22 1.81 -0.80 2.85
N CYS A 23 2.11 -1.60 3.85
CA CYS A 23 1.54 -2.92 3.96
C CYS A 23 0.08 -2.81 4.35
N CYS A 24 -0.80 -2.92 3.37
CA CYS A 24 -2.23 -2.91 3.62
C CYS A 24 -2.56 -3.89 4.75
N ASP A 25 -3.19 -3.38 5.78
CA ASP A 25 -3.37 -4.16 7.00
C ASP A 25 -4.39 -5.29 6.83
N THR A 26 -5.14 -5.27 5.74
CA THR A 26 -6.13 -6.31 5.52
C THR A 26 -5.79 -7.22 4.34
N CYS A 27 -4.83 -6.84 3.52
CA CYS A 27 -4.52 -7.62 2.33
C CYS A 27 -3.06 -7.42 1.89
N PRO A 28 -2.47 -8.41 1.20
CA PRO A 28 -1.06 -8.37 0.80
C PRO A 28 -0.77 -7.44 -0.38
N SER A 29 -1.25 -6.21 -0.30
CA SER A 29 -0.94 -5.20 -1.31
C SER A 29 0.16 -4.27 -0.82
N SER A 30 1.07 -3.93 -1.70
CA SER A 30 2.16 -3.00 -1.40
C SER A 30 2.02 -1.74 -2.23
N TYR A 31 2.04 -0.60 -1.57
CA TYR A 31 1.86 0.69 -2.23
C TYR A 31 2.80 1.73 -1.64
N HIS A 32 3.07 2.77 -2.40
CA HIS A 32 3.79 3.92 -1.87
C HIS A 32 2.79 4.91 -1.32
N ILE A 33 3.17 5.64 -0.28
CA ILE A 33 2.33 6.71 0.23
C ILE A 33 2.13 7.79 -0.84
N HIS A 34 3.01 7.80 -1.83
CA HIS A 34 2.95 8.78 -2.91
C HIS A 34 2.27 8.23 -4.16
N CYS A 35 2.04 6.93 -4.20
CA CYS A 35 1.36 6.33 -5.35
C CYS A 35 -0.09 6.02 -4.99
N LEU A 36 -0.54 6.63 -3.90
CA LEU A 36 -1.89 6.45 -3.44
C LEU A 36 -2.80 7.53 -4.01
N ASN A 37 -4.07 7.47 -3.67
CA ASN A 37 -5.02 8.47 -4.17
C ASN A 37 -4.90 9.75 -3.38
N PRO A 38 -5.02 9.69 -2.04
CA PRO A 38 -4.64 10.78 -1.17
C PRO A 38 -3.23 10.55 -0.62
N PRO A 39 -2.19 11.04 -1.32
CA PRO A 39 -0.79 10.78 -0.96
C PRO A 39 -0.43 11.26 0.44
N LEU A 40 0.32 10.43 1.14
CA LEU A 40 0.71 10.68 2.51
C LEU A 40 2.16 11.12 2.58
N PRO A 41 2.50 12.01 3.51
CA PRO A 41 3.87 12.47 3.73
C PRO A 41 4.69 11.49 4.55
N GLU A 42 4.02 10.48 5.09
CA GLU A 42 4.66 9.47 5.93
C GLU A 42 3.68 8.33 6.16
N ILE A 43 4.21 7.16 6.48
CA ILE A 43 3.42 5.98 6.76
C ILE A 43 2.44 6.21 7.92
N PRO A 44 1.16 5.87 7.69
CA PRO A 44 0.07 6.11 8.65
C PRO A 44 0.23 5.30 9.94
N ASN A 45 -0.37 5.82 11.00
CA ASN A 45 -0.22 5.25 12.33
C ASN A 45 -1.30 4.22 12.63
N GLY A 46 -2.50 4.47 12.12
CA GLY A 46 -3.61 3.57 12.38
C GLY A 46 -3.73 2.48 11.34
N GLU A 47 -4.96 2.07 11.08
CA GLU A 47 -5.25 1.01 10.14
C GLU A 47 -5.28 1.58 8.73
N TRP A 48 -4.29 1.23 7.94
CA TRP A 48 -4.20 1.73 6.58
C TRP A 48 -4.64 0.66 5.63
N LEU A 49 -5.40 1.06 4.64
CA LEU A 49 -5.99 0.13 3.72
C LEU A 49 -5.88 0.64 2.30
N CYS A 50 -5.43 -0.26 1.45
CA CYS A 50 -5.14 0.07 0.06
C CYS A 50 -6.42 0.47 -0.66
N PRO A 51 -6.30 1.20 -1.80
CA PRO A 51 -7.46 1.65 -2.58
C PRO A 51 -8.35 0.51 -3.07
N ARG A 52 -7.85 -0.72 -2.97
CA ARG A 52 -8.63 -1.90 -3.33
C ARG A 52 -9.59 -2.23 -2.18
N CYS A 53 -9.13 -1.99 -0.96
CA CYS A 53 -9.89 -2.30 0.24
C CYS A 53 -10.82 -1.16 0.62
N THR A 54 -10.51 0.04 0.15
CA THR A 54 -11.32 1.21 0.47
C THR A 54 -12.55 1.30 -0.42
N CYS A 55 -12.62 0.43 -1.40
CA CYS A 55 -13.76 0.37 -2.31
C CYS A 55 -14.72 -0.73 -1.87
N PRO A 56 -15.91 -0.35 -1.38
CA PRO A 56 -16.90 -1.31 -0.89
C PRO A 56 -17.46 -2.20 -1.99
N ALA A 57 -17.60 -1.63 -3.18
CA ALA A 57 -18.11 -2.36 -4.33
C ALA A 57 -16.97 -2.81 -5.23
N LEU A 58 -16.45 -4.00 -4.96
CA LEU A 58 -15.40 -4.57 -5.80
C LEU A 58 -15.98 -4.96 -7.16
N LYS A 59 -16.07 -3.97 -8.05
CA LYS A 59 -16.67 -4.16 -9.35
C LYS A 59 -15.67 -4.76 -10.33
N GLY A 60 -15.46 -6.06 -10.22
CA GLY A 60 -14.58 -6.76 -11.13
C GLY A 60 -15.34 -7.75 -11.99
N LYS A 61 -15.35 -7.51 -13.29
CA LYS A 61 -16.00 -8.40 -14.22
C LYS A 61 -14.95 -9.13 -15.05
N ALA B 1 -0.11 1.66 10.66
CA ALA B 1 0.02 1.10 9.30
C ALA B 1 1.44 0.62 9.09
N ARG B 2 1.59 -0.43 8.29
CA ARG B 2 2.87 -1.13 8.16
C ARG B 2 3.59 -0.74 6.87
N THR B 3 4.89 -0.98 6.80
CA THR B 3 5.66 -0.63 5.61
C THR B 3 6.84 -1.60 5.40
N LYS B 4 7.07 -1.99 4.15
CA LYS B 4 8.28 -2.73 3.79
C LYS B 4 9.24 -1.79 3.08
N GLN B 5 10.47 -2.23 2.95
CA GLN B 5 11.47 -1.54 2.16
C GLN B 5 12.32 -2.59 1.44
N THR B 6 12.12 -2.71 0.14
CA THR B 6 12.71 -3.80 -0.60
C THR B 6 13.45 -3.28 -1.86
N ALA B 7 13.09 -3.78 -3.04
CA ALA B 7 13.81 -3.43 -4.26
C ALA B 7 13.13 -2.30 -5.03
N ARG B 8 13.33 -1.06 -4.59
CA ARG B 8 12.81 0.09 -5.33
C ARG B 8 13.79 0.47 -6.43
N SER B 10 15.97 2.68 -8.25
CA SER B 10 16.75 3.90 -8.16
C SER B 10 17.35 4.21 -9.53
N THR B 11 17.68 3.17 -10.28
CA THR B 11 18.24 3.33 -11.61
C THR B 11 17.14 3.73 -12.61
N ASP A 6 -0.52 -13.34 3.88
CA ASP A 6 0.42 -13.38 4.99
C ASP A 6 1.64 -12.52 4.67
N HIS A 7 1.94 -12.43 3.38
CA HIS A 7 3.01 -11.58 2.89
C HIS A 7 2.50 -10.78 1.70
N HIS A 8 2.95 -9.53 1.59
CA HIS A 8 2.55 -8.71 0.46
C HIS A 8 3.72 -8.48 -0.48
N MET A 9 3.47 -7.92 -1.66
CA MET A 9 4.46 -7.90 -2.73
C MET A 9 5.74 -7.16 -2.34
N GLU A 10 6.77 -7.36 -3.15
CA GLU A 10 8.10 -6.80 -2.91
C GLU A 10 8.31 -5.54 -3.76
N PHE A 11 7.19 -4.91 -4.10
CA PHE A 11 7.19 -3.63 -4.81
C PHE A 11 5.79 -3.07 -4.84
N CYS A 12 5.71 -1.76 -4.97
CA CYS A 12 4.46 -1.06 -4.99
C CYS A 12 3.77 -1.22 -6.33
N ARG A 13 2.60 -1.89 -6.30
CA ARG A 13 1.84 -2.27 -7.50
C ARG A 13 1.76 -1.16 -8.55
N VAL A 14 1.70 0.09 -8.09
CA VAL A 14 1.49 1.22 -8.97
C VAL A 14 2.69 1.44 -9.89
N CYS A 15 3.88 1.31 -9.34
CA CYS A 15 5.08 1.68 -10.08
C CYS A 15 6.06 0.52 -10.23
N LYS A 16 5.88 -0.51 -9.39
CA LYS A 16 6.68 -1.74 -9.40
C LYS A 16 8.06 -1.53 -8.75
N ASP A 17 8.22 -0.38 -8.10
CA ASP A 17 9.40 -0.08 -7.28
C ASP A 17 9.18 -0.66 -5.89
N GLY A 18 10.23 -1.15 -5.22
CA GLY A 18 10.03 -1.84 -3.97
C GLY A 18 10.53 -1.02 -2.81
N GLY A 19 10.07 0.21 -2.75
CA GLY A 19 10.54 1.12 -1.72
C GLY A 19 9.83 0.91 -0.43
N GLU A 20 9.47 1.99 0.21
CA GLU A 20 8.71 1.93 1.44
C GLU A 20 7.24 1.66 1.09
N LEU A 21 6.83 0.43 1.31
CA LEU A 21 5.55 -0.04 0.81
C LEU A 21 4.54 -0.20 1.91
N LEU A 22 3.46 0.51 1.76
CA LEU A 22 2.40 0.55 2.72
C LEU A 22 1.70 -0.78 2.73
N CYS A 23 1.94 -1.54 3.77
CA CYS A 23 1.35 -2.86 3.89
C CYS A 23 -0.13 -2.71 4.21
N CYS A 24 -0.95 -2.93 3.19
CA CYS A 24 -2.38 -2.94 3.40
C CYS A 24 -2.73 -3.93 4.51
N ASP A 25 -3.42 -3.42 5.52
CA ASP A 25 -3.68 -4.20 6.73
C ASP A 25 -4.60 -5.40 6.49
N THR A 26 -5.35 -5.41 5.39
CA THR A 26 -6.27 -6.53 5.15
C THR A 26 -5.88 -7.40 3.95
N CYS A 27 -4.98 -6.93 3.10
CA CYS A 27 -4.62 -7.70 1.92
C CYS A 27 -3.16 -7.48 1.54
N PRO A 28 -2.59 -8.42 0.77
CA PRO A 28 -1.17 -8.40 0.41
C PRO A 28 -0.84 -7.40 -0.71
N SER A 29 -1.35 -6.18 -0.61
CA SER A 29 -1.03 -5.15 -1.57
C SER A 29 0.03 -4.20 -1.00
N SER A 30 1.10 -3.99 -1.76
CA SER A 30 2.15 -3.07 -1.36
C SER A 30 2.12 -1.83 -2.23
N TYR A 31 2.08 -0.67 -1.59
CA TYR A 31 1.94 0.61 -2.31
C TYR A 31 2.87 1.66 -1.71
N HIS A 32 3.09 2.73 -2.44
CA HIS A 32 3.80 3.89 -1.89
C HIS A 32 2.80 4.91 -1.42
N ILE A 33 3.14 5.62 -0.35
CA ILE A 33 2.30 6.71 0.14
C ILE A 33 2.07 7.78 -0.92
N HIS A 34 2.95 7.85 -1.92
CA HIS A 34 2.82 8.84 -2.98
C HIS A 34 2.22 8.24 -4.26
N CYS A 35 2.14 6.92 -4.35
CA CYS A 35 1.55 6.27 -5.52
C CYS A 35 0.08 5.97 -5.23
N LEU A 36 -0.40 6.46 -4.10
CA LEU A 36 -1.74 6.21 -3.65
C LEU A 36 -2.73 7.22 -4.22
N ASN A 37 -3.95 7.18 -3.75
CA ASN A 37 -4.97 8.11 -4.22
C ASN A 37 -4.89 9.41 -3.44
N PRO A 38 -4.96 9.35 -2.10
CA PRO A 38 -4.61 10.46 -1.26
C PRO A 38 -3.16 10.35 -0.78
N PRO A 39 -2.23 11.04 -1.42
CA PRO A 39 -0.80 10.96 -1.08
C PRO A 39 -0.51 11.35 0.36
N LEU A 40 0.42 10.63 0.95
CA LEU A 40 0.78 10.81 2.34
C LEU A 40 2.26 11.17 2.46
N PRO A 41 2.60 12.09 3.38
CA PRO A 41 3.99 12.47 3.62
C PRO A 41 4.72 11.50 4.55
N GLU A 42 3.96 10.54 5.06
CA GLU A 42 4.47 9.54 5.99
C GLU A 42 3.52 8.36 6.03
N ILE A 43 4.03 7.24 6.49
CA ILE A 43 3.24 6.04 6.67
C ILE A 43 2.20 6.22 7.78
N PRO A 44 0.93 5.90 7.49
CA PRO A 44 -0.21 6.17 8.38
C PRO A 44 -0.08 5.54 9.76
N ASN A 45 -0.56 6.27 10.75
CA ASN A 45 -0.49 5.84 12.15
C ASN A 45 -1.72 5.02 12.54
N GLY A 46 -2.42 4.52 11.55
CA GLY A 46 -3.60 3.72 11.81
C GLY A 46 -3.72 2.57 10.84
N GLU A 47 -4.83 1.86 10.91
CA GLU A 47 -5.10 0.74 10.03
C GLU A 47 -5.29 1.25 8.61
N TRP A 48 -4.31 0.99 7.77
CA TRP A 48 -4.34 1.53 6.42
C TRP A 48 -4.77 0.46 5.45
N LEU A 49 -5.67 0.85 4.57
CA LEU A 49 -6.16 -0.05 3.54
C LEU A 49 -5.87 0.51 2.17
N CYS A 50 -5.56 -0.38 1.25
CA CYS A 50 -5.27 0.01 -0.12
C CYS A 50 -6.56 0.49 -0.79
N PRO A 51 -6.48 1.18 -1.95
CA PRO A 51 -7.65 1.74 -2.64
C PRO A 51 -8.84 0.77 -2.74
N ARG A 52 -8.55 -0.52 -2.82
CA ARG A 52 -9.59 -1.54 -2.96
C ARG A 52 -10.25 -1.85 -1.62
N CYS A 53 -9.45 -1.92 -0.56
CA CYS A 53 -9.96 -2.33 0.75
C CYS A 53 -10.57 -1.14 1.49
N THR A 54 -10.16 0.06 1.12
CA THR A 54 -10.71 1.27 1.73
C THR A 54 -11.99 1.68 1.03
N CYS A 55 -12.36 0.90 0.01
CA CYS A 55 -13.55 1.14 -0.76
C CYS A 55 -14.69 0.25 -0.27
N PRO A 56 -15.91 0.78 -0.20
CA PRO A 56 -17.10 0.02 0.20
C PRO A 56 -17.49 -1.03 -0.83
N ALA A 57 -16.74 -2.13 -0.85
CA ALA A 57 -17.03 -3.25 -1.73
C ALA A 57 -18.29 -3.97 -1.27
N LEU A 58 -19.36 -3.80 -2.05
CA LEU A 58 -20.65 -4.38 -1.71
C LEU A 58 -20.59 -5.89 -1.81
N LYS A 59 -20.02 -6.39 -2.89
CA LYS A 59 -19.86 -7.83 -3.06
C LYS A 59 -18.44 -8.25 -2.72
N GLY A 60 -17.78 -7.41 -1.93
CA GLY A 60 -16.46 -7.74 -1.44
C GLY A 60 -16.46 -7.80 0.07
N LYS A 61 -17.66 -7.87 0.63
CA LYS A 61 -17.86 -7.90 2.06
C LYS A 61 -18.07 -9.34 2.50
N ALA B 1 -0.54 0.98 10.23
CA ALA B 1 -0.16 0.85 8.82
C ALA B 1 1.32 0.50 8.72
N ARG B 2 1.61 -0.61 8.04
CA ARG B 2 2.96 -1.17 7.98
C ARG B 2 3.69 -0.70 6.72
N THR B 3 5.01 -0.81 6.68
CA THR B 3 5.75 -0.41 5.49
C THR B 3 6.98 -1.28 5.23
N LYS B 4 7.08 -1.78 4.00
CA LYS B 4 8.26 -2.53 3.54
C LYS B 4 9.33 -1.57 3.07
N GLN B 5 10.49 -2.12 2.76
CA GLN B 5 11.60 -1.38 2.13
C GLN B 5 12.55 -2.39 1.51
N THR B 6 12.14 -2.94 0.37
CA THR B 6 12.79 -4.12 -0.19
C THR B 6 13.81 -3.78 -1.29
N ALA B 7 13.34 -3.14 -2.35
CA ALA B 7 14.15 -2.89 -3.53
C ALA B 7 13.43 -1.96 -4.48
N ARG B 8 13.53 -0.66 -4.25
CA ARG B 8 12.85 0.31 -5.09
C ARG B 8 13.65 0.56 -6.35
N SER B 10 14.65 2.84 -10.18
CA SER B 10 14.84 4.07 -10.93
C SER B 10 14.28 3.87 -12.33
N THR B 11 13.06 4.37 -12.54
CA THR B 11 12.32 4.16 -13.78
C THR B 11 13.16 4.50 -15.02
N ASP A 6 1.19 -14.79 3.53
CA ASP A 6 2.06 -14.50 4.68
C ASP A 6 2.75 -13.14 4.51
N HIS A 7 3.38 -12.93 3.38
CA HIS A 7 4.07 -11.69 3.07
C HIS A 7 3.33 -10.93 1.99
N HIS A 8 3.33 -9.61 2.08
CA HIS A 8 2.74 -8.78 1.04
C HIS A 8 3.77 -8.52 -0.06
N MET A 9 3.35 -7.93 -1.19
CA MET A 9 4.23 -7.78 -2.36
C MET A 9 5.54 -7.08 -2.02
N GLU A 10 6.51 -7.18 -2.92
CA GLU A 10 7.83 -6.63 -2.71
C GLU A 10 8.07 -5.44 -3.63
N PHE A 11 7.00 -4.80 -4.03
CA PHE A 11 7.06 -3.57 -4.80
C PHE A 11 5.68 -2.95 -4.96
N CYS A 12 5.67 -1.63 -4.98
CA CYS A 12 4.49 -0.83 -5.22
C CYS A 12 3.90 -1.18 -6.57
N ARG A 13 2.73 -1.83 -6.58
CA ARG A 13 2.05 -2.22 -7.82
C ARG A 13 2.04 -1.10 -8.87
N VAL A 14 1.99 0.13 -8.40
CA VAL A 14 1.95 1.29 -9.29
C VAL A 14 3.30 1.49 -10.00
N CYS A 15 4.38 1.37 -9.24
CA CYS A 15 5.71 1.64 -9.77
C CYS A 15 6.49 0.38 -10.11
N LYS A 16 6.14 -0.73 -9.46
CA LYS A 16 6.90 -1.98 -9.51
C LYS A 16 8.25 -1.83 -8.81
N ASP A 17 8.47 -0.67 -8.21
CA ASP A 17 9.62 -0.39 -7.35
C ASP A 17 9.31 -0.84 -5.94
N GLY A 18 10.29 -1.34 -5.22
CA GLY A 18 10.00 -1.96 -3.95
C GLY A 18 10.49 -1.13 -2.79
N GLY A 19 10.13 0.13 -2.79
CA GLY A 19 10.61 1.01 -1.77
C GLY A 19 9.84 0.85 -0.48
N GLU A 20 9.49 1.96 0.11
CA GLU A 20 8.66 1.97 1.29
C GLU A 20 7.22 1.67 0.89
N LEU A 21 6.78 0.45 1.18
CA LEU A 21 5.51 -0.04 0.69
C LEU A 21 4.52 -0.24 1.80
N LEU A 22 3.43 0.46 1.70
CA LEU A 22 2.38 0.45 2.68
C LEU A 22 1.73 -0.92 2.70
N CYS A 23 1.92 -1.64 3.80
CA CYS A 23 1.41 -2.99 3.91
C CYS A 23 -0.05 -2.98 4.29
N CYS A 24 -0.92 -2.95 3.28
CA CYS A 24 -2.37 -2.96 3.51
C CYS A 24 -2.74 -3.96 4.60
N ASP A 25 -3.34 -3.46 5.66
CA ASP A 25 -3.63 -4.26 6.85
C ASP A 25 -4.53 -5.46 6.54
N THR A 26 -5.35 -5.38 5.49
CA THR A 26 -6.27 -6.46 5.19
C THR A 26 -5.81 -7.35 4.04
N CYS A 27 -4.93 -6.84 3.18
CA CYS A 27 -4.54 -7.59 2.00
C CYS A 27 -3.09 -7.29 1.61
N PRO A 28 -2.42 -8.22 0.92
CA PRO A 28 -0.99 -8.13 0.64
C PRO A 28 -0.61 -7.16 -0.48
N SER A 29 -1.38 -6.09 -0.65
CA SER A 29 -1.09 -5.09 -1.65
C SER A 29 0.04 -4.18 -1.17
N SER A 30 0.92 -3.79 -2.10
CA SER A 30 2.04 -2.94 -1.75
C SER A 30 2.07 -1.70 -2.63
N TYR A 31 2.11 -0.55 -1.99
CA TYR A 31 2.04 0.75 -2.68
C TYR A 31 2.96 1.74 -1.98
N HIS A 32 3.32 2.83 -2.66
CA HIS A 32 3.97 3.94 -1.99
C HIS A 32 2.88 4.91 -1.54
N ILE A 33 3.14 5.65 -0.48
CA ILE A 33 2.18 6.63 0.05
C ILE A 33 1.76 7.67 -0.98
N HIS A 34 2.59 7.90 -1.99
CA HIS A 34 2.29 8.90 -3.01
C HIS A 34 1.58 8.28 -4.22
N CYS A 35 1.49 6.96 -4.24
CA CYS A 35 0.89 6.26 -5.37
C CYS A 35 -0.50 5.79 -5.01
N LEU A 36 -1.04 6.42 -3.98
CA LEU A 36 -2.37 6.11 -3.49
C LEU A 36 -3.36 7.16 -3.99
N ASN A 37 -4.58 7.10 -3.49
CA ASN A 37 -5.59 8.09 -3.89
C ASN A 37 -5.40 9.36 -3.08
N PRO A 38 -5.47 9.27 -1.75
CA PRO A 38 -5.06 10.35 -0.88
C PRO A 38 -3.61 10.17 -0.43
N PRO A 39 -2.67 10.89 -1.05
CA PRO A 39 -1.24 10.74 -0.77
C PRO A 39 -0.88 11.10 0.68
N LEU A 40 -0.14 10.20 1.31
CA LEU A 40 0.35 10.43 2.66
C LEU A 40 1.75 11.02 2.60
N PRO A 41 2.06 11.94 3.52
CA PRO A 41 3.41 12.53 3.64
C PRO A 41 4.40 11.53 4.22
N GLU A 42 3.86 10.48 4.81
CA GLU A 42 4.63 9.39 5.38
C GLU A 42 3.67 8.26 5.76
N ILE A 43 4.21 7.08 6.03
CA ILE A 43 3.41 5.92 6.37
C ILE A 43 2.42 6.19 7.51
N PRO A 44 1.14 5.84 7.28
CA PRO A 44 0.05 6.14 8.21
C PRO A 44 0.19 5.43 9.55
N ASN A 45 -0.16 6.13 10.61
CA ASN A 45 -0.19 5.56 11.95
C ASN A 45 -1.61 5.07 12.25
N GLY A 46 -1.80 3.77 12.14
CA GLY A 46 -3.11 3.18 12.30
C GLY A 46 -3.41 2.19 11.20
N GLU A 47 -4.64 1.72 11.14
CA GLU A 47 -5.05 0.73 10.15
C GLU A 47 -5.19 1.36 8.77
N TRP A 48 -4.26 1.08 7.89
CA TRP A 48 -4.31 1.62 6.54
C TRP A 48 -4.79 0.56 5.57
N LEU A 49 -5.67 0.95 4.67
CA LEU A 49 -6.14 0.06 3.64
C LEU A 49 -5.80 0.60 2.27
N CYS A 50 -5.46 -0.31 1.37
CA CYS A 50 -5.06 0.05 0.02
C CYS A 50 -6.27 0.59 -0.76
N PRO A 51 -6.07 1.21 -1.94
CA PRO A 51 -7.17 1.77 -2.73
C PRO A 51 -8.33 0.80 -2.93
N ARG A 52 -8.01 -0.49 -2.93
CA ARG A 52 -9.01 -1.54 -3.12
C ARG A 52 -9.86 -1.70 -1.86
N CYS A 53 -9.17 -1.73 -0.73
CA CYS A 53 -9.82 -2.00 0.56
C CYS A 53 -10.35 -0.73 1.22
N THR A 54 -9.76 0.42 0.91
CA THR A 54 -10.08 1.66 1.63
C THR A 54 -11.45 2.21 1.26
N CYS A 55 -12.02 1.67 0.20
CA CYS A 55 -13.34 2.11 -0.24
C CYS A 55 -14.41 1.36 0.54
N PRO A 56 -15.27 2.10 1.27
CA PRO A 56 -16.34 1.51 2.07
C PRO A 56 -17.44 0.92 1.19
N ALA A 57 -17.20 -0.28 0.69
CA ALA A 57 -18.16 -0.99 -0.15
C ALA A 57 -19.42 -1.32 0.64
N LEU A 58 -20.57 -0.89 0.13
CA LEU A 58 -21.84 -1.11 0.80
C LEU A 58 -22.38 -2.50 0.47
N LYS A 59 -21.63 -3.25 -0.33
CA LYS A 59 -22.02 -4.61 -0.66
C LYS A 59 -21.81 -5.51 0.55
N GLY A 60 -22.89 -5.79 1.27
CA GLY A 60 -22.79 -6.55 2.49
C GLY A 60 -23.06 -5.68 3.70
N LYS A 61 -23.59 -4.49 3.47
CA LYS A 61 -23.94 -3.57 4.54
C LYS A 61 -25.45 -3.55 4.73
N ALA B 1 -0.96 0.06 9.42
CA ALA B 1 -0.65 0.53 8.06
C ALA B 1 0.60 -0.17 7.56
N ARG B 2 1.68 -0.12 8.33
CA ARG B 2 2.86 -0.98 8.12
C ARG B 2 3.57 -0.67 6.79
N THR B 3 4.85 -0.98 6.71
CA THR B 3 5.60 -0.71 5.50
C THR B 3 6.76 -1.68 5.32
N LYS B 4 7.05 -2.00 4.07
CA LYS B 4 8.27 -2.71 3.73
C LYS B 4 9.19 -1.77 3.00
N GLN B 5 10.44 -2.13 2.91
CA GLN B 5 11.43 -1.35 2.17
C GLN B 5 12.42 -2.31 1.53
N THR B 6 11.99 -2.92 0.43
CA THR B 6 12.73 -4.03 -0.14
C THR B 6 13.76 -3.57 -1.20
N ALA B 7 13.29 -3.10 -2.36
CA ALA B 7 14.19 -2.69 -3.43
C ALA B 7 13.45 -1.90 -4.50
N ARG B 8 13.40 -0.58 -4.35
CA ARG B 8 12.80 0.26 -5.38
C ARG B 8 13.88 0.68 -6.38
N SER B 10 14.98 3.13 -7.80
CA SER B 10 15.38 4.53 -7.82
C SER B 10 16.90 4.62 -7.91
N THR B 11 17.42 4.59 -9.12
CA THR B 11 18.85 4.62 -9.34
C THR B 11 19.16 5.13 -10.75
#